data_7HO6
# 
_entry.id   7HO6 
# 
_audit_conform.dict_name       mmcif_pdbx.dic 
_audit_conform.dict_version    5.399 
_audit_conform.dict_location   http://mmcif.pdb.org/dictionaries/ascii/mmcif_pdbx.dic 
# 
loop_
_database_2.database_id 
_database_2.database_code 
_database_2.pdbx_database_accession 
_database_2.pdbx_DOI 
PDB   7HO6         pdb_00007ho6 10.2210/pdb7ho6/pdb 
WWPDB D_1001407720 ?            ?                   
# 
_pdbx_audit_revision_history.ordinal             1 
_pdbx_audit_revision_history.data_content_type   'Structure model' 
_pdbx_audit_revision_history.major_revision      1 
_pdbx_audit_revision_history.minor_revision      0 
_pdbx_audit_revision_history.revision_date       2024-11-27 
# 
_pdbx_audit_revision_details.ordinal             1 
_pdbx_audit_revision_details.revision_ordinal    1 
_pdbx_audit_revision_details.data_content_type   'Structure model' 
_pdbx_audit_revision_details.provider            repository 
_pdbx_audit_revision_details.type                'Initial release' 
_pdbx_audit_revision_details.description         ? 
_pdbx_audit_revision_details.details             ? 
# 
_pdbx_database_status.entry_id                        7HO6 
_pdbx_database_status.status_code                     REL 
_pdbx_database_status.status_code_sf                  REL 
_pdbx_database_status.status_code_mr                  ? 
_pdbx_database_status.status_code_cs                  ? 
_pdbx_database_status.recvd_initial_deposition_date   2024-11-04 
_pdbx_database_status.status_code_nmr_data            ? 
_pdbx_database_status.deposit_site                    RCSB 
_pdbx_database_status.process_site                    RCSB 
_pdbx_database_status.SG_entry                        ? 
_pdbx_database_status.pdb_format_compatible           N 
_pdbx_database_status.methods_development_category    ? 
# 
_pdbx_contact_author.id                 1 
_pdbx_contact_author.email              knapp@pharmchem.uni-frankfurt.de 
_pdbx_contact_author.name_first         Stefan 
_pdbx_contact_author.name_last          Knapp 
_pdbx_contact_author.role               'principal investigator/group leader' 
_pdbx_contact_author.identifier_ORCID   0000-0001-5995-6494 
_pdbx_contact_author.name_mi            ? 
# 
loop_
_audit_author.name 
_audit_author.pdbx_ordinal 
'Kim, Y.'                              1 
'Marples, P.'                          2 
'Fearon, D.'                           3 
'von Delft, F.'                        4 
'Knapp, S.'                            5 
'Kraemer, A.'                          6 
'Structural Genomics Consortium (SGC)' 7 
# 
_citation.id                        primary 
_citation.title                     'PanDDA analysis group deposition' 
_citation.journal_abbrev            'To Be Published' 
_citation.journal_volume            ? 
_citation.page_first                ? 
_citation.page_last                 ? 
_citation.year                      ? 
_citation.journal_id_ASTM           ? 
_citation.country                   ? 
_citation.journal_id_ISSN           ? 
_citation.journal_id_CSD            0353 
_citation.book_publisher            ? 
_citation.pdbx_database_id_PubMed   ? 
_citation.pdbx_database_id_DOI      ? 
# 
loop_
_citation_author.citation_id 
_citation_author.name 
_citation_author.identifier_ORCID 
_citation_author.ordinal 
primary 'Kim, Y.'                              ? 1 
primary 'Marples, P.'                          ? 2 
primary 'Fearon, D.'                           ? 3 
primary 'von Delft, F.'                        ? 4 
primary 'Knapp, S.'                            ? 5 
primary 'Kraemer, A.'                          ? 6 
primary 'Structural Genomics Consortium (SGC)' ? 7 
# 
loop_
_entity.id 
_entity.type 
_entity.src_method 
_entity.pdbx_description 
_entity.formula_weight 
_entity.pdbx_number_of_molecules 
_entity.pdbx_ec 
_entity.pdbx_mutation 
_entity.pdbx_fragment 
_entity.details 
1 polymer     man 'E3 ubiquitin-protein ligase TRIM21' 21596.361 1  2.3.2.27 ? ? ? 
2 non-polymer syn 4-benzylpiperazine-2,6-dione         204.225   1  ?        ? ? ? 
3 non-polymer syn 1,2-ETHANEDIOL                       62.068    1  ?        ? ? ? 
4 non-polymer syn 'SULFATE ION'                        96.063    1  ?        ? ? ? 
5 water       nat water                                18.015    35 ?        ? ? ? 
# 
_entity_name_com.entity_id   1 
_entity_name_com.name        
;52 kDa Ro protein,52 kDa ribonucleoprotein autoantigen Ro/SS-A,Ro(SS-A),Sjoegren syndrome type A antigen,SS-A,Tripartite motif-containing protein 21
;
# 
_entity_poly.entity_id                      1 
_entity_poly.type                           'polypeptide(L)' 
_entity_poly.nstd_linkage                   no 
_entity_poly.nstd_monomer                   no 
_entity_poly.pdbx_seq_one_letter_code       
;MHHHHHHMVHITLDRNTANSWLIISKDRRQVRMGDTHQNVSDNKERFSNYPMVLGAQRFSSGKMYWEVDVTQKEAWDLGV
CRDSVQRKGQFSLSPENGFWTIWLWQDSYEAGTSPQTTLHIQVPPCQIGIFVDYEAGVVSFYNITDHGSLIYTFSECVFA
GPLRPFFNVGFNYSGGNAAPLKLCPLKM
;
_entity_poly.pdbx_seq_one_letter_code_can   
;MHHHHHHMVHITLDRNTANSWLIISKDRRQVRMGDTHQNVSDNKERFSNYPMVLGAQRFSSGKMYWEVDVTQKEAWDLGV
CRDSVQRKGQFSLSPENGFWTIWLWQDSYEAGTSPQTTLHIQVPPCQIGIFVDYEAGVVSFYNITDHGSLIYTFSECVFA
GPLRPFFNVGFNYSGGNAAPLKLCPLKM
;
_entity_poly.pdbx_strand_id                 B 
_entity_poly.pdbx_target_identifier         ? 
# 
loop_
_pdbx_entity_nonpoly.entity_id 
_pdbx_entity_nonpoly.name 
_pdbx_entity_nonpoly.comp_id 
2 4-benzylpiperazine-2,6-dione A1BF1 
3 1,2-ETHANEDIOL               EDO   
4 'SULFATE ION'                SO4   
5 water                        HOH   
# 
loop_
_entity_poly_seq.entity_id 
_entity_poly_seq.num 
_entity_poly_seq.mon_id 
_entity_poly_seq.hetero 
1 1   MET n 
1 2   HIS n 
1 3   HIS n 
1 4   HIS n 
1 5   HIS n 
1 6   HIS n 
1 7   HIS n 
1 8   MET n 
1 9   VAL n 
1 10  HIS n 
1 11  ILE n 
1 12  THR n 
1 13  LEU n 
1 14  ASP n 
1 15  ARG n 
1 16  ASN n 
1 17  THR n 
1 18  ALA n 
1 19  ASN n 
1 20  SER n 
1 21  TRP n 
1 22  LEU n 
1 23  ILE n 
1 24  ILE n 
1 25  SER n 
1 26  LYS n 
1 27  ASP n 
1 28  ARG n 
1 29  ARG n 
1 30  GLN n 
1 31  VAL n 
1 32  ARG n 
1 33  MET n 
1 34  GLY n 
1 35  ASP n 
1 36  THR n 
1 37  HIS n 
1 38  GLN n 
1 39  ASN n 
1 40  VAL n 
1 41  SER n 
1 42  ASP n 
1 43  ASN n 
1 44  LYS n 
1 45  GLU n 
1 46  ARG n 
1 47  PHE n 
1 48  SER n 
1 49  ASN n 
1 50  TYR n 
1 51  PRO n 
1 52  MET n 
1 53  VAL n 
1 54  LEU n 
1 55  GLY n 
1 56  ALA n 
1 57  GLN n 
1 58  ARG n 
1 59  PHE n 
1 60  SER n 
1 61  SER n 
1 62  GLY n 
1 63  LYS n 
1 64  MET n 
1 65  TYR n 
1 66  TRP n 
1 67  GLU n 
1 68  VAL n 
1 69  ASP n 
1 70  VAL n 
1 71  THR n 
1 72  GLN n 
1 73  LYS n 
1 74  GLU n 
1 75  ALA n 
1 76  TRP n 
1 77  ASP n 
1 78  LEU n 
1 79  GLY n 
1 80  VAL n 
1 81  CYS n 
1 82  ARG n 
1 83  ASP n 
1 84  SER n 
1 85  VAL n 
1 86  GLN n 
1 87  ARG n 
1 88  LYS n 
1 89  GLY n 
1 90  GLN n 
1 91  PHE n 
1 92  SER n 
1 93  LEU n 
1 94  SER n 
1 95  PRO n 
1 96  GLU n 
1 97  ASN n 
1 98  GLY n 
1 99  PHE n 
1 100 TRP n 
1 101 THR n 
1 102 ILE n 
1 103 TRP n 
1 104 LEU n 
1 105 TRP n 
1 106 GLN n 
1 107 ASP n 
1 108 SER n 
1 109 TYR n 
1 110 GLU n 
1 111 ALA n 
1 112 GLY n 
1 113 THR n 
1 114 SER n 
1 115 PRO n 
1 116 GLN n 
1 117 THR n 
1 118 THR n 
1 119 LEU n 
1 120 HIS n 
1 121 ILE n 
1 122 GLN n 
1 123 VAL n 
1 124 PRO n 
1 125 PRO n 
1 126 CYS n 
1 127 GLN n 
1 128 ILE n 
1 129 GLY n 
1 130 ILE n 
1 131 PHE n 
1 132 VAL n 
1 133 ASP n 
1 134 TYR n 
1 135 GLU n 
1 136 ALA n 
1 137 GLY n 
1 138 VAL n 
1 139 VAL n 
1 140 SER n 
1 141 PHE n 
1 142 TYR n 
1 143 ASN n 
1 144 ILE n 
1 145 THR n 
1 146 ASP n 
1 147 HIS n 
1 148 GLY n 
1 149 SER n 
1 150 LEU n 
1 151 ILE n 
1 152 TYR n 
1 153 THR n 
1 154 PHE n 
1 155 SER n 
1 156 GLU n 
1 157 CYS n 
1 158 VAL n 
1 159 PHE n 
1 160 ALA n 
1 161 GLY n 
1 162 PRO n 
1 163 LEU n 
1 164 ARG n 
1 165 PRO n 
1 166 PHE n 
1 167 PHE n 
1 168 ASN n 
1 169 VAL n 
1 170 GLY n 
1 171 PHE n 
1 172 ASN n 
1 173 TYR n 
1 174 SER n 
1 175 GLY n 
1 176 GLY n 
1 177 ASN n 
1 178 ALA n 
1 179 ALA n 
1 180 PRO n 
1 181 LEU n 
1 182 LYS n 
1 183 LEU n 
1 184 CYS n 
1 185 PRO n 
1 186 LEU n 
1 187 LYS n 
1 188 MET n 
# 
_entity_src_gen.entity_id                          1 
_entity_src_gen.pdbx_src_id                        1 
_entity_src_gen.pdbx_alt_source_flag               sample 
_entity_src_gen.pdbx_seq_type                      'Biological sequence' 
_entity_src_gen.pdbx_beg_seq_num                   1 
_entity_src_gen.pdbx_end_seq_num                   188 
_entity_src_gen.gene_src_common_name               'house mouse' 
_entity_src_gen.gene_src_genus                     ? 
_entity_src_gen.pdbx_gene_src_gene                 'Trim21, Ro52, Ssa1' 
_entity_src_gen.gene_src_species                   ? 
_entity_src_gen.gene_src_strain                    ? 
_entity_src_gen.gene_src_tissue                    ? 
_entity_src_gen.gene_src_tissue_fraction           ? 
_entity_src_gen.gene_src_details                   ? 
_entity_src_gen.pdbx_gene_src_fragment             ? 
_entity_src_gen.pdbx_gene_src_scientific_name      'Mus musculus' 
_entity_src_gen.pdbx_gene_src_ncbi_taxonomy_id     10090 
_entity_src_gen.pdbx_gene_src_variant              ? 
_entity_src_gen.pdbx_gene_src_cell_line            ? 
_entity_src_gen.pdbx_gene_src_atcc                 ? 
_entity_src_gen.pdbx_gene_src_organ                ? 
_entity_src_gen.pdbx_gene_src_organelle            ? 
_entity_src_gen.pdbx_gene_src_cell                 ? 
_entity_src_gen.pdbx_gene_src_cellular_location    ? 
_entity_src_gen.host_org_common_name               ? 
_entity_src_gen.pdbx_host_org_scientific_name      'Escherichia coli' 
_entity_src_gen.pdbx_host_org_ncbi_taxonomy_id     562 
_entity_src_gen.host_org_genus                     ? 
_entity_src_gen.pdbx_host_org_gene                 ? 
_entity_src_gen.pdbx_host_org_organ                ? 
_entity_src_gen.host_org_species                   ? 
_entity_src_gen.pdbx_host_org_tissue               ? 
_entity_src_gen.pdbx_host_org_tissue_fraction      ? 
_entity_src_gen.pdbx_host_org_strain               ? 
_entity_src_gen.pdbx_host_org_variant              ? 
_entity_src_gen.pdbx_host_org_cell_line            ? 
_entity_src_gen.pdbx_host_org_atcc                 ? 
_entity_src_gen.pdbx_host_org_culture_collection   ? 
_entity_src_gen.pdbx_host_org_cell                 ? 
_entity_src_gen.pdbx_host_org_organelle            ? 
_entity_src_gen.pdbx_host_org_cellular_location    ? 
_entity_src_gen.pdbx_host_org_vector_type          ? 
_entity_src_gen.pdbx_host_org_vector               ? 
_entity_src_gen.host_org_details                   ? 
_entity_src_gen.expression_system_id               ? 
_entity_src_gen.plasmid_name                       ? 
_entity_src_gen.plasmid_details                    ? 
_entity_src_gen.pdbx_description                   ? 
# 
loop_
_chem_comp.id 
_chem_comp.type 
_chem_comp.mon_nstd_flag 
_chem_comp.name 
_chem_comp.pdbx_synonyms 
_chem_comp.formula 
_chem_comp.formula_weight 
A1BF1 non-polymer         . 4-benzylpiperazine-2,6-dione ?                 'C11 H12 N2 O2'  204.225 
ALA   'L-peptide linking' y ALANINE                      ?                 'C3 H7 N O2'     89.093  
ARG   'L-peptide linking' y ARGININE                     ?                 'C6 H15 N4 O2 1' 175.209 
ASN   'L-peptide linking' y ASPARAGINE                   ?                 'C4 H8 N2 O3'    132.118 
ASP   'L-peptide linking' y 'ASPARTIC ACID'              ?                 'C4 H7 N O4'     133.103 
CYS   'L-peptide linking' y CYSTEINE                     ?                 'C3 H7 N O2 S'   121.158 
EDO   non-polymer         . 1,2-ETHANEDIOL               'ETHYLENE GLYCOL' 'C2 H6 O2'       62.068  
GLN   'L-peptide linking' y GLUTAMINE                    ?                 'C5 H10 N2 O3'   146.144 
GLU   'L-peptide linking' y 'GLUTAMIC ACID'              ?                 'C5 H9 N O4'     147.129 
GLY   'peptide linking'   y GLYCINE                      ?                 'C2 H5 N O2'     75.067  
HIS   'L-peptide linking' y HISTIDINE                    ?                 'C6 H10 N3 O2 1' 156.162 
HOH   non-polymer         . WATER                        ?                 'H2 O'           18.015  
ILE   'L-peptide linking' y ISOLEUCINE                   ?                 'C6 H13 N O2'    131.173 
LEU   'L-peptide linking' y LEUCINE                      ?                 'C6 H13 N O2'    131.173 
LYS   'L-peptide linking' y LYSINE                       ?                 'C6 H15 N2 O2 1' 147.195 
MET   'L-peptide linking' y METHIONINE                   ?                 'C5 H11 N O2 S'  149.211 
PHE   'L-peptide linking' y PHENYLALANINE                ?                 'C9 H11 N O2'    165.189 
PRO   'L-peptide linking' y PROLINE                      ?                 'C5 H9 N O2'     115.130 
SER   'L-peptide linking' y SERINE                       ?                 'C3 H7 N O3'     105.093 
SO4   non-polymer         . 'SULFATE ION'                ?                 'O4 S -2'        96.063  
THR   'L-peptide linking' y THREONINE                    ?                 'C4 H9 N O3'     119.119 
TRP   'L-peptide linking' y TRYPTOPHAN                   ?                 'C11 H12 N2 O2'  204.225 
TYR   'L-peptide linking' y TYROSINE                     ?                 'C9 H11 N O3'    181.189 
VAL   'L-peptide linking' y VALINE                       ?                 'C5 H11 N O2'    117.146 
# 
loop_
_pdbx_poly_seq_scheme.asym_id 
_pdbx_poly_seq_scheme.entity_id 
_pdbx_poly_seq_scheme.seq_id 
_pdbx_poly_seq_scheme.mon_id 
_pdbx_poly_seq_scheme.ndb_seq_num 
_pdbx_poly_seq_scheme.pdb_seq_num 
_pdbx_poly_seq_scheme.auth_seq_num 
_pdbx_poly_seq_scheme.pdb_mon_id 
_pdbx_poly_seq_scheme.auth_mon_id 
_pdbx_poly_seq_scheme.pdb_strand_id 
_pdbx_poly_seq_scheme.pdb_ins_code 
_pdbx_poly_seq_scheme.hetero 
A 1 1   MET 1   7   ?   ?   ?   B . n 
A 1 2   HIS 2   8   8   HIS HIS B . n 
A 1 3   HIS 3   9   9   HIS HIS B . n 
A 1 4   HIS 4   10  10  HIS HIS B . n 
A 1 5   HIS 5   11  11  HIS HIS B . n 
A 1 6   HIS 6   12  12  HIS HIS B . n 
A 1 7   HIS 7   13  13  HIS HIS B . n 
A 1 8   MET 8   14  14  MET MET B . n 
A 1 9   VAL 9   15  15  VAL VAL B . n 
A 1 10  HIS 10  16  16  HIS HIS B . n 
A 1 11  ILE 11  17  17  ILE ILE B . n 
A 1 12  THR 12  18  18  THR THR B . n 
A 1 13  LEU 13  19  19  LEU LEU B . n 
A 1 14  ASP 14  20  20  ASP ASP B . n 
A 1 15  ARG 15  21  21  ARG ARG B . n 
A 1 16  ASN 16  22  22  ASN ASN B . n 
A 1 17  THR 17  23  23  THR THR B . n 
A 1 18  ALA 18  24  24  ALA ALA B . n 
A 1 19  ASN 19  25  25  ASN ASN B . n 
A 1 20  SER 20  26  26  SER SER B . n 
A 1 21  TRP 21  27  27  TRP TRP B . n 
A 1 22  LEU 22  28  28  LEU LEU B . n 
A 1 23  ILE 23  29  29  ILE ILE B . n 
A 1 24  ILE 24  30  30  ILE ILE B . n 
A 1 25  SER 25  31  31  SER SER B . n 
A 1 26  LYS 26  32  32  LYS LYS B . n 
A 1 27  ASP 27  33  33  ASP ASP B . n 
A 1 28  ARG 28  34  34  ARG ARG B . n 
A 1 29  ARG 29  35  35  ARG ARG B . n 
A 1 30  GLN 30  36  36  GLN GLN B . n 
A 1 31  VAL 31  37  37  VAL VAL B . n 
A 1 32  ARG 32  38  38  ARG ARG B . n 
A 1 33  MET 33  39  39  MET MET B . n 
A 1 34  GLY 34  40  40  GLY GLY B . n 
A 1 35  ASP 35  41  41  ASP ASP B . n 
A 1 36  THR 36  42  42  THR THR B . n 
A 1 37  HIS 37  43  43  HIS HIS B . n 
A 1 38  GLN 38  44  44  GLN GLN B . n 
A 1 39  ASN 39  45  45  ASN ASN B . n 
A 1 40  VAL 40  46  46  VAL VAL B . n 
A 1 41  SER 41  47  47  SER SER B . n 
A 1 42  ASP 42  48  48  ASP ASP B . n 
A 1 43  ASN 43  49  49  ASN ASN B . n 
A 1 44  LYS 44  50  50  LYS LYS B . n 
A 1 45  GLU 45  51  51  GLU GLU B . n 
A 1 46  ARG 46  52  52  ARG ARG B . n 
A 1 47  PHE 47  53  53  PHE PHE B . n 
A 1 48  SER 48  54  54  SER SER B . n 
A 1 49  ASN 49  55  55  ASN ASN B . n 
A 1 50  TYR 50  56  56  TYR TYR B . n 
A 1 51  PRO 51  57  57  PRO PRO B . n 
A 1 52  MET 52  58  58  MET MET B . n 
A 1 53  VAL 53  59  59  VAL VAL B . n 
A 1 54  LEU 54  60  60  LEU LEU B . n 
A 1 55  GLY 55  61  61  GLY GLY B . n 
A 1 56  ALA 56  62  62  ALA ALA B . n 
A 1 57  GLN 57  63  63  GLN GLN B . n 
A 1 58  ARG 58  64  64  ARG ARG B . n 
A 1 59  PHE 59  65  65  PHE PHE B . n 
A 1 60  SER 60  66  66  SER SER B . n 
A 1 61  SER 61  67  67  SER SER B . n 
A 1 62  GLY 62  68  68  GLY GLY B . n 
A 1 63  LYS 63  69  69  LYS LYS B . n 
A 1 64  MET 64  70  70  MET MET B . n 
A 1 65  TYR 65  71  71  TYR TYR B . n 
A 1 66  TRP 66  72  72  TRP TRP B . n 
A 1 67  GLU 67  73  73  GLU GLU B . n 
A 1 68  VAL 68  74  74  VAL VAL B . n 
A 1 69  ASP 69  75  75  ASP ASP B . n 
A 1 70  VAL 70  76  76  VAL VAL B . n 
A 1 71  THR 71  77  77  THR THR B . n 
A 1 72  GLN 72  78  78  GLN GLN B . n 
A 1 73  LYS 73  79  79  LYS LYS B . n 
A 1 74  GLU 74  80  80  GLU GLU B . n 
A 1 75  ALA 75  81  81  ALA ALA B . n 
A 1 76  TRP 76  82  82  TRP TRP B . n 
A 1 77  ASP 77  83  83  ASP ASP B . n 
A 1 78  LEU 78  84  84  LEU LEU B . n 
A 1 79  GLY 79  85  85  GLY GLY B . n 
A 1 80  VAL 80  86  86  VAL VAL B . n 
A 1 81  CYS 81  87  87  CYS CYS B . n 
A 1 82  ARG 82  88  88  ARG ARG B . n 
A 1 83  ASP 83  89  89  ASP ASP B . n 
A 1 84  SER 84  90  90  SER SER B . n 
A 1 85  VAL 85  91  91  VAL VAL B . n 
A 1 86  GLN 86  92  92  GLN GLN B . n 
A 1 87  ARG 87  93  93  ARG ARG B . n 
A 1 88  LYS 88  94  94  LYS LYS B . n 
A 1 89  GLY 89  95  95  GLY GLY B . n 
A 1 90  GLN 90  96  96  GLN GLN B . n 
A 1 91  PHE 91  97  97  PHE PHE B . n 
A 1 92  SER 92  98  98  SER SER B . n 
A 1 93  LEU 93  99  99  LEU LEU B . n 
A 1 94  SER 94  100 100 SER SER B . n 
A 1 95  PRO 95  101 101 PRO PRO B . n 
A 1 96  GLU 96  102 102 GLU GLU B . n 
A 1 97  ASN 97  103 103 ASN ASN B . n 
A 1 98  GLY 98  104 104 GLY GLY B . n 
A 1 99  PHE 99  105 105 PHE PHE B . n 
A 1 100 TRP 100 106 106 TRP TRP B . n 
A 1 101 THR 101 107 107 THR THR B . n 
A 1 102 ILE 102 108 108 ILE ILE B . n 
A 1 103 TRP 103 109 109 TRP TRP B . n 
A 1 104 LEU 104 110 110 LEU LEU B . n 
A 1 105 TRP 105 111 111 TRP TRP B . n 
A 1 106 GLN 106 112 112 GLN GLN B . n 
A 1 107 ASP 107 113 113 ASP ASP B . n 
A 1 108 SER 108 114 114 SER SER B . n 
A 1 109 TYR 109 115 115 TYR TYR B . n 
A 1 110 GLU 110 116 116 GLU GLU B . n 
A 1 111 ALA 111 117 117 ALA ALA B . n 
A 1 112 GLY 112 118 118 GLY GLY B . n 
A 1 113 THR 113 119 119 THR THR B . n 
A 1 114 SER 114 120 120 SER SER B . n 
A 1 115 PRO 115 121 121 PRO PRO B . n 
A 1 116 GLN 116 122 122 GLN GLN B . n 
A 1 117 THR 117 123 123 THR THR B . n 
A 1 118 THR 118 124 124 THR THR B . n 
A 1 119 LEU 119 125 125 LEU LEU B . n 
A 1 120 HIS 120 126 126 HIS HIS B . n 
A 1 121 ILE 121 127 127 ILE ILE B . n 
A 1 122 GLN 122 128 128 GLN GLN B . n 
A 1 123 VAL 123 129 129 VAL VAL B . n 
A 1 124 PRO 124 130 130 PRO PRO B . n 
A 1 125 PRO 125 131 131 PRO PRO B . n 
A 1 126 CYS 126 132 132 CYS CYS B . n 
A 1 127 GLN 127 133 133 GLN GLN B . n 
A 1 128 ILE 128 134 134 ILE ILE B . n 
A 1 129 GLY 129 135 135 GLY GLY B . n 
A 1 130 ILE 130 136 136 ILE ILE B . n 
A 1 131 PHE 131 137 137 PHE PHE B . n 
A 1 132 VAL 132 138 138 VAL VAL B . n 
A 1 133 ASP 133 139 139 ASP ASP B . n 
A 1 134 TYR 134 140 140 TYR TYR B . n 
A 1 135 GLU 135 141 141 GLU GLU B . n 
A 1 136 ALA 136 142 142 ALA ALA B . n 
A 1 137 GLY 137 143 143 GLY GLY B . n 
A 1 138 VAL 138 144 144 VAL VAL B . n 
A 1 139 VAL 139 145 145 VAL VAL B . n 
A 1 140 SER 140 146 146 SER SER B . n 
A 1 141 PHE 141 147 147 PHE PHE B . n 
A 1 142 TYR 142 148 148 TYR TYR B . n 
A 1 143 ASN 143 149 149 ASN ASN B . n 
A 1 144 ILE 144 150 150 ILE ILE B . n 
A 1 145 THR 145 151 151 THR THR B . n 
A 1 146 ASP 146 152 152 ASP ASP B . n 
A 1 147 HIS 147 153 153 HIS HIS B . n 
A 1 148 GLY 148 154 154 GLY GLY B . n 
A 1 149 SER 149 155 155 SER SER B . n 
A 1 150 LEU 150 156 156 LEU LEU B . n 
A 1 151 ILE 151 157 157 ILE ILE B . n 
A 1 152 TYR 152 158 158 TYR TYR B . n 
A 1 153 THR 153 159 159 THR THR B . n 
A 1 154 PHE 154 160 160 PHE PHE B . n 
A 1 155 SER 155 161 161 SER SER B . n 
A 1 156 GLU 156 162 162 GLU GLU B . n 
A 1 157 CYS 157 163 163 CYS CYS B . n 
A 1 158 VAL 158 164 164 VAL VAL B . n 
A 1 159 PHE 159 165 165 PHE PHE B . n 
A 1 160 ALA 160 166 166 ALA ALA B . n 
A 1 161 GLY 161 167 167 GLY GLY B . n 
A 1 162 PRO 162 168 168 PRO PRO B . n 
A 1 163 LEU 163 169 169 LEU LEU B . n 
A 1 164 ARG 164 170 170 ARG ARG B . n 
A 1 165 PRO 165 171 171 PRO PRO B . n 
A 1 166 PHE 166 172 172 PHE PHE B . n 
A 1 167 PHE 167 173 173 PHE PHE B . n 
A 1 168 ASN 168 174 174 ASN ASN B . n 
A 1 169 VAL 169 175 175 VAL VAL B . n 
A 1 170 GLY 170 176 176 GLY GLY B . n 
A 1 171 PHE 171 177 177 PHE PHE B . n 
A 1 172 ASN 172 178 178 ASN ASN B . n 
A 1 173 TYR 173 179 179 TYR TYR B . n 
A 1 174 SER 174 180 180 SER SER B . n 
A 1 175 GLY 175 181 181 GLY GLY B . n 
A 1 176 GLY 176 182 182 GLY GLY B . n 
A 1 177 ASN 177 183 183 ASN ASN B . n 
A 1 178 ALA 178 184 184 ALA ALA B . n 
A 1 179 ALA 179 185 185 ALA ALA B . n 
A 1 180 PRO 180 186 186 PRO PRO B . n 
A 1 181 LEU 181 187 187 LEU LEU B . n 
A 1 182 LYS 182 188 188 LYS LYS B . n 
A 1 183 LEU 183 189 189 LEU LEU B . n 
A 1 184 CYS 184 190 190 CYS CYS B . n 
A 1 185 PRO 185 191 191 PRO PRO B . n 
A 1 186 LEU 186 192 192 LEU LEU B . n 
A 1 187 LYS 187 193 ?   ?   ?   B . n 
A 1 188 MET 188 194 ?   ?   ?   B . n 
# 
_pdbx_entity_instance_feature.ordinal        1 
_pdbx_entity_instance_feature.comp_id        A1BF1 
_pdbx_entity_instance_feature.asym_id        ? 
_pdbx_entity_instance_feature.seq_num        ? 
_pdbx_entity_instance_feature.auth_comp_id   A1BF1 
_pdbx_entity_instance_feature.auth_asym_id   ? 
_pdbx_entity_instance_feature.auth_seq_num   ? 
_pdbx_entity_instance_feature.feature_type   'SUBJECT OF INVESTIGATION' 
_pdbx_entity_instance_feature.details        ? 
# 
loop_
_pdbx_nonpoly_scheme.asym_id 
_pdbx_nonpoly_scheme.entity_id 
_pdbx_nonpoly_scheme.mon_id 
_pdbx_nonpoly_scheme.ndb_seq_num 
_pdbx_nonpoly_scheme.pdb_seq_num 
_pdbx_nonpoly_scheme.auth_seq_num 
_pdbx_nonpoly_scheme.pdb_mon_id 
_pdbx_nonpoly_scheme.auth_mon_id 
_pdbx_nonpoly_scheme.pdb_strand_id 
_pdbx_nonpoly_scheme.pdb_ins_code 
B 2 A1BF1 1  201 302 A1BF1 LIG B . 
C 3 EDO   1  202 305 EDO   EDO B . 
D 4 SO4   1  203 1   SO4   SO4 B . 
E 5 HOH   1  301 4   HOH   HOH B . 
E 5 HOH   2  302 33  HOH   HOH B . 
E 5 HOH   3  303 22  HOH   HOH B . 
E 5 HOH   4  304 63  HOH   HOH B . 
E 5 HOH   5  305 9   HOH   HOH B . 
E 5 HOH   6  306 95  HOH   HOH B . 
E 5 HOH   7  307 27  HOH   HOH B . 
E 5 HOH   8  308 2   HOH   HOH B . 
E 5 HOH   9  309 100 HOH   HOH B . 
E 5 HOH   10 310 28  HOH   HOH B . 
E 5 HOH   11 311 27  HOH   HOH B . 
E 5 HOH   12 312 22  HOH   HOH B . 
E 5 HOH   13 313 126 HOH   HOH B . 
E 5 HOH   14 314 4   HOH   HOH B . 
E 5 HOH   15 315 50  HOH   HOH B . 
E 5 HOH   16 316 6   HOH   HOH B . 
E 5 HOH   17 317 1   HOH   HOH B . 
E 5 HOH   18 318 59  HOH   HOH B . 
E 5 HOH   19 319 137 HOH   HOH B . 
E 5 HOH   20 320 45  HOH   HOH B . 
E 5 HOH   21 321 13  HOH   HOH B . 
E 5 HOH   22 322 25  HOH   HOH B . 
E 5 HOH   23 323 3   HOH   HOH B . 
E 5 HOH   24 324 14  HOH   HOH B . 
E 5 HOH   25 325 304 HOH   HOH B . 
E 5 HOH   26 326 23  HOH   HOH B . 
E 5 HOH   27 327 30  HOH   HOH B . 
E 5 HOH   28 328 8   HOH   HOH B . 
E 5 HOH   29 329 120 HOH   HOH B . 
E 5 HOH   30 330 5   HOH   HOH B . 
E 5 HOH   31 331 53  HOH   HOH B . 
E 5 HOH   32 332 263 HOH   HOH B . 
E 5 HOH   33 333 257 HOH   HOH B . 
E 5 HOH   34 334 41  HOH   HOH B . 
E 5 HOH   35 335 107 HOH   HOH B . 
# 
loop_
_pdbx_unobs_or_zero_occ_atoms.id 
_pdbx_unobs_or_zero_occ_atoms.PDB_model_num 
_pdbx_unobs_or_zero_occ_atoms.polymer_flag 
_pdbx_unobs_or_zero_occ_atoms.occupancy_flag 
_pdbx_unobs_or_zero_occ_atoms.auth_asym_id 
_pdbx_unobs_or_zero_occ_atoms.auth_comp_id 
_pdbx_unobs_or_zero_occ_atoms.auth_seq_id 
_pdbx_unobs_or_zero_occ_atoms.PDB_ins_code 
_pdbx_unobs_or_zero_occ_atoms.auth_atom_id 
_pdbx_unobs_or_zero_occ_atoms.label_alt_id 
_pdbx_unobs_or_zero_occ_atoms.label_asym_id 
_pdbx_unobs_or_zero_occ_atoms.label_comp_id 
_pdbx_unobs_or_zero_occ_atoms.label_seq_id 
_pdbx_unobs_or_zero_occ_atoms.label_atom_id 
1 1 Y 1 B LEU 192 ? CG  ? A LEU 186 CG  
2 1 Y 1 B LEU 192 ? CD1 ? A LEU 186 CD1 
3 1 Y 1 B LEU 192 ? CD2 ? A LEU 186 CD2 
# 
loop_
_software.pdbx_ordinal 
_software.name 
_software.version 
_software.date 
_software.type 
_software.contact_author 
_software.contact_author_email 
_software.classification 
_software.location 
_software.language 
_software.citation_id 
1 REFMAC      5.8.0267 ?               program 'Garib N. Murshudov' garib@ysbl.york.ac.uk    refinement        
http://www.ccp4.ac.uk/dist/html/refmac5.html        Fortran_77 ? 
2 Aimless     0.7.7    23/04/21        program 'Phil Evans'         ?                        'data scaling'    
http://www.mrc-lmb.cam.ac.uk/harry/pre/aimless.html ?          ? 
3 PDB_EXTRACT 3.23     'SEP. 23, 2016' package PDB                  deposit@deposit.rcsb.org 'data extraction' 
http://sw-tools.pdb.org/apps/PDB_EXTRACT/           C++        ? 
4 XDS         .        ?               program ?                    ?                        'data reduction'  ? ?          ? 
5 REFMAC      .        ?               program ?                    ?                        phasing           ? ?          ? 
# 
_cell.entry_id           7HO6 
_cell.length_a           95.315 
_cell.length_b           95.315 
_cell.length_c           45.735 
_cell.angle_alpha        90.000 
_cell.angle_beta         90.000 
_cell.angle_gamma        90.000 
_cell.Z_PDB              8 
_cell.pdbx_unique_axis   ? 
# 
_symmetry.entry_id                         7HO6 
_symmetry.space_group_name_H-M             'I 4' 
_symmetry.pdbx_full_space_group_name_H-M   ? 
_symmetry.cell_setting                     ? 
_symmetry.Int_Tables_number                79 
# 
_exptl.crystals_number   1 
_exptl.entry_id          7HO6 
_exptl.method            'X-RAY DIFFRACTION' 
# 
_exptl_crystal.id                    1 
_exptl_crystal.pdbx_mosaicity        0.000 
_exptl_crystal.pdbx_mosaicity_esd    ? 
_exptl_crystal.density_Matthews      2.40 
_exptl_crystal.density_diffrn        ? 
_exptl_crystal.density_meas          ? 
_exptl_crystal.density_meas_temp     ? 
_exptl_crystal.density_percent_sol   48.85 
_exptl_crystal.size_max              ? 
_exptl_crystal.size_mid              ? 
_exptl_crystal.size_min              ? 
_exptl_crystal.size_rad              ? 
_exptl_crystal.description           ? 
# 
_exptl_crystal_grow.crystal_id      1 
_exptl_crystal_grow.method          'VAPOR DIFFUSION, SITTING DROP' 
_exptl_crystal_grow.pH              8 
_exptl_crystal_grow.temp            293 
_exptl_crystal_grow.pdbx_details    '4 % PEG 400, 2 M AmmSO4, 0.1 M HEPES pH 8' 
_exptl_crystal_grow.temp_details    ? 
_exptl_crystal_grow.pdbx_pH_range   ? 
# 
_diffrn.id                     1 
_diffrn.ambient_temp           100 
_diffrn.crystal_id             1 
_diffrn.ambient_temp_details   ? 
# 
_diffrn_detector.detector               PIXEL 
_diffrn_detector.type                   'DECTRIS EIGER2 XE 9M' 
_diffrn_detector.pdbx_collection_date   2024-07-04 
_diffrn_detector.diffrn_id              1 
_diffrn_detector.details                ? 
# 
_diffrn_radiation.diffrn_id                        1 
_diffrn_radiation.wavelength_id                    1 
_diffrn_radiation.pdbx_diffrn_protocol             'SINGLE WAVELENGTH' 
_diffrn_radiation.pdbx_monochromatic_or_laue_m_l   ? 
_diffrn_radiation.monochromator                    ? 
_diffrn_radiation.pdbx_scattering_type             x-ray 
# 
_diffrn_radiation_wavelength.id           1 
_diffrn_radiation_wavelength.wavelength   0.92134 
_diffrn_radiation_wavelength.wt           1.0 
# 
_diffrn_source.diffrn_id                   1 
_diffrn_source.source                      SYNCHROTRON 
_diffrn_source.type                        'DIAMOND BEAMLINE I04-1' 
_diffrn_source.pdbx_wavelength_list        0.92134 
_diffrn_source.pdbx_synchrotron_site       Diamond 
_diffrn_source.pdbx_synchrotron_beamline   I04-1 
_diffrn_source.pdbx_wavelength             ? 
# 
_reflns.entry_id                     7HO6 
_reflns.pdbx_diffrn_id               1 
_reflns.pdbx_ordinal                 1 
_reflns.observed_criterion_sigma_I   ? 
_reflns.observed_criterion_sigma_F   ? 
_reflns.d_resolution_low             67.390 
_reflns.d_resolution_high            1.240 
_reflns.number_obs                   55008 
_reflns.number_all                   ? 
_reflns.percent_possible_obs         94.500 
_reflns.pdbx_Rmerge_I_obs            0.075 
_reflns.pdbx_Rsym_value              ? 
_reflns.pdbx_netI_over_sigmaI        16.700 
_reflns.B_iso_Wilson_estimate        ? 
_reflns.pdbx_redundancy              10.500 
_reflns.pdbx_Rrim_I_all              0.079 
_reflns.pdbx_Rpim_I_all              0.023 
_reflns.pdbx_CC_half                 0.999 
_reflns.pdbx_netI_over_av_sigmaI     ? 
_reflns.pdbx_number_measured_all     578808 
_reflns.pdbx_scaling_rejects         0 
_reflns.pdbx_chi_squared             ? 
_reflns.Rmerge_F_all                 ? 
_reflns.Rmerge_F_obs                 ? 
_reflns.observed_criterion_F_max     ? 
_reflns.observed_criterion_F_min     ? 
_reflns.observed_criterion_I_max     ? 
_reflns.observed_criterion_I_min     ? 
_reflns.pdbx_d_res_high_opt          ? 
_reflns.pdbx_d_res_low_opt           ? 
_reflns.details                      ? 
# 
loop_
_reflns_shell.pdbx_diffrn_id 
_reflns_shell.pdbx_ordinal 
_reflns_shell.d_res_high 
_reflns_shell.d_res_low 
_reflns_shell.number_measured_obs 
_reflns_shell.number_measured_all 
_reflns_shell.number_unique_obs 
_reflns_shell.pdbx_rejects 
_reflns_shell.Rmerge_I_obs 
_reflns_shell.meanI_over_sigI_obs 
_reflns_shell.pdbx_Rsym_value 
_reflns_shell.pdbx_chi_squared 
_reflns_shell.pdbx_redundancy 
_reflns_shell.percent_possible_obs 
_reflns_shell.pdbx_netI_over_sigmaI_obs 
_reflns_shell.number_possible 
_reflns_shell.number_unique_all 
_reflns_shell.Rmerge_F_all 
_reflns_shell.Rmerge_F_obs 
_reflns_shell.Rmerge_I_all 
_reflns_shell.meanI_over_sigI_all 
_reflns_shell.percent_possible_all 
_reflns_shell.pdbx_Rrim_I_all 
_reflns_shell.pdbx_Rpim_I_all 
_reflns_shell.pdbx_CC_half 
1 1 1.240 1.260  ? 4966 1788 ? 1.446 ? ? ? 2.800  ? 0.600  ? ? ? ? ? ? 62.700 1.757 0.972 0.228 
1 2 6.790 67.390 ? 4823 389  ? 0.046 ? ? ? 12.400 ? 74.500 ? ? ? ? ? ? 99.900 0.048 0.015 0.975 
# 
_refine.entry_id                                 7HO6 
_refine.pdbx_refine_id                           'X-RAY DIFFRACTION' 
_refine.ls_d_res_high                            1.2400 
_refine.ls_d_res_low                             67.4000 
_refine.pdbx_ls_sigma_F                          0.000 
_refine.pdbx_data_cutoff_high_absF               ? 
_refine.pdbx_data_cutoff_low_absF                ? 
_refine.ls_percent_reflns_obs                    94.3600 
_refine.ls_number_reflns_obs                     52327 
_refine.ls_number_reflns_all                     ? 
_refine.pdbx_ls_cross_valid_method               THROUGHOUT 
_refine.ls_matrix_type                           ? 
_refine.pdbx_R_Free_selection_details            RANDOM 
_refine.details                                  
'HYDROGENS HAVE BEEN ADDED IN THE RIDING POSITIONS U VALUES      : REFINED INDIVIDUALLY' 
_refine.ls_R_factor_all                          ? 
_refine.ls_R_factor_obs                          0.1761 
_refine.ls_R_factor_R_work                       0.1752 
_refine.ls_wR_factor_R_work                      ? 
_refine.ls_R_factor_R_free                       0.1924 
_refine.ls_wR_factor_R_free                      ? 
_refine.ls_percent_reflns_R_free                 4.8000 
_refine.ls_number_reflns_R_free                  2661 
_refine.ls_number_reflns_R_work                  ? 
_refine.ls_R_factor_R_free_error                 ? 
_refine.B_iso_mean                               15.9510 
_refine.solvent_model_param_bsol                 ? 
_refine.solvent_model_param_ksol                 ? 
_refine.pdbx_isotropic_thermal_model             ? 
_refine.aniso_B[1][1]                            0.1100 
_refine.aniso_B[2][2]                            0.1100 
_refine.aniso_B[3][3]                            -0.2200 
_refine.aniso_B[1][2]                            -0.0000 
_refine.aniso_B[1][3]                            -0.0000 
_refine.aniso_B[2][3]                            -0.0000 
_refine.correlation_coeff_Fo_to_Fc               0.9710 
_refine.correlation_coeff_Fo_to_Fc_free          0.9640 
_refine.overall_SU_R_Cruickshank_DPI             ? 
_refine.pdbx_overall_SU_R_free_Cruickshank_DPI   ? 
_refine.pdbx_overall_SU_R_Blow_DPI               ? 
_refine.pdbx_overall_SU_R_free_Blow_DPI          ? 
_refine.overall_SU_R_free                        ? 
_refine.pdbx_overall_ESU_R                       0.0490 
_refine.pdbx_overall_ESU_R_Free                  0.0490 
_refine.overall_SU_ML                            0.0390 
_refine.overall_SU_B                             0.9610 
_refine.solvent_model_details                    MASK 
_refine.pdbx_solvent_vdw_probe_radii             1.2000 
_refine.pdbx_solvent_ion_probe_radii             0.8000 
_refine.pdbx_solvent_shrinkage_radii             0.8000 
_refine.ls_number_parameters                     ? 
_refine.ls_number_restraints                     ? 
_refine.pdbx_starting_model                      ? 
_refine.pdbx_method_to_determine_struct          'FOURIER SYNTHESIS' 
_refine.pdbx_stereochemistry_target_values       'MAXIMUM LIKELIHOOD' 
_refine.pdbx_stereochem_target_val_spec_case     ? 
_refine.overall_FOM_work_R_set                   ? 
_refine.B_iso_max                                73.280 
_refine.B_iso_min                                8.030 
_refine.pdbx_overall_phase_error                 ? 
_refine.occupancy_max                            ? 
_refine.occupancy_min                            ? 
_refine.pdbx_diffrn_id                           1 
_refine.pdbx_TLS_residual_ADP_flag               ? 
_refine.pdbx_ls_sigma_I                          ? 
_refine.pdbx_data_cutoff_high_rms_absF           ? 
_refine.ls_R_factor_R_free_error_details         ? 
# 
_refine_hist.cycle_id                         final 
_refine_hist.pdbx_refine_id                   'X-RAY DIFFRACTION' 
_refine_hist.d_res_high                       1.2400 
_refine_hist.d_res_low                        67.4000 
_refine_hist.pdbx_number_atoms_ligand         24 
_refine_hist.number_atoms_solvent             35 
_refine_hist.number_atoms_total               1552 
_refine_hist.pdbx_number_residues_total       185 
_refine_hist.pdbx_B_iso_mean_ligand           34.31 
_refine_hist.pdbx_B_iso_mean_solvent          22.79 
_refine_hist.pdbx_number_atoms_protein        1493 
_refine_hist.pdbx_number_atoms_nucleic_acid   0 
# 
loop_
_refine_ls_restr.pdbx_refine_id 
_refine_ls_restr.type 
_refine_ls_restr.number 
_refine_ls_restr.dev_ideal 
_refine_ls_restr.dev_ideal_target 
_refine_ls_restr.weight 
_refine_ls_restr.pdbx_restraint_function 
'X-RAY DIFFRACTION' r_bond_refined_d       2195 0.013  0.014  ? ? 
'X-RAY DIFFRACTION' r_bond_other_d         1648 0.001  0.015  ? ? 
'X-RAY DIFFRACTION' r_angle_refined_deg    2588 1.879  1.638  ? ? 
'X-RAY DIFFRACTION' r_angle_other_deg      3807 1.450  1.581  ? ? 
'X-RAY DIFFRACTION' r_dihedral_angle_1_deg 244  7.317  5.000  ? ? 
'X-RAY DIFFRACTION' r_dihedral_angle_2_deg 110  27.752 21.455 ? ? 
'X-RAY DIFFRACTION' r_dihedral_angle_3_deg 291  11.340 15.000 ? ? 
'X-RAY DIFFRACTION' r_dihedral_angle_4_deg 15   22.969 15.000 ? ? 
'X-RAY DIFFRACTION' r_chiral_restr         228  0.090  0.200  ? ? 
'X-RAY DIFFRACTION' r_gen_planes_refined   2311 0.011  0.020  ? ? 
'X-RAY DIFFRACTION' r_gen_planes_other     507  0.002  0.020  ? ? 
'X-RAY DIFFRACTION' r_mcbond_it            1113 1.265  1.516  ? ? 
'X-RAY DIFFRACTION' r_mcbond_other         998  1.316  1.378  ? ? 
'X-RAY DIFFRACTION' r_mcangle_it           1174 2.099  2.072  ? ? 
# 
_refine_ls_shell.d_res_high                       1.2400 
_refine_ls_shell.d_res_low                        1.2720 
_refine_ls_shell.pdbx_total_number_of_bins_used   20 
_refine_ls_shell.percent_reflns_obs               64.1100 
_refine_ls_shell.number_reflns_R_work             2632 
_refine_ls_shell.R_factor_all                     ? 
_refine_ls_shell.R_factor_R_work                  0.3330 
_refine_ls_shell.R_factor_R_free                  0.3250 
_refine_ls_shell.percent_reflns_R_free            ? 
_refine_ls_shell.number_reflns_R_free             133 
_refine_ls_shell.R_factor_R_free_error            ? 
_refine_ls_shell.number_reflns_all                2765 
_refine_ls_shell.number_reflns_obs                ? 
_refine_ls_shell.pdbx_refine_id                   'X-RAY DIFFRACTION' 
# 
_struct.entry_id                  7HO6 
_struct.title                     'PanDDA analysis group deposition -- Crystal Structure of TRIM21 in complex with Z3220108246' 
_struct.pdbx_model_details        ? 
_struct.pdbx_CASP_flag            ? 
_struct.pdbx_model_type_details   ? 
# 
_struct_keywords.entry_id        7HO6 
_struct_keywords.text            'SGC - Diamond I04-1 fragment screening, PanDDA, XChemExplorer, TRIM21, LIGASE' 
_struct_keywords.pdbx_keywords   LIGASE 
# 
loop_
_struct_asym.id 
_struct_asym.pdbx_blank_PDB_chainid_flag 
_struct_asym.pdbx_modified 
_struct_asym.entity_id 
_struct_asym.details 
A N N 1 ? 
B N N 2 ? 
C N N 3 ? 
D N N 4 ? 
E N N 5 ? 
# 
_struct_ref.id                         1 
_struct_ref.db_name                    UNP 
_struct_ref.db_code                    RO52_MOUSE 
_struct_ref.pdbx_db_accession          Q62191 
_struct_ref.pdbx_db_isoform            ? 
_struct_ref.entity_id                  1 
_struct_ref.pdbx_seq_one_letter_code   
;VHITLDRNTANSWLIISKDRRQVRMGDTHQNVSDNKERFSNYPMVLGAQRFSSGKMYWEVDVTQKEAWDLGVCRDSVQRK
GQFSLSPENGFWTIWLWQDSYEAGTSPQTTLHIQVPPCQIGIFVDYEAGVVSFYNITDHGSLIYTFSECVFAGPLRPFFN
VGFNYSGGNAAPLKLCPLKM
;
_struct_ref.pdbx_align_begin           291 
# 
_struct_ref_seq.align_id                      1 
_struct_ref_seq.ref_id                        1 
_struct_ref_seq.pdbx_PDB_id_code              7HO6 
_struct_ref_seq.pdbx_strand_id                B 
_struct_ref_seq.seq_align_beg                 9 
_struct_ref_seq.pdbx_seq_align_beg_ins_code   ? 
_struct_ref_seq.seq_align_end                 188 
_struct_ref_seq.pdbx_seq_align_end_ins_code   ? 
_struct_ref_seq.pdbx_db_accession             Q62191 
_struct_ref_seq.db_align_beg                  291 
_struct_ref_seq.pdbx_db_align_beg_ins_code    ? 
_struct_ref_seq.db_align_end                  470 
_struct_ref_seq.pdbx_db_align_end_ins_code    ? 
_struct_ref_seq.pdbx_auth_seq_align_beg       15 
_struct_ref_seq.pdbx_auth_seq_align_end       194 
# 
loop_
_struct_ref_seq_dif.align_id 
_struct_ref_seq_dif.pdbx_pdb_id_code 
_struct_ref_seq_dif.mon_id 
_struct_ref_seq_dif.pdbx_pdb_strand_id 
_struct_ref_seq_dif.seq_num 
_struct_ref_seq_dif.pdbx_pdb_ins_code 
_struct_ref_seq_dif.pdbx_seq_db_name 
_struct_ref_seq_dif.pdbx_seq_db_accession_code 
_struct_ref_seq_dif.db_mon_id 
_struct_ref_seq_dif.pdbx_seq_db_seq_num 
_struct_ref_seq_dif.details 
_struct_ref_seq_dif.pdbx_auth_seq_num 
_struct_ref_seq_dif.pdbx_ordinal 
1 7HO6 MET B 1 ? UNP Q62191 ? ? 'initiating methionine' 7  1 
1 7HO6 HIS B 2 ? UNP Q62191 ? ? 'expression tag'        8  2 
1 7HO6 HIS B 3 ? UNP Q62191 ? ? 'expression tag'        9  3 
1 7HO6 HIS B 4 ? UNP Q62191 ? ? 'expression tag'        10 4 
1 7HO6 HIS B 5 ? UNP Q62191 ? ? 'expression tag'        11 5 
1 7HO6 HIS B 6 ? UNP Q62191 ? ? 'expression tag'        12 6 
1 7HO6 HIS B 7 ? UNP Q62191 ? ? 'expression tag'        13 7 
1 7HO6 MET B 8 ? UNP Q62191 ? ? 'expression tag'        14 8 
# 
_pdbx_struct_assembly.id                   1 
_pdbx_struct_assembly.details              author_defined_assembly 
_pdbx_struct_assembly.method_details       ? 
_pdbx_struct_assembly.oligomeric_details   monomeric 
_pdbx_struct_assembly.oligomeric_count     1 
# 
_pdbx_struct_assembly_gen.assembly_id       1 
_pdbx_struct_assembly_gen.oper_expression   1 
_pdbx_struct_assembly_gen.asym_id_list      A,B,C,D,E 
# 
_pdbx_struct_oper_list.id                   1 
_pdbx_struct_oper_list.type                 'identity operation' 
_pdbx_struct_oper_list.name                 1_555 
_pdbx_struct_oper_list.symmetry_operation   x,y,z 
_pdbx_struct_oper_list.matrix[1][1]         1.0000000000 
_pdbx_struct_oper_list.matrix[1][2]         0.0000000000 
_pdbx_struct_oper_list.matrix[1][3]         0.0000000000 
_pdbx_struct_oper_list.vector[1]            0.0000000000 
_pdbx_struct_oper_list.matrix[2][1]         0.0000000000 
_pdbx_struct_oper_list.matrix[2][2]         1.0000000000 
_pdbx_struct_oper_list.matrix[2][3]         0.0000000000 
_pdbx_struct_oper_list.vector[2]            0.0000000000 
_pdbx_struct_oper_list.matrix[3][1]         0.0000000000 
_pdbx_struct_oper_list.matrix[3][2]         0.0000000000 
_pdbx_struct_oper_list.matrix[3][3]         1.0000000000 
_pdbx_struct_oper_list.vector[3]            0.0000000000 
# 
loop_
_struct_conf.conf_type_id 
_struct_conf.id 
_struct_conf.pdbx_PDB_helix_id 
_struct_conf.beg_label_comp_id 
_struct_conf.beg_label_asym_id 
_struct_conf.beg_label_seq_id 
_struct_conf.pdbx_beg_PDB_ins_code 
_struct_conf.end_label_comp_id 
_struct_conf.end_label_asym_id 
_struct_conf.end_label_seq_id 
_struct_conf.pdbx_end_PDB_ins_code 
_struct_conf.beg_auth_comp_id 
_struct_conf.beg_auth_asym_id 
_struct_conf.beg_auth_seq_id 
_struct_conf.end_auth_comp_id 
_struct_conf.end_auth_asym_id 
_struct_conf.end_auth_seq_id 
_struct_conf.pdbx_PDB_helix_class 
_struct_conf.details 
_struct_conf.pdbx_PDB_helix_length 
HELX_P HELX_P1 AA1 HIS A 4  ? MET A 8  ? HIS B 10  MET B 14  5 ? 5 
HELX_P HELX_P2 AA2 ASP A 14 ? ALA A 18 ? ASP B 20  ALA B 24  5 ? 5 
HELX_P HELX_P3 AA3 SER A 94 ? ASN A 97 ? SER B 100 ASN B 103 5 ? 4 
# 
_struct_conf_type.id          HELX_P 
_struct_conf_type.criteria    ? 
_struct_conf_type.reference   ? 
# 
_struct_mon_prot_cis.pdbx_id                1 
_struct_mon_prot_cis.label_comp_id          SER 
_struct_mon_prot_cis.label_seq_id           114 
_struct_mon_prot_cis.label_asym_id          A 
_struct_mon_prot_cis.label_alt_id           . 
_struct_mon_prot_cis.pdbx_PDB_ins_code      ? 
_struct_mon_prot_cis.auth_comp_id           SER 
_struct_mon_prot_cis.auth_seq_id            120 
_struct_mon_prot_cis.auth_asym_id           B 
_struct_mon_prot_cis.pdbx_label_comp_id_2   PRO 
_struct_mon_prot_cis.pdbx_label_seq_id_2    115 
_struct_mon_prot_cis.pdbx_label_asym_id_2   A 
_struct_mon_prot_cis.pdbx_PDB_ins_code_2    ? 
_struct_mon_prot_cis.pdbx_auth_comp_id_2    PRO 
_struct_mon_prot_cis.pdbx_auth_seq_id_2     121 
_struct_mon_prot_cis.pdbx_auth_asym_id_2    B 
_struct_mon_prot_cis.pdbx_PDB_model_num     1 
_struct_mon_prot_cis.pdbx_omega_angle       -0.73 
# 
loop_
_struct_sheet.id 
_struct_sheet.type 
_struct_sheet.number_strands 
_struct_sheet.details 
AA1 ? 7 ? 
AA2 ? 6 ? 
# 
loop_
_struct_sheet_order.sheet_id 
_struct_sheet_order.range_id_1 
_struct_sheet_order.range_id_2 
_struct_sheet_order.offset 
_struct_sheet_order.sense 
AA1 1 2 ? anti-parallel 
AA1 2 3 ? anti-parallel 
AA1 3 4 ? anti-parallel 
AA1 4 5 ? anti-parallel 
AA1 5 6 ? anti-parallel 
AA1 6 7 ? anti-parallel 
AA2 1 2 ? anti-parallel 
AA2 2 3 ? anti-parallel 
AA2 3 4 ? anti-parallel 
AA2 4 5 ? anti-parallel 
AA2 5 6 ? anti-parallel 
# 
loop_
_struct_sheet_range.sheet_id 
_struct_sheet_range.id 
_struct_sheet_range.beg_label_comp_id 
_struct_sheet_range.beg_label_asym_id 
_struct_sheet_range.beg_label_seq_id 
_struct_sheet_range.pdbx_beg_PDB_ins_code 
_struct_sheet_range.end_label_comp_id 
_struct_sheet_range.end_label_asym_id 
_struct_sheet_range.end_label_seq_id 
_struct_sheet_range.pdbx_end_PDB_ins_code 
_struct_sheet_range.beg_auth_comp_id 
_struct_sheet_range.beg_auth_asym_id 
_struct_sheet_range.beg_auth_seq_id 
_struct_sheet_range.end_auth_comp_id 
_struct_sheet_range.end_auth_asym_id 
_struct_sheet_range.end_auth_seq_id 
AA1 1 LEU A 22  ? ILE A 24  ? LEU B 28  ILE B 30  
AA1 2 GLN A 30  ? MET A 33  ? GLN B 36  MET B 39  
AA1 3 LEU A 181 ? LEU A 183 ? LEU B 187 LEU B 189 
AA1 4 LYS A 63  ? ASP A 69  ? LYS B 69  ASP B 75  
AA1 5 GLN A 127 ? ASP A 133 ? GLN B 133 ASP B 139 
AA1 6 VAL A 138 ? ASN A 143 ? VAL B 144 ASN B 149 
AA1 7 SER A 149 ? PHE A 154 ? SER B 155 PHE B 160 
AA2 1 MET A 52  ? LEU A 54  ? MET B 58  LEU B 60  
AA2 2 LEU A 163 ? ASN A 168 ? LEU B 169 ASN B 174 
AA2 3 TRP A 76  ? ARG A 82  ? TRP B 82  ARG B 88  
AA2 4 PHE A 99  ? TRP A 105 ? PHE B 105 TRP B 111 
AA2 5 SER A 108 ? ALA A 111 ? SER B 114 ALA B 117 
AA2 6 THR A 117 ? THR A 118 ? THR B 123 THR B 124 
# 
loop_
_pdbx_struct_sheet_hbond.sheet_id 
_pdbx_struct_sheet_hbond.range_id_1 
_pdbx_struct_sheet_hbond.range_id_2 
_pdbx_struct_sheet_hbond.range_1_label_atom_id 
_pdbx_struct_sheet_hbond.range_1_label_comp_id 
_pdbx_struct_sheet_hbond.range_1_label_asym_id 
_pdbx_struct_sheet_hbond.range_1_label_seq_id 
_pdbx_struct_sheet_hbond.range_1_PDB_ins_code 
_pdbx_struct_sheet_hbond.range_1_auth_atom_id 
_pdbx_struct_sheet_hbond.range_1_auth_comp_id 
_pdbx_struct_sheet_hbond.range_1_auth_asym_id 
_pdbx_struct_sheet_hbond.range_1_auth_seq_id 
_pdbx_struct_sheet_hbond.range_2_label_atom_id 
_pdbx_struct_sheet_hbond.range_2_label_comp_id 
_pdbx_struct_sheet_hbond.range_2_label_asym_id 
_pdbx_struct_sheet_hbond.range_2_label_seq_id 
_pdbx_struct_sheet_hbond.range_2_PDB_ins_code 
_pdbx_struct_sheet_hbond.range_2_auth_atom_id 
_pdbx_struct_sheet_hbond.range_2_auth_comp_id 
_pdbx_struct_sheet_hbond.range_2_auth_asym_id 
_pdbx_struct_sheet_hbond.range_2_auth_seq_id 
AA1 1 2 N ILE A 23  ? N ILE B 29  O ARG A 32  ? O ARG B 38  
AA1 2 3 N VAL A 31  ? N VAL B 37  O LEU A 181 ? O LEU B 187 
AA1 3 4 O LYS A 182 ? O LYS B 188 N ASP A 69  ? N ASP B 75  
AA1 4 5 N TRP A 66  ? N TRP B 72  O ILE A 130 ? O ILE B 136 
AA1 5 6 N PHE A 131 ? N PHE B 137 O SER A 140 ? O SER B 146 
AA1 6 7 N PHE A 141 ? N PHE B 147 O ILE A 151 ? O ILE B 157 
AA2 1 2 N VAL A 53  ? N VAL B 59  O PHE A 167 ? O PHE B 173 
AA2 2 3 O ARG A 164 ? O ARG B 170 N CYS A 81  ? N CYS B 87  
AA2 3 4 N VAL A 80  ? N VAL B 86  O TRP A 100 ? O TRP B 106 
AA2 4 5 N TRP A 105 ? N TRP B 111 O SER A 108 ? O SER B 114 
AA2 5 6 N ALA A 111 ? N ALA B 117 O THR A 117 ? O THR B 123 
# 
_pdbx_entry_details.entry_id                   7HO6 
_pdbx_entry_details.compound_details           ? 
_pdbx_entry_details.source_details             ? 
_pdbx_entry_details.nonpolymer_details         ? 
_pdbx_entry_details.sequence_details           ? 
_pdbx_entry_details.has_ligand_of_interest     Y 
_pdbx_entry_details.has_protein_modification   N 
# 
loop_
_pdbx_validate_rmsd_angle.id 
_pdbx_validate_rmsd_angle.PDB_model_num 
_pdbx_validate_rmsd_angle.auth_atom_id_1 
_pdbx_validate_rmsd_angle.auth_asym_id_1 
_pdbx_validate_rmsd_angle.auth_comp_id_1 
_pdbx_validate_rmsd_angle.auth_seq_id_1 
_pdbx_validate_rmsd_angle.PDB_ins_code_1 
_pdbx_validate_rmsd_angle.label_alt_id_1 
_pdbx_validate_rmsd_angle.auth_atom_id_2 
_pdbx_validate_rmsd_angle.auth_asym_id_2 
_pdbx_validate_rmsd_angle.auth_comp_id_2 
_pdbx_validate_rmsd_angle.auth_seq_id_2 
_pdbx_validate_rmsd_angle.PDB_ins_code_2 
_pdbx_validate_rmsd_angle.label_alt_id_2 
_pdbx_validate_rmsd_angle.auth_atom_id_3 
_pdbx_validate_rmsd_angle.auth_asym_id_3 
_pdbx_validate_rmsd_angle.auth_comp_id_3 
_pdbx_validate_rmsd_angle.auth_seq_id_3 
_pdbx_validate_rmsd_angle.PDB_ins_code_3 
_pdbx_validate_rmsd_angle.label_alt_id_3 
_pdbx_validate_rmsd_angle.angle_value 
_pdbx_validate_rmsd_angle.angle_target_value 
_pdbx_validate_rmsd_angle.angle_deviation 
_pdbx_validate_rmsd_angle.angle_standard_deviation 
_pdbx_validate_rmsd_angle.linker_flag 
1 1 NE B ARG 34 ? ? CZ B ARG 34 ? ? NH1 B ARG 34 ? ? 123.49 120.30 3.19  0.50 N 
2 1 CG B ARG 64 ? ? CD B ARG 64 ? ? NE  B ARG 64 ? ? 128.07 111.80 16.27 2.10 N 
# 
loop_
_pdbx_validate_torsion.id 
_pdbx_validate_torsion.PDB_model_num 
_pdbx_validate_torsion.auth_comp_id 
_pdbx_validate_torsion.auth_asym_id 
_pdbx_validate_torsion.auth_seq_id 
_pdbx_validate_torsion.PDB_ins_code 
_pdbx_validate_torsion.label_alt_id 
_pdbx_validate_torsion.phi 
_pdbx_validate_torsion.psi 
1 1 ASN B 45  ? ? 72.57   34.33 
2 1 ASP B 152 ? ? -100.02 51.51 
# 
_phasing.method   MR 
# 
loop_
_pdbx_unobs_or_zero_occ_residues.id 
_pdbx_unobs_or_zero_occ_residues.PDB_model_num 
_pdbx_unobs_or_zero_occ_residues.polymer_flag 
_pdbx_unobs_or_zero_occ_residues.occupancy_flag 
_pdbx_unobs_or_zero_occ_residues.auth_asym_id 
_pdbx_unobs_or_zero_occ_residues.auth_comp_id 
_pdbx_unobs_or_zero_occ_residues.auth_seq_id 
_pdbx_unobs_or_zero_occ_residues.PDB_ins_code 
_pdbx_unobs_or_zero_occ_residues.label_asym_id 
_pdbx_unobs_or_zero_occ_residues.label_comp_id 
_pdbx_unobs_or_zero_occ_residues.label_seq_id 
1 1 Y 1 B MET 7   ? A MET 1   
2 1 Y 1 B LYS 193 ? A LYS 187 
3 1 Y 1 B MET 194 ? A MET 188 
# 
loop_
_chem_comp_atom.comp_id 
_chem_comp_atom.atom_id 
_chem_comp_atom.type_symbol 
_chem_comp_atom.pdbx_aromatic_flag 
_chem_comp_atom.pdbx_stereo_config 
_chem_comp_atom.pdbx_ordinal 
A1BF1 N1   N N N 1   
A1BF1 C4   C Y N 2   
A1BF1 C5   C Y N 3   
A1BF1 C6   C Y N 4   
A1BF1 C7   C Y N 5   
A1BF1 C8   C Y N 6   
A1BF1 C10  C N N 7   
A1BF1 C1   C N N 8   
A1BF1 C11  C N N 9   
A1BF1 C2   C N N 10  
A1BF1 C3   C N N 11  
A1BF1 C9   C Y N 12  
A1BF1 N2   N N N 13  
A1BF1 O1   O N N 14  
A1BF1 O2   O N N 15  
A1BF1 H5   H N N 16  
A1BF1 H6   H N N 17  
A1BF1 H7   H N N 18  
A1BF1 H8   H N N 19  
A1BF1 H11  H N N 20  
A1BF1 H10  H N N 21  
A1BF1 H1   H N N 22  
A1BF1 H2   H N N 23  
A1BF1 H3   H N N 24  
A1BF1 H4   H N N 25  
A1BF1 H9   H N N 26  
A1BF1 H12  H N N 27  
ALA   N    N N N 28  
ALA   CA   C N S 29  
ALA   C    C N N 30  
ALA   O    O N N 31  
ALA   CB   C N N 32  
ALA   OXT  O N N 33  
ALA   H    H N N 34  
ALA   H2   H N N 35  
ALA   HA   H N N 36  
ALA   HB1  H N N 37  
ALA   HB2  H N N 38  
ALA   HB3  H N N 39  
ALA   HXT  H N N 40  
ARG   N    N N N 41  
ARG   CA   C N S 42  
ARG   C    C N N 43  
ARG   O    O N N 44  
ARG   CB   C N N 45  
ARG   CG   C N N 46  
ARG   CD   C N N 47  
ARG   NE   N N N 48  
ARG   CZ   C N N 49  
ARG   NH1  N N N 50  
ARG   NH2  N N N 51  
ARG   OXT  O N N 52  
ARG   H    H N N 53  
ARG   H2   H N N 54  
ARG   HA   H N N 55  
ARG   HB2  H N N 56  
ARG   HB3  H N N 57  
ARG   HG2  H N N 58  
ARG   HG3  H N N 59  
ARG   HD2  H N N 60  
ARG   HD3  H N N 61  
ARG   HE   H N N 62  
ARG   HH11 H N N 63  
ARG   HH12 H N N 64  
ARG   HH21 H N N 65  
ARG   HH22 H N N 66  
ARG   HXT  H N N 67  
ASN   N    N N N 68  
ASN   CA   C N S 69  
ASN   C    C N N 70  
ASN   O    O N N 71  
ASN   CB   C N N 72  
ASN   CG   C N N 73  
ASN   OD1  O N N 74  
ASN   ND2  N N N 75  
ASN   OXT  O N N 76  
ASN   H    H N N 77  
ASN   H2   H N N 78  
ASN   HA   H N N 79  
ASN   HB2  H N N 80  
ASN   HB3  H N N 81  
ASN   HD21 H N N 82  
ASN   HD22 H N N 83  
ASN   HXT  H N N 84  
ASP   N    N N N 85  
ASP   CA   C N S 86  
ASP   C    C N N 87  
ASP   O    O N N 88  
ASP   CB   C N N 89  
ASP   CG   C N N 90  
ASP   OD1  O N N 91  
ASP   OD2  O N N 92  
ASP   OXT  O N N 93  
ASP   H    H N N 94  
ASP   H2   H N N 95  
ASP   HA   H N N 96  
ASP   HB2  H N N 97  
ASP   HB3  H N N 98  
ASP   HD2  H N N 99  
ASP   HXT  H N N 100 
CYS   N    N N N 101 
CYS   CA   C N R 102 
CYS   C    C N N 103 
CYS   O    O N N 104 
CYS   CB   C N N 105 
CYS   SG   S N N 106 
CYS   OXT  O N N 107 
CYS   H    H N N 108 
CYS   H2   H N N 109 
CYS   HA   H N N 110 
CYS   HB2  H N N 111 
CYS   HB3  H N N 112 
CYS   HG   H N N 113 
CYS   HXT  H N N 114 
EDO   C1   C N N 115 
EDO   O1   O N N 116 
EDO   C2   C N N 117 
EDO   O2   O N N 118 
EDO   H11  H N N 119 
EDO   H12  H N N 120 
EDO   HO1  H N N 121 
EDO   H21  H N N 122 
EDO   H22  H N N 123 
EDO   HO2  H N N 124 
GLN   N    N N N 125 
GLN   CA   C N S 126 
GLN   C    C N N 127 
GLN   O    O N N 128 
GLN   CB   C N N 129 
GLN   CG   C N N 130 
GLN   CD   C N N 131 
GLN   OE1  O N N 132 
GLN   NE2  N N N 133 
GLN   OXT  O N N 134 
GLN   H    H N N 135 
GLN   H2   H N N 136 
GLN   HA   H N N 137 
GLN   HB2  H N N 138 
GLN   HB3  H N N 139 
GLN   HG2  H N N 140 
GLN   HG3  H N N 141 
GLN   HE21 H N N 142 
GLN   HE22 H N N 143 
GLN   HXT  H N N 144 
GLU   N    N N N 145 
GLU   CA   C N S 146 
GLU   C    C N N 147 
GLU   O    O N N 148 
GLU   CB   C N N 149 
GLU   CG   C N N 150 
GLU   CD   C N N 151 
GLU   OE1  O N N 152 
GLU   OE2  O N N 153 
GLU   OXT  O N N 154 
GLU   H    H N N 155 
GLU   H2   H N N 156 
GLU   HA   H N N 157 
GLU   HB2  H N N 158 
GLU   HB3  H N N 159 
GLU   HG2  H N N 160 
GLU   HG3  H N N 161 
GLU   HE2  H N N 162 
GLU   HXT  H N N 163 
GLY   N    N N N 164 
GLY   CA   C N N 165 
GLY   C    C N N 166 
GLY   O    O N N 167 
GLY   OXT  O N N 168 
GLY   H    H N N 169 
GLY   H2   H N N 170 
GLY   HA2  H N N 171 
GLY   HA3  H N N 172 
GLY   HXT  H N N 173 
HIS   N    N N N 174 
HIS   CA   C N S 175 
HIS   C    C N N 176 
HIS   O    O N N 177 
HIS   CB   C N N 178 
HIS   CG   C Y N 179 
HIS   ND1  N Y N 180 
HIS   CD2  C Y N 181 
HIS   CE1  C Y N 182 
HIS   NE2  N Y N 183 
HIS   OXT  O N N 184 
HIS   H    H N N 185 
HIS   H2   H N N 186 
HIS   HA   H N N 187 
HIS   HB2  H N N 188 
HIS   HB3  H N N 189 
HIS   HD1  H N N 190 
HIS   HD2  H N N 191 
HIS   HE1  H N N 192 
HIS   HE2  H N N 193 
HIS   HXT  H N N 194 
HOH   O    O N N 195 
HOH   H1   H N N 196 
HOH   H2   H N N 197 
ILE   N    N N N 198 
ILE   CA   C N S 199 
ILE   C    C N N 200 
ILE   O    O N N 201 
ILE   CB   C N S 202 
ILE   CG1  C N N 203 
ILE   CG2  C N N 204 
ILE   CD1  C N N 205 
ILE   OXT  O N N 206 
ILE   H    H N N 207 
ILE   H2   H N N 208 
ILE   HA   H N N 209 
ILE   HB   H N N 210 
ILE   HG12 H N N 211 
ILE   HG13 H N N 212 
ILE   HG21 H N N 213 
ILE   HG22 H N N 214 
ILE   HG23 H N N 215 
ILE   HD11 H N N 216 
ILE   HD12 H N N 217 
ILE   HD13 H N N 218 
ILE   HXT  H N N 219 
LEU   N    N N N 220 
LEU   CA   C N S 221 
LEU   C    C N N 222 
LEU   O    O N N 223 
LEU   CB   C N N 224 
LEU   CG   C N N 225 
LEU   CD1  C N N 226 
LEU   CD2  C N N 227 
LEU   OXT  O N N 228 
LEU   H    H N N 229 
LEU   H2   H N N 230 
LEU   HA   H N N 231 
LEU   HB2  H N N 232 
LEU   HB3  H N N 233 
LEU   HG   H N N 234 
LEU   HD11 H N N 235 
LEU   HD12 H N N 236 
LEU   HD13 H N N 237 
LEU   HD21 H N N 238 
LEU   HD22 H N N 239 
LEU   HD23 H N N 240 
LEU   HXT  H N N 241 
LYS   N    N N N 242 
LYS   CA   C N S 243 
LYS   C    C N N 244 
LYS   O    O N N 245 
LYS   CB   C N N 246 
LYS   CG   C N N 247 
LYS   CD   C N N 248 
LYS   CE   C N N 249 
LYS   NZ   N N N 250 
LYS   OXT  O N N 251 
LYS   H    H N N 252 
LYS   H2   H N N 253 
LYS   HA   H N N 254 
LYS   HB2  H N N 255 
LYS   HB3  H N N 256 
LYS   HG2  H N N 257 
LYS   HG3  H N N 258 
LYS   HD2  H N N 259 
LYS   HD3  H N N 260 
LYS   HE2  H N N 261 
LYS   HE3  H N N 262 
LYS   HZ1  H N N 263 
LYS   HZ2  H N N 264 
LYS   HZ3  H N N 265 
LYS   HXT  H N N 266 
MET   N    N N N 267 
MET   CA   C N S 268 
MET   C    C N N 269 
MET   O    O N N 270 
MET   CB   C N N 271 
MET   CG   C N N 272 
MET   SD   S N N 273 
MET   CE   C N N 274 
MET   OXT  O N N 275 
MET   H    H N N 276 
MET   H2   H N N 277 
MET   HA   H N N 278 
MET   HB2  H N N 279 
MET   HB3  H N N 280 
MET   HG2  H N N 281 
MET   HG3  H N N 282 
MET   HE1  H N N 283 
MET   HE2  H N N 284 
MET   HE3  H N N 285 
MET   HXT  H N N 286 
PHE   N    N N N 287 
PHE   CA   C N S 288 
PHE   C    C N N 289 
PHE   O    O N N 290 
PHE   CB   C N N 291 
PHE   CG   C Y N 292 
PHE   CD1  C Y N 293 
PHE   CD2  C Y N 294 
PHE   CE1  C Y N 295 
PHE   CE2  C Y N 296 
PHE   CZ   C Y N 297 
PHE   OXT  O N N 298 
PHE   H    H N N 299 
PHE   H2   H N N 300 
PHE   HA   H N N 301 
PHE   HB2  H N N 302 
PHE   HB3  H N N 303 
PHE   HD1  H N N 304 
PHE   HD2  H N N 305 
PHE   HE1  H N N 306 
PHE   HE2  H N N 307 
PHE   HZ   H N N 308 
PHE   HXT  H N N 309 
PRO   N    N N N 310 
PRO   CA   C N S 311 
PRO   C    C N N 312 
PRO   O    O N N 313 
PRO   CB   C N N 314 
PRO   CG   C N N 315 
PRO   CD   C N N 316 
PRO   OXT  O N N 317 
PRO   H    H N N 318 
PRO   HA   H N N 319 
PRO   HB2  H N N 320 
PRO   HB3  H N N 321 
PRO   HG2  H N N 322 
PRO   HG3  H N N 323 
PRO   HD2  H N N 324 
PRO   HD3  H N N 325 
PRO   HXT  H N N 326 
SER   N    N N N 327 
SER   CA   C N S 328 
SER   C    C N N 329 
SER   O    O N N 330 
SER   CB   C N N 331 
SER   OG   O N N 332 
SER   OXT  O N N 333 
SER   H    H N N 334 
SER   H2   H N N 335 
SER   HA   H N N 336 
SER   HB2  H N N 337 
SER   HB3  H N N 338 
SER   HG   H N N 339 
SER   HXT  H N N 340 
SO4   S    S N N 341 
SO4   O1   O N N 342 
SO4   O2   O N N 343 
SO4   O3   O N N 344 
SO4   O4   O N N 345 
THR   N    N N N 346 
THR   CA   C N S 347 
THR   C    C N N 348 
THR   O    O N N 349 
THR   CB   C N R 350 
THR   OG1  O N N 351 
THR   CG2  C N N 352 
THR   OXT  O N N 353 
THR   H    H N N 354 
THR   H2   H N N 355 
THR   HA   H N N 356 
THR   HB   H N N 357 
THR   HG1  H N N 358 
THR   HG21 H N N 359 
THR   HG22 H N N 360 
THR   HG23 H N N 361 
THR   HXT  H N N 362 
TRP   N    N N N 363 
TRP   CA   C N S 364 
TRP   C    C N N 365 
TRP   O    O N N 366 
TRP   CB   C N N 367 
TRP   CG   C Y N 368 
TRP   CD1  C Y N 369 
TRP   CD2  C Y N 370 
TRP   NE1  N Y N 371 
TRP   CE2  C Y N 372 
TRP   CE3  C Y N 373 
TRP   CZ2  C Y N 374 
TRP   CZ3  C Y N 375 
TRP   CH2  C Y N 376 
TRP   OXT  O N N 377 
TRP   H    H N N 378 
TRP   H2   H N N 379 
TRP   HA   H N N 380 
TRP   HB2  H N N 381 
TRP   HB3  H N N 382 
TRP   HD1  H N N 383 
TRP   HE1  H N N 384 
TRP   HE3  H N N 385 
TRP   HZ2  H N N 386 
TRP   HZ3  H N N 387 
TRP   HH2  H N N 388 
TRP   HXT  H N N 389 
TYR   N    N N N 390 
TYR   CA   C N S 391 
TYR   C    C N N 392 
TYR   O    O N N 393 
TYR   CB   C N N 394 
TYR   CG   C Y N 395 
TYR   CD1  C Y N 396 
TYR   CD2  C Y N 397 
TYR   CE1  C Y N 398 
TYR   CE2  C Y N 399 
TYR   CZ   C Y N 400 
TYR   OH   O N N 401 
TYR   OXT  O N N 402 
TYR   H    H N N 403 
TYR   H2   H N N 404 
TYR   HA   H N N 405 
TYR   HB2  H N N 406 
TYR   HB3  H N N 407 
TYR   HD1  H N N 408 
TYR   HD2  H N N 409 
TYR   HE1  H N N 410 
TYR   HE2  H N N 411 
TYR   HH   H N N 412 
TYR   HXT  H N N 413 
VAL   N    N N N 414 
VAL   CA   C N S 415 
VAL   C    C N N 416 
VAL   O    O N N 417 
VAL   CB   C N N 418 
VAL   CG1  C N N 419 
VAL   CG2  C N N 420 
VAL   OXT  O N N 421 
VAL   H    H N N 422 
VAL   H2   H N N 423 
VAL   HA   H N N 424 
VAL   HB   H N N 425 
VAL   HG11 H N N 426 
VAL   HG12 H N N 427 
VAL   HG13 H N N 428 
VAL   HG21 H N N 429 
VAL   HG22 H N N 430 
VAL   HG23 H N N 431 
VAL   HXT  H N N 432 
# 
loop_
_chem_comp_bond.comp_id 
_chem_comp_bond.atom_id_1 
_chem_comp_bond.atom_id_2 
_chem_comp_bond.value_order 
_chem_comp_bond.pdbx_aromatic_flag 
_chem_comp_bond.pdbx_stereo_config 
_chem_comp_bond.pdbx_ordinal 
A1BF1 O1  C1   doub N N 1   
A1BF1 C1  C2   sing N N 2   
A1BF1 C2  N1   sing N N 3   
A1BF1 N1  C3   sing N N 4   
A1BF1 C3  C4   sing N N 5   
A1BF1 C4  C5   doub Y N 6   
A1BF1 C5  C6   sing Y N 7   
A1BF1 C6  C7   doub Y N 8   
A1BF1 C7  C8   sing Y N 9   
A1BF1 C8  C9   doub Y N 10  
A1BF1 N1  C10  sing N N 11  
A1BF1 C10 C11  sing N N 12  
A1BF1 C11 O2   doub N N 13  
A1BF1 C11 N2   sing N N 14  
A1BF1 C1  N2   sing N N 15  
A1BF1 C4  C9   sing Y N 16  
A1BF1 C5  H5   sing N N 17  
A1BF1 C6  H6   sing N N 18  
A1BF1 C7  H7   sing N N 19  
A1BF1 C8  H8   sing N N 20  
A1BF1 C10 H11  sing N N 21  
A1BF1 C10 H10  sing N N 22  
A1BF1 C2  H1   sing N N 23  
A1BF1 C2  H2   sing N N 24  
A1BF1 C3  H3   sing N N 25  
A1BF1 C3  H4   sing N N 26  
A1BF1 C9  H9   sing N N 27  
A1BF1 N2  H12  sing N N 28  
ALA   N   CA   sing N N 29  
ALA   N   H    sing N N 30  
ALA   N   H2   sing N N 31  
ALA   CA  C    sing N N 32  
ALA   CA  CB   sing N N 33  
ALA   CA  HA   sing N N 34  
ALA   C   O    doub N N 35  
ALA   C   OXT  sing N N 36  
ALA   CB  HB1  sing N N 37  
ALA   CB  HB2  sing N N 38  
ALA   CB  HB3  sing N N 39  
ALA   OXT HXT  sing N N 40  
ARG   N   CA   sing N N 41  
ARG   N   H    sing N N 42  
ARG   N   H2   sing N N 43  
ARG   CA  C    sing N N 44  
ARG   CA  CB   sing N N 45  
ARG   CA  HA   sing N N 46  
ARG   C   O    doub N N 47  
ARG   C   OXT  sing N N 48  
ARG   CB  CG   sing N N 49  
ARG   CB  HB2  sing N N 50  
ARG   CB  HB3  sing N N 51  
ARG   CG  CD   sing N N 52  
ARG   CG  HG2  sing N N 53  
ARG   CG  HG3  sing N N 54  
ARG   CD  NE   sing N N 55  
ARG   CD  HD2  sing N N 56  
ARG   CD  HD3  sing N N 57  
ARG   NE  CZ   sing N N 58  
ARG   NE  HE   sing N N 59  
ARG   CZ  NH1  sing N N 60  
ARG   CZ  NH2  doub N N 61  
ARG   NH1 HH11 sing N N 62  
ARG   NH1 HH12 sing N N 63  
ARG   NH2 HH21 sing N N 64  
ARG   NH2 HH22 sing N N 65  
ARG   OXT HXT  sing N N 66  
ASN   N   CA   sing N N 67  
ASN   N   H    sing N N 68  
ASN   N   H2   sing N N 69  
ASN   CA  C    sing N N 70  
ASN   CA  CB   sing N N 71  
ASN   CA  HA   sing N N 72  
ASN   C   O    doub N N 73  
ASN   C   OXT  sing N N 74  
ASN   CB  CG   sing N N 75  
ASN   CB  HB2  sing N N 76  
ASN   CB  HB3  sing N N 77  
ASN   CG  OD1  doub N N 78  
ASN   CG  ND2  sing N N 79  
ASN   ND2 HD21 sing N N 80  
ASN   ND2 HD22 sing N N 81  
ASN   OXT HXT  sing N N 82  
ASP   N   CA   sing N N 83  
ASP   N   H    sing N N 84  
ASP   N   H2   sing N N 85  
ASP   CA  C    sing N N 86  
ASP   CA  CB   sing N N 87  
ASP   CA  HA   sing N N 88  
ASP   C   O    doub N N 89  
ASP   C   OXT  sing N N 90  
ASP   CB  CG   sing N N 91  
ASP   CB  HB2  sing N N 92  
ASP   CB  HB3  sing N N 93  
ASP   CG  OD1  doub N N 94  
ASP   CG  OD2  sing N N 95  
ASP   OD2 HD2  sing N N 96  
ASP   OXT HXT  sing N N 97  
CYS   N   CA   sing N N 98  
CYS   N   H    sing N N 99  
CYS   N   H2   sing N N 100 
CYS   CA  C    sing N N 101 
CYS   CA  CB   sing N N 102 
CYS   CA  HA   sing N N 103 
CYS   C   O    doub N N 104 
CYS   C   OXT  sing N N 105 
CYS   CB  SG   sing N N 106 
CYS   CB  HB2  sing N N 107 
CYS   CB  HB3  sing N N 108 
CYS   SG  HG   sing N N 109 
CYS   OXT HXT  sing N N 110 
EDO   C1  O1   sing N N 111 
EDO   C1  C2   sing N N 112 
EDO   C1  H11  sing N N 113 
EDO   C1  H12  sing N N 114 
EDO   O1  HO1  sing N N 115 
EDO   C2  O2   sing N N 116 
EDO   C2  H21  sing N N 117 
EDO   C2  H22  sing N N 118 
EDO   O2  HO2  sing N N 119 
GLN   N   CA   sing N N 120 
GLN   N   H    sing N N 121 
GLN   N   H2   sing N N 122 
GLN   CA  C    sing N N 123 
GLN   CA  CB   sing N N 124 
GLN   CA  HA   sing N N 125 
GLN   C   O    doub N N 126 
GLN   C   OXT  sing N N 127 
GLN   CB  CG   sing N N 128 
GLN   CB  HB2  sing N N 129 
GLN   CB  HB3  sing N N 130 
GLN   CG  CD   sing N N 131 
GLN   CG  HG2  sing N N 132 
GLN   CG  HG3  sing N N 133 
GLN   CD  OE1  doub N N 134 
GLN   CD  NE2  sing N N 135 
GLN   NE2 HE21 sing N N 136 
GLN   NE2 HE22 sing N N 137 
GLN   OXT HXT  sing N N 138 
GLU   N   CA   sing N N 139 
GLU   N   H    sing N N 140 
GLU   N   H2   sing N N 141 
GLU   CA  C    sing N N 142 
GLU   CA  CB   sing N N 143 
GLU   CA  HA   sing N N 144 
GLU   C   O    doub N N 145 
GLU   C   OXT  sing N N 146 
GLU   CB  CG   sing N N 147 
GLU   CB  HB2  sing N N 148 
GLU   CB  HB3  sing N N 149 
GLU   CG  CD   sing N N 150 
GLU   CG  HG2  sing N N 151 
GLU   CG  HG3  sing N N 152 
GLU   CD  OE1  doub N N 153 
GLU   CD  OE2  sing N N 154 
GLU   OE2 HE2  sing N N 155 
GLU   OXT HXT  sing N N 156 
GLY   N   CA   sing N N 157 
GLY   N   H    sing N N 158 
GLY   N   H2   sing N N 159 
GLY   CA  C    sing N N 160 
GLY   CA  HA2  sing N N 161 
GLY   CA  HA3  sing N N 162 
GLY   C   O    doub N N 163 
GLY   C   OXT  sing N N 164 
GLY   OXT HXT  sing N N 165 
HIS   N   CA   sing N N 166 
HIS   N   H    sing N N 167 
HIS   N   H2   sing N N 168 
HIS   CA  C    sing N N 169 
HIS   CA  CB   sing N N 170 
HIS   CA  HA   sing N N 171 
HIS   C   O    doub N N 172 
HIS   C   OXT  sing N N 173 
HIS   CB  CG   sing N N 174 
HIS   CB  HB2  sing N N 175 
HIS   CB  HB3  sing N N 176 
HIS   CG  ND1  sing Y N 177 
HIS   CG  CD2  doub Y N 178 
HIS   ND1 CE1  doub Y N 179 
HIS   ND1 HD1  sing N N 180 
HIS   CD2 NE2  sing Y N 181 
HIS   CD2 HD2  sing N N 182 
HIS   CE1 NE2  sing Y N 183 
HIS   CE1 HE1  sing N N 184 
HIS   NE2 HE2  sing N N 185 
HIS   OXT HXT  sing N N 186 
HOH   O   H1   sing N N 187 
HOH   O   H2   sing N N 188 
ILE   N   CA   sing N N 189 
ILE   N   H    sing N N 190 
ILE   N   H2   sing N N 191 
ILE   CA  C    sing N N 192 
ILE   CA  CB   sing N N 193 
ILE   CA  HA   sing N N 194 
ILE   C   O    doub N N 195 
ILE   C   OXT  sing N N 196 
ILE   CB  CG1  sing N N 197 
ILE   CB  CG2  sing N N 198 
ILE   CB  HB   sing N N 199 
ILE   CG1 CD1  sing N N 200 
ILE   CG1 HG12 sing N N 201 
ILE   CG1 HG13 sing N N 202 
ILE   CG2 HG21 sing N N 203 
ILE   CG2 HG22 sing N N 204 
ILE   CG2 HG23 sing N N 205 
ILE   CD1 HD11 sing N N 206 
ILE   CD1 HD12 sing N N 207 
ILE   CD1 HD13 sing N N 208 
ILE   OXT HXT  sing N N 209 
LEU   N   CA   sing N N 210 
LEU   N   H    sing N N 211 
LEU   N   H2   sing N N 212 
LEU   CA  C    sing N N 213 
LEU   CA  CB   sing N N 214 
LEU   CA  HA   sing N N 215 
LEU   C   O    doub N N 216 
LEU   C   OXT  sing N N 217 
LEU   CB  CG   sing N N 218 
LEU   CB  HB2  sing N N 219 
LEU   CB  HB3  sing N N 220 
LEU   CG  CD1  sing N N 221 
LEU   CG  CD2  sing N N 222 
LEU   CG  HG   sing N N 223 
LEU   CD1 HD11 sing N N 224 
LEU   CD1 HD12 sing N N 225 
LEU   CD1 HD13 sing N N 226 
LEU   CD2 HD21 sing N N 227 
LEU   CD2 HD22 sing N N 228 
LEU   CD2 HD23 sing N N 229 
LEU   OXT HXT  sing N N 230 
LYS   N   CA   sing N N 231 
LYS   N   H    sing N N 232 
LYS   N   H2   sing N N 233 
LYS   CA  C    sing N N 234 
LYS   CA  CB   sing N N 235 
LYS   CA  HA   sing N N 236 
LYS   C   O    doub N N 237 
LYS   C   OXT  sing N N 238 
LYS   CB  CG   sing N N 239 
LYS   CB  HB2  sing N N 240 
LYS   CB  HB3  sing N N 241 
LYS   CG  CD   sing N N 242 
LYS   CG  HG2  sing N N 243 
LYS   CG  HG3  sing N N 244 
LYS   CD  CE   sing N N 245 
LYS   CD  HD2  sing N N 246 
LYS   CD  HD3  sing N N 247 
LYS   CE  NZ   sing N N 248 
LYS   CE  HE2  sing N N 249 
LYS   CE  HE3  sing N N 250 
LYS   NZ  HZ1  sing N N 251 
LYS   NZ  HZ2  sing N N 252 
LYS   NZ  HZ3  sing N N 253 
LYS   OXT HXT  sing N N 254 
MET   N   CA   sing N N 255 
MET   N   H    sing N N 256 
MET   N   H2   sing N N 257 
MET   CA  C    sing N N 258 
MET   CA  CB   sing N N 259 
MET   CA  HA   sing N N 260 
MET   C   O    doub N N 261 
MET   C   OXT  sing N N 262 
MET   CB  CG   sing N N 263 
MET   CB  HB2  sing N N 264 
MET   CB  HB3  sing N N 265 
MET   CG  SD   sing N N 266 
MET   CG  HG2  sing N N 267 
MET   CG  HG3  sing N N 268 
MET   SD  CE   sing N N 269 
MET   CE  HE1  sing N N 270 
MET   CE  HE2  sing N N 271 
MET   CE  HE3  sing N N 272 
MET   OXT HXT  sing N N 273 
PHE   N   CA   sing N N 274 
PHE   N   H    sing N N 275 
PHE   N   H2   sing N N 276 
PHE   CA  C    sing N N 277 
PHE   CA  CB   sing N N 278 
PHE   CA  HA   sing N N 279 
PHE   C   O    doub N N 280 
PHE   C   OXT  sing N N 281 
PHE   CB  CG   sing N N 282 
PHE   CB  HB2  sing N N 283 
PHE   CB  HB3  sing N N 284 
PHE   CG  CD1  doub Y N 285 
PHE   CG  CD2  sing Y N 286 
PHE   CD1 CE1  sing Y N 287 
PHE   CD1 HD1  sing N N 288 
PHE   CD2 CE2  doub Y N 289 
PHE   CD2 HD2  sing N N 290 
PHE   CE1 CZ   doub Y N 291 
PHE   CE1 HE1  sing N N 292 
PHE   CE2 CZ   sing Y N 293 
PHE   CE2 HE2  sing N N 294 
PHE   CZ  HZ   sing N N 295 
PHE   OXT HXT  sing N N 296 
PRO   N   CA   sing N N 297 
PRO   N   CD   sing N N 298 
PRO   N   H    sing N N 299 
PRO   CA  C    sing N N 300 
PRO   CA  CB   sing N N 301 
PRO   CA  HA   sing N N 302 
PRO   C   O    doub N N 303 
PRO   C   OXT  sing N N 304 
PRO   CB  CG   sing N N 305 
PRO   CB  HB2  sing N N 306 
PRO   CB  HB3  sing N N 307 
PRO   CG  CD   sing N N 308 
PRO   CG  HG2  sing N N 309 
PRO   CG  HG3  sing N N 310 
PRO   CD  HD2  sing N N 311 
PRO   CD  HD3  sing N N 312 
PRO   OXT HXT  sing N N 313 
SER   N   CA   sing N N 314 
SER   N   H    sing N N 315 
SER   N   H2   sing N N 316 
SER   CA  C    sing N N 317 
SER   CA  CB   sing N N 318 
SER   CA  HA   sing N N 319 
SER   C   O    doub N N 320 
SER   C   OXT  sing N N 321 
SER   CB  OG   sing N N 322 
SER   CB  HB2  sing N N 323 
SER   CB  HB3  sing N N 324 
SER   OG  HG   sing N N 325 
SER   OXT HXT  sing N N 326 
SO4   S   O1   doub N N 327 
SO4   S   O2   doub N N 328 
SO4   S   O3   sing N N 329 
SO4   S   O4   sing N N 330 
THR   N   CA   sing N N 331 
THR   N   H    sing N N 332 
THR   N   H2   sing N N 333 
THR   CA  C    sing N N 334 
THR   CA  CB   sing N N 335 
THR   CA  HA   sing N N 336 
THR   C   O    doub N N 337 
THR   C   OXT  sing N N 338 
THR   CB  OG1  sing N N 339 
THR   CB  CG2  sing N N 340 
THR   CB  HB   sing N N 341 
THR   OG1 HG1  sing N N 342 
THR   CG2 HG21 sing N N 343 
THR   CG2 HG22 sing N N 344 
THR   CG2 HG23 sing N N 345 
THR   OXT HXT  sing N N 346 
TRP   N   CA   sing N N 347 
TRP   N   H    sing N N 348 
TRP   N   H2   sing N N 349 
TRP   CA  C    sing N N 350 
TRP   CA  CB   sing N N 351 
TRP   CA  HA   sing N N 352 
TRP   C   O    doub N N 353 
TRP   C   OXT  sing N N 354 
TRP   CB  CG   sing N N 355 
TRP   CB  HB2  sing N N 356 
TRP   CB  HB3  sing N N 357 
TRP   CG  CD1  doub Y N 358 
TRP   CG  CD2  sing Y N 359 
TRP   CD1 NE1  sing Y N 360 
TRP   CD1 HD1  sing N N 361 
TRP   CD2 CE2  doub Y N 362 
TRP   CD2 CE3  sing Y N 363 
TRP   NE1 CE2  sing Y N 364 
TRP   NE1 HE1  sing N N 365 
TRP   CE2 CZ2  sing Y N 366 
TRP   CE3 CZ3  doub Y N 367 
TRP   CE3 HE3  sing N N 368 
TRP   CZ2 CH2  doub Y N 369 
TRP   CZ2 HZ2  sing N N 370 
TRP   CZ3 CH2  sing Y N 371 
TRP   CZ3 HZ3  sing N N 372 
TRP   CH2 HH2  sing N N 373 
TRP   OXT HXT  sing N N 374 
TYR   N   CA   sing N N 375 
TYR   N   H    sing N N 376 
TYR   N   H2   sing N N 377 
TYR   CA  C    sing N N 378 
TYR   CA  CB   sing N N 379 
TYR   CA  HA   sing N N 380 
TYR   C   O    doub N N 381 
TYR   C   OXT  sing N N 382 
TYR   CB  CG   sing N N 383 
TYR   CB  HB2  sing N N 384 
TYR   CB  HB3  sing N N 385 
TYR   CG  CD1  doub Y N 386 
TYR   CG  CD2  sing Y N 387 
TYR   CD1 CE1  sing Y N 388 
TYR   CD1 HD1  sing N N 389 
TYR   CD2 CE2  doub Y N 390 
TYR   CD2 HD2  sing N N 391 
TYR   CE1 CZ   doub Y N 392 
TYR   CE1 HE1  sing N N 393 
TYR   CE2 CZ   sing Y N 394 
TYR   CE2 HE2  sing N N 395 
TYR   CZ  OH   sing N N 396 
TYR   OH  HH   sing N N 397 
TYR   OXT HXT  sing N N 398 
VAL   N   CA   sing N N 399 
VAL   N   H    sing N N 400 
VAL   N   H2   sing N N 401 
VAL   CA  C    sing N N 402 
VAL   CA  CB   sing N N 403 
VAL   CA  HA   sing N N 404 
VAL   C   O    doub N N 405 
VAL   C   OXT  sing N N 406 
VAL   CB  CG1  sing N N 407 
VAL   CB  CG2  sing N N 408 
VAL   CB  HB   sing N N 409 
VAL   CG1 HG11 sing N N 410 
VAL   CG1 HG12 sing N N 411 
VAL   CG1 HG13 sing N N 412 
VAL   CG2 HG21 sing N N 413 
VAL   CG2 HG22 sing N N 414 
VAL   CG2 HG23 sing N N 415 
VAL   OXT HXT  sing N N 416 
# 
_pdbx_audit_support.ordinal                1 
_pdbx_audit_support.funding_organization   'European Union (EU)' 
_pdbx_audit_support.grant_number           875510 
_pdbx_audit_support.country                'European Union' 
# 
_pdbx_deposit_group.group_id            G_1002320 
_pdbx_deposit_group.group_description   
;PRYSPRY domain of murine TRIM21 screened against the DSI-poised Fragment Library by X-ray Crystallography at the XChem facility of Diamon Light Source
;
_pdbx_deposit_group.group_title         'PanDDA analysis group deposition' 
_pdbx_deposit_group.group_type          'changed state' 
# 
_pdbx_initial_refinement_model.id               1 
_pdbx_initial_refinement_model.entity_id_list   ? 
_pdbx_initial_refinement_model.type             'experimental model' 
_pdbx_initial_refinement_model.source_name      PDB 
_pdbx_initial_refinement_model.accession_code   2VOK 
_pdbx_initial_refinement_model.details          ? 
# 
_atom_sites.entry_id                    7HO6 
_atom_sites.fract_transf_matrix[1][1]   0.00601774 
_atom_sites.fract_transf_matrix[1][2]   -0.00771629 
_atom_sites.fract_transf_matrix[1][3]   -0.00378518 
_atom_sites.fract_transf_matrix[2][1]   -0.00011984 
_atom_sites.fract_transf_matrix[2][2]   -0.00469566 
_atom_sites.fract_transf_matrix[2][3]   0.00938182 
_atom_sites.fract_transf_matrix[3][1]   -0.01790934 
_atom_sites.fract_transf_matrix[3][2]   -0.01112373 
_atom_sites.fract_transf_matrix[3][3]   -0.00579626 
_atom_sites.fract_transf_vector[1]      -0.297717 
_atom_sites.fract_transf_vector[2]      -0.117504 
_atom_sites.fract_transf_vector[3]      -0.503447 
# 
loop_
_atom_type.symbol 
C 
N 
O 
S 
# 
loop_
_atom_site.group_PDB 
_atom_site.id 
_atom_site.type_symbol 
_atom_site.label_atom_id 
_atom_site.label_alt_id 
_atom_site.label_comp_id 
_atom_site.label_asym_id 
_atom_site.label_entity_id 
_atom_site.label_seq_id 
_atom_site.pdbx_PDB_ins_code 
_atom_site.Cartn_x 
_atom_site.Cartn_y 
_atom_site.Cartn_z 
_atom_site.occupancy 
_atom_site.B_iso_or_equiv 
_atom_site.pdbx_formal_charge 
_atom_site.auth_seq_id 
_atom_site.auth_comp_id 
_atom_site.auth_asym_id 
_atom_site.auth_atom_id 
_atom_site.pdbx_PDB_model_num 
ATOM   1    N N   . HIS   A 1 2   ? -2.183  -17.130 -10.334 1.00 59.91 ? 8   HIS   B N   1 
ATOM   2    C CA  . HIS   A 1 2   ? -0.844  -16.552 -10.725 1.00 54.74 ? 8   HIS   B CA  1 
ATOM   3    C C   . HIS   A 1 2   ? 0.288   -17.449 -10.207 1.00 52.30 ? 8   HIS   B C   1 
ATOM   4    O O   . HIS   A 1 2   ? 0.044   -18.254 -9.263  1.00 54.64 ? 8   HIS   B O   1 
ATOM   5    C CB  . HIS   A 1 2   ? -0.700  -15.095 -10.231 1.00 46.94 ? 8   HIS   B CB  1 
ATOM   6    C CG  . HIS   A 1 2   ? -0.489  -14.935 -8.757  1.00 41.56 ? 8   HIS   B CG  1 
ATOM   7    N ND1 . HIS   A 1 2   ? 0.760   -15.061 -8.166  1.00 42.86 ? 8   HIS   B ND1 1 
ATOM   8    C CD2 . HIS   A 1 2   ? -1.342  -14.623 -7.754  1.00 38.63 ? 8   HIS   B CD2 1 
ATOM   9    C CE1 . HIS   A 1 2   ? 0.655   -14.865 -6.861  1.00 40.16 ? 8   HIS   B CE1 1 
ATOM   10   N NE2 . HIS   A 1 2   ? -0.627  -14.604 -6.573  1.00 33.01 ? 8   HIS   B NE2 1 
ATOM   11   N N   . HIS   A 1 3   ? 1.486   -17.278 -10.769 1.00 47.50 ? 9   HIS   B N   1 
ATOM   12   C CA  . HIS   A 1 3   ? 2.721   -18.032 -10.418 1.00 48.09 ? 9   HIS   B CA  1 
ATOM   13   C C   . HIS   A 1 3   ? 3.873   -17.056 -10.091 1.00 40.91 ? 9   HIS   B C   1 
ATOM   14   O O   . HIS   A 1 3   ? 5.026   -17.356 -10.466 1.00 43.09 ? 9   HIS   B O   1 
ATOM   15   C CB  . HIS   A 1 3   ? 3.009   -19.046 -11.546 1.00 57.89 ? 9   HIS   B CB  1 
ATOM   16   C CG  . HIS   A 1 3   ? 1.887   -20.023 -11.746 1.00 67.43 ? 9   HIS   B CG  1 
ATOM   17   N ND1 . HIS   A 1 3   ? 1.553   -20.987 -10.797 1.00 69.52 ? 9   HIS   B ND1 1 
ATOM   18   C CD2 . HIS   A 1 3   ? 0.999   -20.176 -12.758 1.00 72.67 ? 9   HIS   B CD2 1 
ATOM   19   C CE1 . HIS   A 1 3   ? 0.521   -21.690 -11.223 1.00 70.98 ? 9   HIS   B CE1 1 
ATOM   20   N NE2 . HIS   A 1 3   ? 0.165   -21.215 -12.426 1.00 73.28 ? 9   HIS   B NE2 1 
ATOM   21   N N   . HIS   A 1 4   ? 3.584   -15.960 -9.357  1.00 34.04 ? 10  HIS   B N   1 
ATOM   22   C CA  . HIS   A 1 4   ? 4.530   -14.851 -9.017  1.00 27.77 ? 10  HIS   B CA  1 
ATOM   23   C C   . HIS   A 1 4   ? 5.148   -15.067 -7.628  1.00 28.98 ? 10  HIS   B C   1 
ATOM   24   O O   . HIS   A 1 4   ? 6.080   -14.308 -7.270  1.00 24.98 ? 10  HIS   B O   1 
ATOM   25   C CB  . HIS   A 1 4   ? 3.831   -13.470 -9.041  1.00 27.88 ? 10  HIS   B CB  1 
ATOM   26   C CG  . HIS   A 1 4   ? 3.293   -13.073 -10.371 1.00 27.40 ? 10  HIS   B CG  1 
ATOM   27   N ND1 . HIS   A 1 4   ? 4.053   -13.133 -11.535 1.00 26.44 ? 10  HIS   B ND1 1 
ATOM   28   C CD2 . HIS   A 1 4   ? 2.087   -12.577 -10.738 1.00 26.73 ? 10  HIS   B CD2 1 
ATOM   29   C CE1 . HIS   A 1 4   ? 3.330   -12.706 -12.551 1.00 32.62 ? 10  HIS   B CE1 1 
ATOM   30   N NE2 . HIS   A 1 4   ? 2.128   -12.353 -12.085 1.00 31.63 ? 10  HIS   B NE2 1 
ATOM   31   N N   . HIS   A 1 5   ? 4.675   -16.067 -6.875  1.00 30.10 ? 11  HIS   B N   1 
ATOM   32   C CA  . HIS   A 1 5   ? 5.054   -16.322 -5.458  1.00 31.62 ? 11  HIS   B CA  1 
ATOM   33   C C   . HIS   A 1 5   ? 6.575   -16.421 -5.276  1.00 29.74 ? 11  HIS   B C   1 
ATOM   34   O O   . HIS   A 1 5   ? 7.050   -15.920 -4.242  1.00 31.24 ? 11  HIS   B O   1 
ATOM   35   C CB  . HIS   A 1 5   ? 4.353   -17.579 -4.896  1.00 37.26 ? 11  HIS   B CB  1 
ATOM   36   C CG  . HIS   A 1 5   ? 2.870   -17.531 -5.032  1.00 45.34 ? 11  HIS   B CG  1 
ATOM   37   N ND1 . HIS   A 1 5   ? 2.209   -18.046 -6.149  1.00 53.66 ? 11  HIS   B ND1 1 
ATOM   38   C CD2 . HIS   A 1 5   ? 1.912   -17.014 -4.224  1.00 47.95 ? 11  HIS   B CD2 1 
ATOM   39   C CE1 . HIS   A 1 5   ? 0.906   -17.850 -6.016  1.00 53.13 ? 11  HIS   B CE1 1 
ATOM   40   N NE2 . HIS   A 1 5   ? 0.695   -17.210 -4.843  1.00 48.74 ? 11  HIS   B NE2 1 
ATOM   41   N N   . HIS   A 1 6   ? 7.328   -16.982 -6.239  1.00 28.02 ? 12  HIS   B N   1 
ATOM   42   C CA  . HIS   A 1 6   ? 8.802   -17.177 -6.154  1.00 28.47 ? 12  HIS   B CA  1 
ATOM   43   C C   . HIS   A 1 6   ? 9.583   -15.858 -6.186  1.00 26.85 ? 12  HIS   B C   1 
ATOM   44   O O   . HIS   A 1 6   ? 10.788  -15.896 -5.920  1.00 28.13 ? 12  HIS   B O   1 
ATOM   45   C CB  . HIS   A 1 6   ? 9.309   -18.122 -7.258  1.00 34.51 ? 12  HIS   B CB  1 
ATOM   46   C CG  . HIS   A 1 6   ? 8.988   -17.695 -8.646  1.00 33.72 ? 12  HIS   B CG  1 
ATOM   47   N ND1 . HIS   A 1 6   ? 9.974   -17.318 -9.551  1.00 41.41 ? 12  HIS   B ND1 1 
ATOM   48   C CD2 . HIS   A 1 6   ? 7.815   -17.620 -9.311  1.00 36.10 ? 12  HIS   B CD2 1 
ATOM   49   C CE1 . HIS   A 1 6   ? 9.421   -17.011 -10.705 1.00 33.85 ? 12  HIS   B CE1 1 
ATOM   50   N NE2 . HIS   A 1 6   ? 8.093   -17.182 -10.588 1.00 41.78 ? 12  HIS   B NE2 1 
ATOM   51   N N   . HIS   A 1 7   ? 8.968   -14.724 -6.559  1.00 22.10 ? 13  HIS   B N   1 
ATOM   52   C CA  . HIS   A 1 7   ? 9.594   -13.372 -6.482  1.00 19.65 ? 13  HIS   B CA  1 
ATOM   53   C C   . HIS   A 1 7   ? 9.338   -12.738 -5.119  1.00 17.75 ? 13  HIS   B C   1 
ATOM   54   O O   . HIS   A 1 7   ? 9.508   -11.530 -5.014  1.00 15.59 ? 13  HIS   B O   1 
ATOM   55   C CB  . HIS   A 1 7   ? 9.058   -12.494 -7.594  1.00 19.08 ? 13  HIS   B CB  1 
ATOM   56   C CG  . HIS   A 1 7   ? 9.329   -13.066 -8.953  1.00 19.16 ? 13  HIS   B CG  1 
ATOM   57   N ND1 . HIS   A 1 7   ? 10.629  -13.259 -9.405  1.00 19.25 ? 13  HIS   B ND1 1 
ATOM   58   C CD2 . HIS   A 1 7   ? 8.481   -13.425 -9.939  1.00 20.79 ? 13  HIS   B CD2 1 
ATOM   59   C CE1 . HIS   A 1 7   ? 10.552  -13.759 -10.620 1.00 19.46 ? 13  HIS   B CE1 1 
ATOM   60   N NE2 . HIS   A 1 7   ? 9.270   -13.875 -10.989 1.00 21.61 ? 13  HIS   B NE2 1 
ATOM   61   N N   . MET   A 1 8   ? 8.863   -13.498 -4.148  1.00 18.44 ? 14  MET   B N   1 
ATOM   62   C CA  . MET   A 1 8   ? 8.544   -13.008 -2.787  1.00 19.98 ? 14  MET   B CA  1 
ATOM   63   C C   . MET   A 1 8   ? 9.730   -12.244 -2.212  1.00 19.42 ? 14  MET   B C   1 
ATOM   64   O O   . MET   A 1 8   ? 10.910  -12.713 -2.257  1.00 22.63 ? 14  MET   B O   1 
ATOM   65   C CB  . MET   A 1 8   ? 8.212   -14.185 -1.859  1.00 24.28 ? 14  MET   B CB  1 
ATOM   66   C CG  . MET   A 1 8   ? 7.789   -13.801 -0.445  1.00 30.52 ? 14  MET   B CG  1 
ATOM   67   S SD  . MET   A 1 8   ? 6.131   -12.993 -0.317  1.00 40.82 ? 14  MET   B SD  1 
ATOM   68   C CE  . MET   A 1 8   ? 5.052   -14.419 -0.328  1.00 34.15 ? 14  MET   B CE  1 
ATOM   69   N N   . VAL   A 1 9   ? 9.465   -11.085 -1.634  1.00 16.60 ? 15  VAL   B N   1 
ATOM   70   C CA  . VAL   A 1 9   ? 10.466  -10.238 -0.940  1.00 18.27 ? 15  VAL   B CA  1 
ATOM   71   C C   . VAL   A 1 9   ? 9.943   -10.004 0.486   1.00 17.94 ? 15  VAL   B C   1 
ATOM   72   O O   . VAL   A 1 9   ? 8.737   -9.857  0.692   1.00 18.01 ? 15  VAL   B O   1 
ATOM   73   C CB  . VAL   A 1 9   ? 10.780  -8.917  -1.668  1.00 19.85 ? 15  VAL   B CB  1 
ATOM   74   C CG1 . VAL   A 1 9   ? 11.533  -9.185  -2.960  1.00 23.02 ? 15  VAL   B CG1 1 
ATOM   75   C CG2 . VAL   A 1 9   ? 9.545   -8.104  -1.982  1.00 20.35 ? 15  VAL   B CG2 1 
ATOM   76   N N   . HIS   A 1 10  ? 10.861  -9.855  1.439   1.00 18.28 ? 16  HIS   B N   1 
ATOM   77   C CA  . HIS   A 1 10  ? 10.546  -9.607  2.864   1.00 18.25 ? 16  HIS   B CA  1 
ATOM   78   C C   . HIS   A 1 10  ? 10.481  -8.097  3.070   1.00 18.74 ? 16  HIS   B C   1 
ATOM   79   O O   . HIS   A 1 10  ? 11.480  -7.419  2.949   1.00 22.55 ? 16  HIS   B O   1 
ATOM   80   C CB  . HIS   A 1 10  ? 11.603  -10.256 3.751   1.00 19.18 ? 16  HIS   B CB  1 
ATOM   81   C CG  . HIS   A 1 10  ? 11.312  -10.159 5.209   1.00 23.85 ? 16  HIS   B CG  1 
ATOM   82   N ND1 . HIS   A 1 10  ? 10.416  -10.988 5.823   1.00 27.18 ? 16  HIS   B ND1 1 
ATOM   83   C CD2 . HIS   A 1 10  ? 11.774  -9.308  6.149   1.00 27.08 ? 16  HIS   B CD2 1 
ATOM   84   C CE1 . HIS   A 1 10  ? 10.364  -10.690 7.118   1.00 24.22 ? 16  HIS   B CE1 1 
ATOM   85   N NE2 . HIS   A 1 10  ? 11.181  -9.637  7.332   1.00 30.16 ? 16  HIS   B NE2 1 
ATOM   86   N N   . ILE   A 1 11  ? 9.273   -7.565  3.180   1.00 14.74 ? 17  ILE   B N   1 
ATOM   87   C CA  . ILE   A 1 11  ? 9.088   -6.112  3.337   1.00 15.10 ? 17  ILE   B CA  1 
ATOM   88   C C   . ILE   A 1 11  ? 9.045   -5.783  4.846   1.00 14.66 ? 17  ILE   B C   1 
ATOM   89   O O   . ILE   A 1 11  ? 8.444   -6.529  5.588   1.00 14.62 ? 17  ILE   B O   1 
ATOM   90   C CB  . ILE   A 1 11  ? 7.787   -5.662  2.635   1.00 14.30 ? 17  ILE   B CB  1 
ATOM   91   C CG1 . ILE   A 1 11  ? 7.850   -5.950  1.127   1.00 15.77 ? 17  ILE   B CG1 1 
ATOM   92   C CG2 . ILE   A 1 11  ? 7.522   -4.189  2.930   1.00 13.97 ? 17  ILE   B CG2 1 
ATOM   93   C CD1 . ILE   A 1 11  ? 9.071   -5.432  0.388   1.00 15.11 ? 17  ILE   B CD1 1 
ATOM   94   N N   . THR   A 1 12  ? 9.635   -4.659  5.209   1.00 13.58 ? 18  THR   B N   1 
ATOM   95   C CA  . THR   A 1 12  ? 9.515   -4.102  6.585   1.00 14.96 ? 18  THR   B CA  1 
ATOM   96   C C   . THR   A 1 12  ? 9.127   -2.636  6.454   1.00 15.04 ? 18  THR   B C   1 
ATOM   97   O O   . THR   A 1 12  ? 9.377   -1.967  5.402   1.00 16.30 ? 18  THR   B O   1 
ATOM   98   C CB  . THR   A 1 12  ? 10.805  -4.279  7.388   1.00 17.22 ? 18  THR   B CB  1 
ATOM   99   O OG1 . THR   A 1 12  ? 11.864  -3.611  6.726   1.00 18.69 ? 18  THR   B OG1 1 
ATOM   100  C CG2 . THR   A 1 12  ? 11.139  -5.731  7.660   1.00 18.91 ? 18  THR   B CG2 1 
ATOM   101  N N   . LEU   A 1 13  ? 8.432   -2.129  7.482   1.00 13.45 ? 19  LEU   B N   1 
ATOM   102  C CA  . LEU   A 1 13  ? 7.932   -0.741  7.445   1.00 14.21 ? 19  LEU   B CA  1 
ATOM   103  C C   . LEU   A 1 13  ? 8.993   0.222   7.945   1.00 13.91 ? 19  LEU   B C   1 
ATOM   104  O O   . LEU   A 1 13  ? 9.726   -0.123  8.926   1.00 15.24 ? 19  LEU   B O   1 
ATOM   105  C CB  . LEU   A 1 13  ? 6.683   -0.674  8.302   1.00 13.75 ? 19  LEU   B CB  1 
ATOM   106  C CG  . LEU   A 1 13  ? 5.560   -1.556  7.793   1.00 13.57 ? 19  LEU   B CG  1 
ATOM   107  C CD1 . LEU   A 1 13  ? 4.381   -1.584  8.757   1.00 15.44 ? 19  LEU   B CD1 1 
ATOM   108  C CD2 . LEU   A 1 13  ? 5.119   -1.121  6.391   1.00 15.00 ? 19  LEU   B CD2 1 
ATOM   109  N N   . ASP   A 1 14  ? 9.065   1.386   7.371   1.00 12.55 ? 20  ASP   B N   1 
ATOM   110  C CA  . ASP   A 1 14  ? 10.019  2.463   7.724   1.00 13.31 ? 20  ASP   B CA  1 
ATOM   111  C C   . ASP   A 1 14  ? 9.311   3.472   8.660   1.00 14.31 ? 20  ASP   B C   1 
ATOM   112  O O   . ASP   A 1 14  ? 8.581   4.326   8.189   1.00 13.13 ? 20  ASP   B O   1 
ATOM   113  C CB  . ASP   A 1 14  ? 10.605  3.142   6.476   1.00 13.26 ? 20  ASP   B CB  1 
ATOM   114  C CG  . ASP   A 1 14  ? 11.637  4.220   6.719   1.00 17.90 ? 20  ASP   B CG  1 
ATOM   115  O OD1 . ASP   A 1 14  ? 11.763  4.616   7.902   1.00 17.17 ? 20  ASP   B OD1 1 
ATOM   116  O OD2 . ASP   A 1 14  ? 12.230  4.743   5.748   1.00 18.35 ? 20  ASP   B OD2 1 
ATOM   117  N N   A ARG   A 1 15  ? 9.585   3.327   9.966   0.25 15.30 ? 21  ARG   B N   1 
ATOM   118  N N   B ARG   A 1 15  ? 9.572   3.351   9.966   0.25 15.95 ? 21  ARG   B N   1 
ATOM   119  C CA  A ARG   A 1 15  ? 9.063   4.183   11.068  0.25 16.53 ? 21  ARG   B CA  1 
ATOM   120  C CA  B ARG   A 1 15  ? 8.946   4.198   11.017  0.25 17.48 ? 21  ARG   B CA  1 
ATOM   121  C C   A ARG   A 1 15  ? 9.129   5.657   10.652  0.25 16.37 ? 21  ARG   B C   1 
ATOM   122  C C   B ARG   A 1 15  ? 9.128   5.684   10.674  0.25 17.20 ? 21  ARG   B C   1 
ATOM   123  O O   A ARG   A 1 15  ? 8.081   6.404   10.802  0.25 18.25 ? 21  ARG   B O   1 
ATOM   124  O O   B ARG   A 1 15  ? 8.151   6.481   10.894  0.25 20.03 ? 21  ARG   B O   1 
ATOM   125  C CB  A ARG   A 1 15  ? 9.878   3.960   12.356  0.25 17.17 ? 21  ARG   B CB  1 
ATOM   126  C CB  B ARG   A 1 15  ? 9.527   3.856   12.399  0.25 19.50 ? 21  ARG   B CB  1 
ATOM   127  C CG  A ARG   A 1 15  ? 9.922   2.509   12.811  0.25 19.62 ? 21  ARG   B CG  1 
ATOM   128  C CG  B ARG   A 1 15  ? 9.018   2.540   12.969  0.25 22.16 ? 21  ARG   B CG  1 
ATOM   129  C CD  A ARG   A 1 15  ? 10.585  2.310   14.169  0.25 19.49 ? 21  ARG   B CD  1 
ATOM   130  C CD  B ARG   A 1 15  ? 10.065  1.434   12.985  0.25 25.92 ? 21  ARG   B CD  1 
ATOM   131  N NE  A ARG   A 1 15  ? 10.177  1.029   14.714  0.25 19.69 ? 21  ARG   B NE  1 
ATOM   132  N NE  B ARG   A 1 15  ? 11.052  1.542   14.063  0.25 28.38 ? 21  ARG   B NE  1 
ATOM   133  C CZ  A ARG   A 1 15  ? 8.977   0.829   15.222  0.25 18.87 ? 21  ARG   B CZ  1 
ATOM   134  C CZ  B ARG   A 1 15  ? 12.342  1.850   13.907  0.25 31.27 ? 21  ARG   B CZ  1 
ATOM   135  N NH1 A ARG   A 1 15  ? 8.144   1.847   15.280  0.25 20.67 ? 21  ARG   B NH1 1 
ATOM   136  N NH1 B ARG   A 1 15  ? 12.848  2.084   12.709  0.25 33.68 ? 21  ARG   B NH1 1 
ATOM   137  N NH2 A ARG   A 1 15  ? 8.623   -0.357  15.675  0.25 19.92 ? 21  ARG   B NH2 1 
ATOM   138  N NH2 B ARG   A 1 15  ? 13.131  1.919   14.964  0.25 32.69 ? 21  ARG   B NH2 1 
ATOM   139  N N   . ASN   A 1 16  ? 10.295  6.072   10.129  1.00 15.34 ? 22  ASN   B N   1 
ATOM   140  C CA  . ASN   A 1 16  ? 10.579  7.498   9.894   1.00 16.77 ? 22  ASN   B CA  1 
ATOM   141  C C   . ASN   A 1 16  ? 9.598   8.144   8.932   1.00 14.93 ? 22  ASN   B C   1 
ATOM   142  O O   . ASN   A 1 16  ? 9.441   9.355   8.940   1.00 14.30 ? 22  ASN   B O   1 
ATOM   143  C CB  . ASN   A 1 16  ? 12.046  7.665   9.494   1.00 20.33 ? 22  ASN   B CB  1 
ATOM   144  C CG  . ASN   A 1 16  ? 12.962  7.530   10.692  1.00 26.91 ? 22  ASN   B CG  1 
ATOM   145  O OD1 . ASN   A 1 16  ? 12.537  7.711   11.830  1.00 32.84 ? 22  ASN   B OD1 1 
ATOM   146  N ND2 . ASN   A 1 16  ? 14.199  7.151   10.432  1.00 39.08 ? 22  ASN   B ND2 1 
ATOM   147  N N   . THR   A 1 17  ? 8.961   7.334   8.060   1.00 13.19 ? 23  THR   B N   1 
ATOM   148  C CA  . THR   A 1 17  ? 8.031   7.820   7.044   1.00 12.55 ? 23  THR   B CA  1 
ATOM   149  C C   . THR   A 1 17  ? 6.600   7.865   7.580   1.00 11.56 ? 23  THR   B C   1 
ATOM   150  O O   . THR   A 1 17  ? 5.727   8.426   6.908   1.00 11.67 ? 23  THR   B O   1 
ATOM   151  C CB  . THR   A 1 17  ? 8.051   6.989   5.747   1.00 12.55 ? 23  THR   B CB  1 
ATOM   152  O OG1 . THR   A 1 17  ? 7.525   5.690   5.986   1.00 12.73 ? 23  THR   B OG1 1 
ATOM   153  C CG2 . THR   A 1 17  ? 9.449   6.958   5.147   1.00 13.33 ? 23  THR   B CG2 1 
ATOM   154  N N   . ALA   A 1 18  ? 6.365   7.237   8.708   1.00 11.84 ? 24  ALA   B N   1 
ATOM   155  C CA  . ALA   A 1 18  ? 4.985   7.020   9.208   1.00 12.27 ? 24  ALA   B CA  1 
ATOM   156  C C   . ALA   A 1 18  ? 4.348   8.338   9.627   1.00 12.70 ? 24  ALA   B C   1 
ATOM   157  O O   . ALA   A 1 18  ? 4.975   9.158   10.352  1.00 13.26 ? 24  ALA   B O   1 
ATOM   158  C CB  . ALA   A 1 18  ? 4.994   6.067   10.363  1.00 12.75 ? 24  ALA   B CB  1 
ATOM   159  N N   . ASN   A 1 19  ? 3.082   8.535   9.348   1.00 12.10 ? 25  ASN   B N   1 
ATOM   160  C CA  . ASN   A 1 19  ? 2.273   9.535   10.060  1.00 11.83 ? 25  ASN   B CA  1 
ATOM   161  C C   . ASN   A 1 19  ? 2.470   9.318   11.569  1.00 10.99 ? 25  ASN   B C   1 
ATOM   162  O O   . ASN   A 1 19  ? 2.567   8.196   12.054  1.00 11.08 ? 25  ASN   B O   1 
ATOM   163  C CB  . ASN   A 1 19  ? 0.838   9.384   9.592   1.00 13.06 ? 25  ASN   B CB  1 
ATOM   164  C CG  . ASN   A 1 19  ? -0.079  10.293  10.350  1.00 13.78 ? 25  ASN   B CG  1 
ATOM   165  O OD1 . ASN   A 1 19  ? -0.559  9.978   11.430  1.00 14.41 ? 25  ASN   B OD1 1 
ATOM   166  N ND2 . ASN   A 1 19  ? -0.304  11.446  9.788   1.00 16.62 ? 25  ASN   B ND2 1 
ATOM   167  N N   . SER   A 1 20  ? 2.461   10.425  12.301  1.00 11.17 ? 26  SER   B N   1 
ATOM   168  C CA  . SER   A 1 20  ? 2.764   10.454  13.748  1.00 11.79 ? 26  SER   B CA  1 
ATOM   169  C C   . SER   A 1 20  ? 1.719   9.744   14.590  1.00 12.19 ? 26  SER   B C   1 
ATOM   170  O O   . SER   A 1 20  ? 2.030   9.527   15.764  1.00 13.16 ? 26  SER   B O   1 
ATOM   171  C CB  . SER   A 1 20  ? 2.933   11.894  14.197  1.00 12.91 ? 26  SER   B CB  1 
ATOM   172  O OG  . SER   A 1 20  ? 1.716   12.573  14.002  1.00 15.60 ? 26  SER   B OG  1 
ATOM   173  N N   . TRP   A 1 21  ? 0.566   9.348   14.074  1.00 10.74 ? 27  TRP   B N   1 
ATOM   174  C CA  . TRP   A 1 21  ? -0.455  8.606   14.833  1.00 11.24 ? 27  TRP   B CA  1 
ATOM   175  C C   . TRP   A 1 21  ? -0.328  7.095   14.666  1.00 11.58 ? 27  TRP   B C   1 
ATOM   176  O O   . TRP   A 1 21  ? -1.068  6.345   15.291  1.00 12.12 ? 27  TRP   B O   1 
ATOM   177  C CB  . TRP   A 1 21  ? -1.831  9.082   14.450  1.00 12.34 ? 27  TRP   B CB  1 
ATOM   178  C CG  . TRP   A 1 21  ? -2.195  10.428  15.007  1.00 12.85 ? 27  TRP   B CG  1 
ATOM   179  C CD1 . TRP   A 1 21  ? -1.448  11.568  14.982  1.00 13.62 ? 27  TRP   B CD1 1 
ATOM   180  C CD2 . TRP   A 1 21  ? -3.424  10.755  15.650  1.00 14.48 ? 27  TRP   B CD2 1 
ATOM   181  N NE1 . TRP   A 1 21  ? -2.146  12.583  15.603  1.00 15.68 ? 27  TRP   B NE1 1 
ATOM   182  C CE2 . TRP   A 1 21  ? -3.357  12.125  15.978  1.00 13.68 ? 27  TRP   B CE2 1 
ATOM   183  C CE3 . TRP   A 1 21  ? -4.564  10.021  15.991  1.00 16.19 ? 27  TRP   B CE3 1 
ATOM   184  C CZ2 . TRP   A 1 21  ? -4.421  12.781  16.631  1.00 17.71 ? 27  TRP   B CZ2 1 
ATOM   185  C CZ3 . TRP   A 1 21  ? -5.619  10.677  16.623  1.00 18.72 ? 27  TRP   B CZ3 1 
ATOM   186  C CH2 . TRP   A 1 21  ? -5.543  12.039  16.888  1.00 19.60 ? 27  TRP   B CH2 1 
ATOM   187  N N   . LEU   A 1 22  ? 0.601   6.659   13.783  1.00 11.02 ? 28  LEU   B N   1 
ATOM   188  C CA  . LEU   A 1 22  ? 0.682   5.213   13.505  1.00 11.80 ? 28  LEU   B CA  1 
ATOM   189  C C   . LEU   A 1 22  ? 1.548   4.517   14.568  1.00 12.06 ? 28  LEU   B C   1 
ATOM   190  O O   . LEU   A 1 22  ? 2.542   5.074   15.056  1.00 12.60 ? 28  LEU   B O   1 
ATOM   191  C CB  . LEU   A 1 22  ? 1.275   4.960   12.117  1.00 10.78 ? 28  LEU   B CB  1 
ATOM   192  C CG  . LEU   A 1 22  ? 0.441   5.471   10.959  1.00 11.99 ? 28  LEU   B CG  1 
ATOM   193  C CD1 . LEU   A 1 22  ? 1.092   5.140   9.633   1.00 11.81 ? 28  LEU   B CD1 1 
ATOM   194  C CD2 . LEU   A 1 22  ? -0.946  4.945   10.971  1.00 12.90 ? 28  LEU   B CD2 1 
ATOM   195  N N   . ILE   A 1 23  ? 1.194   3.272   14.806  1.00 11.07 ? 29  ILE   B N   1 
ATOM   196  C CA  . ILE   A 1 23  ? 1.926   2.339   15.702  1.00 12.68 ? 29  ILE   B CA  1 
ATOM   197  C C   . ILE   A 1 23  ? 2.402   1.163   14.862  1.00 13.12 ? 29  ILE   B C   1 
ATOM   198  O O   . ILE   A 1 23  ? 1.567   0.382   14.331  1.00 13.27 ? 29  ILE   B O   1 
ATOM   199  C CB  . ILE   A 1 23  ? 1.057   1.875   16.849  1.00 13.42 ? 29  ILE   B CB  1 
ATOM   200  C CG1 . ILE   A 1 23  ? 0.526   3.047   17.718  1.00 13.68 ? 29  ILE   B CG1 1 
ATOM   201  C CG2 . ILE   A 1 23  ? 1.834   0.861   17.716  1.00 15.54 ? 29  ILE   B CG2 1 
ATOM   202  C CD1 . ILE   A 1 23  ? -0.477  2.673   18.718  1.00 15.72 ? 29  ILE   B CD1 1 
ATOM   203  N N   . ILE   A 1 24  ? 3.715   1.069   14.731  1.00 14.88 ? 30  ILE   B N   1 
ATOM   204  C CA  . ILE   A 1 24  ? 4.367   -0.029  13.964  1.00 14.70 ? 30  ILE   B CA  1 
ATOM   205  C C   . ILE   A 1 24  ? 4.884   -1.060  14.938  1.00 16.15 ? 30  ILE   B C   1 
ATOM   206  O O   . ILE   A 1 24  ? 5.553   -0.689  15.972  1.00 17.01 ? 30  ILE   B O   1 
ATOM   207  C CB  . ILE   A 1 24  ? 5.450   0.536   13.070  1.00 15.46 ? 30  ILE   B CB  1 
ATOM   208  C CG1 . ILE   A 1 24  ? 4.867   1.391   11.952  1.00 18.65 ? 30  ILE   B CG1 1 
ATOM   209  C CG2 . ILE   A 1 24  ? 6.319   -0.580  12.475  1.00 16.30 ? 30  ILE   B CG2 1 
ATOM   210  C CD1 . ILE   A 1 24  ? 5.812   2.127   11.246  1.00 20.87 ? 30  ILE   B CD1 1 
ATOM   211  N N   . SER   A 1 25  ? 4.627   -2.326  14.720  1.00 15.90 ? 31  SER   B N   1 
ATOM   212  C CA  . SER   A 1 25  ? 5.063   -3.394  15.631  1.00 15.71 ? 31  SER   B CA  1 
ATOM   213  C C   . SER   A 1 25  ? 6.605   -3.472  15.692  1.00 14.13 ? 31  SER   B C   1 
ATOM   214  O O   . SER   A 1 25  ? 7.309   -3.010  14.816  1.00 15.01 ? 31  SER   B O   1 
ATOM   215  C CB  . SER   A 1 25  ? 4.438   -4.670  15.193  1.00 16.77 ? 31  SER   B CB  1 
ATOM   216  O OG  . SER   A 1 25  ? 4.884   -4.971  13.860  1.00 16.47 ? 31  SER   B OG  1 
ATOM   217  N N   . LYS   A 1 26  ? 7.095   -4.116  16.765  1.00 18.35 ? 32  LYS   B N   1 
ATOM   218  C CA  . LYS   A 1 26  ? 8.549   -4.316  16.969  1.00 18.54 ? 32  LYS   B CA  1 
ATOM   219  C C   . LYS   A 1 26  ? 9.194   -4.966  15.736  1.00 17.01 ? 32  LYS   B C   1 
ATOM   220  O O   . LYS   A 1 26  ? 10.310  -4.582  15.420  1.00 19.62 ? 32  LYS   B O   1 
ATOM   221  C CB  . LYS   A 1 26  ? 8.753   -5.201  18.206  1.00 21.03 ? 32  LYS   B CB  1 
ATOM   222  C CG  . LYS   A 1 26  ? 10.203  -5.492  18.493  1.00 23.18 ? 32  LYS   B CG  1 
ATOM   223  C CD  . LYS   A 1 26  ? 10.360  -5.848  19.945  1.00 23.86 ? 32  LYS   B CD  1 
ATOM   224  C CE  . LYS   A 1 26  ? 9.449   -6.995  20.294  1.00 29.52 ? 32  LYS   B CE  1 
ATOM   225  N NZ  . LYS   A 1 26  ? 9.639   -7.341  21.706  1.00 31.72 ? 32  LYS   B NZ  1 
ATOM   226  N N   . ASP   A 1 27  ? 8.535   -5.961  15.139  1.00 17.36 ? 33  ASP   B N   1 
ATOM   227  C CA  . ASP   A 1 27  ? 9.103   -6.690  13.964  1.00 16.36 ? 33  ASP   B CA  1 
ATOM   228  C C   . ASP   A 1 27  ? 8.986   -5.843  12.679  1.00 15.72 ? 33  ASP   B C   1 
ATOM   229  O O   . ASP   A 1 27  ? 9.488   -6.299  11.641  1.00 15.83 ? 33  ASP   B O   1 
ATOM   230  C CB  . ASP   A 1 27  ? 8.511   -8.090  13.830  1.00 17.74 ? 33  ASP   B CB  1 
ATOM   231  C CG  . ASP   A 1 27  ? 7.046   -8.162  13.467  1.00 17.57 ? 33  ASP   B CG  1 
ATOM   232  O OD1 . ASP   A 1 27  ? 6.421   -7.063  13.293  1.00 17.97 ? 33  ASP   B OD1 1 
ATOM   233  O OD2 . ASP   A 1 27  ? 6.562   -9.305  13.357  1.00 21.22 ? 33  ASP   B OD2 1 
ATOM   234  N N   . ARG   A 1 28  ? 8.398   -4.659  12.733  1.00 14.30 ? 34  ARG   B N   1 
ATOM   235  C CA  . ARG   A 1 28  ? 8.202   -3.752  11.584  1.00 14.12 ? 34  ARG   B CA  1 
ATOM   236  C C   . ARG   A 1 28  ? 7.364   -4.450  10.490  1.00 11.81 ? 34  ARG   B C   1 
ATOM   237  O O   . ARG   A 1 28  ? 7.467   -4.020  9.309   1.00 13.05 ? 34  ARG   B O   1 
ATOM   238  C CB  . ARG   A 1 28  ? 9.544   -3.202  11.094  1.00 17.16 ? 34  ARG   B CB  1 
ATOM   239  C CG  . ARG   A 1 28  ? 10.257  -2.361  12.151  1.00 22.09 ? 34  ARG   B CG  1 
ATOM   240  C CD  . ARG   A 1 28  ? 11.571  -1.746  11.754  1.00 29.36 ? 34  ARG   B CD  1 
ATOM   241  N NE  . ARG   A 1 28  ? 12.482  -2.596  11.003  1.00 38.22 ? 34  ARG   B NE  1 
ATOM   242  C CZ  . ARG   A 1 28  ? 12.750  -2.539  9.670   1.00 51.91 ? 34  ARG   B CZ  1 
ATOM   243  N NH1 . ARG   A 1 28  ? 12.178  -1.659  8.838   1.00 39.28 ? 34  ARG   B NH1 1 
ATOM   244  N NH2 . ARG   A 1 28  ? 13.631  -3.397  9.166   1.00 58.61 ? 34  ARG   B NH2 1 
ATOM   245  N N   . ARG   A 1 29  ? 6.494   -5.357  10.844  1.00 11.31 ? 35  ARG   B N   1 
ATOM   246  C CA  . ARG   A 1 29  ? 5.641   -6.073  9.867   1.00 12.76 ? 35  ARG   B CA  1 
ATOM   247  C C   . ARG   A 1 29  ? 4.167   -5.721  10.002  1.00 12.80 ? 35  ARG   B C   1 
ATOM   248  O O   . ARG   A 1 29  ? 3.377   -6.144  9.127   1.00 13.66 ? 35  ARG   B O   1 
ATOM   249  C CB  . ARG   A 1 29  ? 5.815   -7.591  9.996   1.00 13.74 ? 35  ARG   B CB  1 
ATOM   250  C CG  . ARG   A 1 29  ? 7.242   -8.043  9.717   1.00 15.73 ? 35  ARG   B CG  1 
ATOM   251  C CD  . ARG   A 1 29  ? 7.559   -8.238  8.270   1.00 16.61 ? 35  ARG   B CD  1 
ATOM   252  N NE  . ARG   A 1 29  ? 6.974   -9.502  7.811   1.00 17.65 ? 35  ARG   B NE  1 
ATOM   253  C CZ  . ARG   A 1 29  ? 6.910   -9.913  6.530   1.00 17.94 ? 35  ARG   B CZ  1 
ATOM   254  N NH1 . ARG   A 1 29  ? 7.446   -9.175  5.599   1.00 17.81 ? 35  ARG   B NH1 1 
ATOM   255  N NH2 . ARG   A 1 29  ? 6.383   -11.079 6.239   1.00 19.81 ? 35  ARG   B NH2 1 
ATOM   256  N N   . GLN   A 1 30  ? 3.745   -4.990  11.035  1.00 11.90 ? 36  GLN   B N   1 
ATOM   257  C CA  . GLN   A 1 30  ? 2.343   -4.619  11.249  1.00 12.63 ? 36  GLN   B CA  1 
ATOM   258  C C   . GLN   A 1 30  ? 2.246   -3.126  11.547  1.00 12.45 ? 36  GLN   B C   1 
ATOM   259  O O   . GLN   A 1 30  ? 3.170   -2.528  12.155  1.00 13.24 ? 36  GLN   B O   1 
ATOM   260  C CB  . GLN   A 1 30  ? 1.726   -5.394  12.411  1.00 14.95 ? 36  GLN   B CB  1 
ATOM   261  C CG  . GLN   A 1 30  ? 1.958   -6.877  12.333  1.00 18.36 ? 36  GLN   B CG  1 
ATOM   262  C CD  . GLN   A 1 30  ? 1.076   -7.587  13.335  1.00 22.50 ? 36  GLN   B CD  1 
ATOM   263  O OE1 . GLN   A 1 30  ? 0.094   -7.039  13.858  1.00 25.89 ? 36  GLN   B OE1 1 
ATOM   264  N NE2 . GLN   A 1 30  ? 1.456   -8.803  13.650  1.00 25.96 ? 36  GLN   B NE2 1 
ATOM   265  N N   . VAL   A 1 31  ? 1.137   -2.523  11.160  1.00 11.42 ? 37  VAL   B N   1 
ATOM   266  C CA  . VAL   A 1 31  ? 0.886   -1.089  11.433  1.00 11.50 ? 37  VAL   B CA  1 
ATOM   267  C C   . VAL   A 1 31  ? -0.600  -0.912  11.695  1.00 11.81 ? 37  VAL   B C   1 
ATOM   268  O O   . VAL   A 1 31  ? -1.427  -1.463  10.989  1.00 10.97 ? 37  VAL   B O   1 
ATOM   269  C CB  . VAL   A 1 31  ? 1.443   -0.202  10.324  1.00 11.05 ? 37  VAL   B CB  1 
ATOM   270  C CG1 . VAL   A 1 31  ? 0.859   -0.551  8.943   1.00 11.17 ? 37  VAL   B CG1 1 
ATOM   271  C CG2 . VAL   A 1 31  ? 1.218   1.270   10.635  1.00 11.55 ? 37  VAL   B CG2 1 
ATOM   272  N N   . ARG   A 1 32  ? -0.917  -0.073  12.666  1.00 11.56 ? 38  ARG   B N   1 
ATOM   273  C CA  . ARG   A 1 32  ? -2.304  0.321   12.945  1.00 12.06 ? 38  ARG   B CA  1 
ATOM   274  C C   . ARG   A 1 32  ? -2.354  1.797   13.372  1.00 11.37 ? 38  ARG   B C   1 
ATOM   275  O O   . ARG   A 1 32  ? -1.351  2.403   13.756  1.00 10.87 ? 38  ARG   B O   1 
ATOM   276  C CB  . ARG   A 1 32  ? -2.920  -0.552  14.034  1.00 13.08 ? 38  ARG   B CB  1 
ATOM   277  C CG  . ARG   A 1 32  ? -2.306  -0.329  15.403  1.00 15.46 ? 38  ARG   B CG  1 
ATOM   278  C CD  . ARG   A 1 32  ? -2.878  -1.381  16.363  1.00 18.41 ? 38  ARG   B CD  1 
ATOM   279  N NE  . ARG   A 1 32  ? -2.312  -1.234  17.689  1.00 23.25 ? 38  ARG   B NE  1 
ATOM   280  C CZ  . ARG   A 1 32  ? -2.801  -0.446  18.627  1.00 20.09 ? 38  ARG   B CZ  1 
ATOM   281  N NH1 . ARG   A 1 32  ? -3.849  0.319   18.419  1.00 23.21 ? 38  ARG   B NH1 1 
ATOM   282  N NH2 . ARG   A 1 32  ? -2.177  -0.408  19.809  1.00 25.96 ? 38  ARG   B NH2 1 
ATOM   283  N N   . MET   A 1 33  ? -3.563  2.352   13.286  0.42 11.68 ? 39  MET   B N   1 
ATOM   284  C CA  . MET   A 1 33  ? -3.891  3.721   13.768  0.42 12.17 ? 39  MET   B CA  1 
ATOM   285  C C   . MET   A 1 33  ? -3.848  3.744   15.307  0.42 11.70 ? 39  MET   B C   1 
ATOM   286  O O   . MET   A 1 33  ? -4.522  2.917   15.931  0.42 11.66 ? 39  MET   B O   1 
ATOM   287  C CB  . MET   A 1 33  ? -5.283  4.113   13.257  0.42 12.67 ? 39  MET   B CB  1 
ATOM   288  C CG  . MET   A 1 33  ? -5.813  5.430   13.797  0.42 13.57 ? 39  MET   B CG  1 
ATOM   289  S SD  . MET   A 1 33  ? -4.753  6.829   13.366  0.42 15.24 ? 39  MET   B SD  1 
ATOM   290  C CE  . MET   A 1 33  ? -5.457  7.382   11.818  0.42 14.76 ? 39  MET   B CE  1 
ATOM   291  N N   . GLY   A 1 34  ? -3.027  4.631   15.876  0.42 11.81 ? 40  GLY   B N   1 
ATOM   292  C CA  . GLY   A 1 34  ? -3.000  4.909   17.328  0.42 12.48 ? 40  GLY   B CA  1 
ATOM   293  C C   . GLY   A 1 34  ? -4.129  5.846   17.739  0.42 12.46 ? 40  GLY   B C   1 
ATOM   294  O O   . GLY   A 1 34  ? -4.700  6.505   16.844  0.42 12.04 ? 40  GLY   B O   1 
ATOM   295  N N   . ASP   A 1 35  ? -4.427  5.923   19.045  0.42 13.14 ? 41  ASP   B N   1 
ATOM   296  C CA  . ASP   A 1 35  ? -5.569  6.711   19.609  0.42 15.63 ? 41  ASP   B CA  1 
ATOM   297  C C   . ASP   A 1 35  ? -5.305  8.213   19.455  0.42 15.71 ? 41  ASP   B C   1 
ATOM   298  O O   . ASP   A 1 35  ? -6.275  9.032   19.219  0.42 16.98 ? 41  ASP   B O   1 
ATOM   299  C CB  . ASP   A 1 35  ? -5.792  6.417   21.100  0.42 16.66 ? 41  ASP   B CB  1 
ATOM   300  C CG  . ASP   A 1 35  ? -6.280  5.007   21.388  0.42 19.14 ? 41  ASP   B CG  1 
ATOM   301  O OD1 . ASP   A 1 35  ? -6.727  4.331   20.444  0.42 21.41 ? 41  ASP   B OD1 1 
ATOM   302  O OD2 . ASP   A 1 35  ? -6.205  4.600   22.555  0.42 21.95 ? 41  ASP   B OD2 1 
ATOM   303  N N   . THR   A 1 36  ? -4.042  8.562   19.638  0.42 15.35 ? 42  THR   B N   1 
ATOM   304  C CA  . THR   A 1 36  ? -3.528  9.949   19.658  0.42 15.32 ? 42  THR   B CA  1 
ATOM   305  C C   . THR   A 1 36  ? -2.225  9.960   18.875  0.42 14.53 ? 42  THR   B C   1 
ATOM   306  O O   . THR   A 1 36  ? -1.800  8.867   18.367  0.42 15.88 ? 42  THR   B O   1 
ATOM   307  C CB  . THR   A 1 36  ? -3.243  10.430  21.088  0.42 15.41 ? 42  THR   B CB  1 
ATOM   308  O OG1 . THR   A 1 36  ? -2.867  11.806  21.049  0.42 17.55 ? 42  THR   B OG1 1 
ATOM   309  C CG2 . THR   A 1 36  ? -2.131  9.653   21.763  0.42 15.15 ? 42  THR   B CG2 1 
ATOM   310  N N   . HIS   A 1 37  ? -1.563  11.111  18.900  1.00 14.19 ? 43  HIS   B N   1 
ATOM   311  C CA  . HIS   A 1 37  ? -0.158  11.283  18.472  1.00 13.53 ? 43  HIS   B CA  1 
ATOM   312  C C   . HIS   A 1 37  ? 0.732   10.311  19.231  1.00 14.78 ? 43  HIS   B C   1 
ATOM   313  O O   . HIS   A 1 37  ? 0.603   10.236  20.499  1.00 14.80 ? 43  HIS   B O   1 
ATOM   314  C CB  . HIS   A 1 37  ? 0.217   12.750  18.687  1.00 13.29 ? 43  HIS   B CB  1 
ATOM   315  C CG  . HIS   A 1 37  ? 1.527   13.189  18.184  1.00 12.41 ? 43  HIS   B CG  1 
ATOM   316  N ND1 . HIS   A 1 37  ? 2.736   12.792  18.740  1.00 12.85 ? 43  HIS   B ND1 1 
ATOM   317  C CD2 . HIS   A 1 37  ? 1.830   14.085  17.210  1.00 13.12 ? 43  HIS   B CD2 1 
ATOM   318  C CE1 . HIS   A 1 37  ? 3.713   13.400  18.115  1.00 13.35 ? 43  HIS   B CE1 1 
ATOM   319  N NE2 . HIS   A 1 37  ? 3.170   14.220  17.133  1.00 12.95 ? 43  HIS   B NE2 1 
ATOM   320  N N   . GLN   A 1 38  ? 1.667   9.651   18.561  1.00 13.08 ? 44  GLN   B N   1 
ATOM   321  C CA  . GLN   A 1 38  ? 2.439   8.582   19.190  1.00 12.98 ? 44  GLN   B CA  1 
ATOM   322  C C   . GLN   A 1 38  ? 3.770   9.084   19.767  1.00 14.47 ? 44  GLN   B C   1 
ATOM   323  O O   . GLN   A 1 38  ? 4.670   8.256   20.030  1.00 15.33 ? 44  GLN   B O   1 
ATOM   324  C CB  . GLN   A 1 38  ? 2.613   7.435   18.184  1.00 12.64 ? 44  GLN   B CB  1 
ATOM   325  C CG  . GLN   A 1 38  ? 1.318   6.749   17.901  1.00 12.64 ? 44  GLN   B CG  1 
ATOM   326  C CD  . GLN   A 1 38  ? 0.606   6.236   19.119  1.00 13.52 ? 44  GLN   B CD  1 
ATOM   327  O OE1 . GLN   A 1 38  ? -0.577  6.474   19.376  1.00 16.75 ? 44  GLN   B OE1 1 
ATOM   328  N NE2 . GLN   A 1 38  ? 1.332   5.526   19.958  1.00 12.51 ? 44  GLN   B NE2 1 
ATOM   329  N N   . ASN   A 1 39  ? 3.916   10.389  19.963  1.00 13.96 ? 45  ASN   B N   1 
ATOM   330  C CA  . ASN   A 1 39  ? 5.025   10.945  20.792  1.00 13.61 ? 45  ASN   B CA  1 
ATOM   331  C C   . ASN   A 1 39  ? 6.351   10.840  20.089  1.00 14.28 ? 45  ASN   B C   1 
ATOM   332  O O   . ASN   A 1 39  ? 7.399   10.716  20.724  1.00 15.92 ? 45  ASN   B O   1 
ATOM   333  C CB  . ASN   A 1 39  ? 5.081   10.350  22.218  1.00 13.87 ? 45  ASN   B CB  1 
ATOM   334  C CG  . ASN   A 1 39  ? 5.760   11.299  23.192  1.00 13.48 ? 45  ASN   B CG  1 
ATOM   335  O OD1 . ASN   A 1 39  ? 5.722   12.516  23.054  1.00 12.72 ? 45  ASN   B OD1 1 
ATOM   336  N ND2 . ASN   A 1 39  ? 6.450   10.730  24.199  1.00 13.06 ? 45  ASN   B ND2 1 
ATOM   337  N N   . VAL   A 1 40  ? 6.350   10.980  18.774  1.00 15.60 ? 46  VAL   B N   1 
ATOM   338  C CA  . VAL   A 1 40  ? 7.552   11.023  17.901  1.00 16.19 ? 46  VAL   B CA  1 
ATOM   339  C C   . VAL   A 1 40  ? 7.828   12.481  17.469  1.00 15.28 ? 46  VAL   B C   1 
ATOM   340  O O   . VAL   A 1 40  ? 6.902   13.246  17.333  1.00 15.30 ? 46  VAL   B O   1 
ATOM   341  C CB  . VAL   A 1 40  ? 7.386   10.097  16.677  1.00 16.98 ? 46  VAL   B CB  1 
ATOM   342  C CG1 . VAL   A 1 40  ? 7.361   8.630   17.098  1.00 19.80 ? 46  VAL   B CG1 1 
ATOM   343  C CG2 . VAL   A 1 40  ? 6.167   10.438  15.828  1.00 18.37 ? 46  VAL   B CG2 1 
ATOM   344  N N   . SER   A 1 41  ? 9.064   12.821  17.153  1.00 16.99 ? 47  SER   B N   1 
ATOM   345  C CA  . SER   A 1 41  ? 9.397   14.110  16.539  1.00 17.62 ? 47  SER   B CA  1 
ATOM   346  C C   . SER   A 1 41  ? 8.921   14.174  15.092  1.00 16.41 ? 47  SER   B C   1 
ATOM   347  O O   . SER   A 1 41  ? 8.805   13.126  14.429  1.00 16.56 ? 47  SER   B O   1 
ATOM   348  C CB  . SER   A 1 41  ? 10.894  14.381  16.636  1.00 20.65 ? 47  SER   B CB  1 
ATOM   349  O OG  . SER   A 1 41  ? 11.626  13.354  15.979  1.00 22.70 ? 47  SER   B OG  1 
ATOM   350  N N   . ASP   A 1 42  ? 8.660   15.357  14.580  1.00 16.74 ? 48  ASP   B N   1 
ATOM   351  C CA  . ASP   A 1 42  ? 8.293   15.565  13.165  1.00 16.47 ? 48  ASP   B CA  1 
ATOM   352  C C   . ASP   A 1 42  ? 9.559   15.515  12.314  1.00 18.20 ? 48  ASP   B C   1 
ATOM   353  O O   . ASP   A 1 42  ? 10.673  15.758  12.819  1.00 18.41 ? 48  ASP   B O   1 
ATOM   354  C CB  . ASP   A 1 42  ? 7.521   16.860  12.980  1.00 18.46 ? 48  ASP   B CB  1 
ATOM   355  C CG  . ASP   A 1 42  ? 6.905   16.937  11.610  1.00 23.10 ? 48  ASP   B CG  1 
ATOM   356  O OD1 . ASP   A 1 42  ? 6.426   15.857  11.072  1.00 18.13 ? 48  ASP   B OD1 1 
ATOM   357  O OD2 . ASP   A 1 42  ? 7.089   18.027  11.009  1.00 28.88 ? 48  ASP   B OD2 1 
ATOM   358  N N   . ASN   A 1 43  ? 9.397   15.187  11.024  1.00 16.30 ? 49  ASN   B N   1 
ATOM   359  C CA  . ASN   A 1 43  ? 10.522  15.179  10.061  1.00 17.74 ? 49  ASN   B CA  1 
ATOM   360  C C   . ASN   A 1 43  ? 9.924   15.298  8.667   1.00 17.73 ? 49  ASN   B C   1 
ATOM   361  O O   . ASN   A 1 43  ? 8.683   15.229  8.508   1.00 18.00 ? 49  ASN   B O   1 
ATOM   362  C CB  . ASN   A 1 43  ? 11.428  13.984  10.221  1.00 16.68 ? 49  ASN   B CB  1 
ATOM   363  C CG  . ASN   A 1 43  ? 10.772  12.684  9.789   1.00 17.12 ? 49  ASN   B CG  1 
ATOM   364  O OD1 . ASN   A 1 43  ? 10.247  12.591  8.680   1.00 18.39 ? 49  ASN   B OD1 1 
ATOM   365  N ND2 . ASN   A 1 43  ? 10.735  11.701  10.599  1.00 16.16 ? 49  ASN   B ND2 1 
ATOM   366  N N   . LYS   A 1 44  ? 10.759  15.596  7.690   1.00 18.62 ? 50  LYS   B N   1 
ATOM   367  C CA  . LYS   A 1 44  ? 10.263  15.929  6.336   1.00 19.90 ? 50  LYS   B CA  1 
ATOM   368  C C   . LYS   A 1 44  ? 9.751   14.656  5.619   1.00 17.06 ? 50  LYS   B C   1 
ATOM   369  O O   . LYS   A 1 44  ? 9.024   14.832  4.620   1.00 17.92 ? 50  LYS   B O   1 
ATOM   370  C CB  . LYS   A 1 44  ? 11.385  16.555  5.491   1.00 23.46 ? 50  LYS   B CB  1 
ATOM   371  C CG  . LYS   A 1 44  ? 12.549  15.626  5.238   1.00 28.67 ? 50  LYS   B CG  1 
ATOM   372  C CD  . LYS   A 1 44  ? 13.693  16.225  4.424   1.00 40.94 ? 50  LYS   B CD  1 
ATOM   373  C CE  . LYS   A 1 44  ? 14.720  15.161  4.100   1.00 45.05 ? 50  LYS   B CE  1 
ATOM   374  N NZ  . LYS   A 1 44  ? 15.954  15.741  3.518   1.00 53.58 ? 50  LYS   B NZ  1 
ATOM   375  N N   . GLU   A 1 45  ? 10.110  13.476  6.087   1.00 16.89 ? 51  GLU   B N   1 
ATOM   376  C CA  . GLU   A 1 45  ? 9.646   12.189  5.467   1.00 16.37 ? 51  GLU   B CA  1 
ATOM   377  C C   . GLU   A 1 45  ? 8.190   11.859  5.856   1.00 16.04 ? 51  GLU   B C   1 
ATOM   378  O O   . GLU   A 1 45  ? 7.512   11.142  5.087   1.00 16.77 ? 51  GLU   B O   1 
ATOM   379  C CB  . GLU   A 1 45  ? 10.547  11.040  5.863   1.00 18.61 ? 51  GLU   B CB  1 
ATOM   380  C CG  . GLU   A 1 45  ? 12.019  11.161  5.438   1.00 22.66 ? 51  GLU   B CG  1 
ATOM   381  C CD  . GLU   A 1 45  ? 12.795  9.942   5.926   1.00 28.51 ? 51  GLU   B CD  1 
ATOM   382  O OE1 . GLU   A 1 45  ? 13.595  10.075  6.911   1.00 35.97 ? 51  GLU   B OE1 1 
ATOM   383  O OE2 . GLU   A 1 45  ? 12.584  8.829   5.407   1.00 32.94 ? 51  GLU   B OE2 1 
ATOM   384  N N   . ARG   A 1 46  ? 7.670   12.293  7.000   1.00 14.04 ? 52  ARG   B N   1 
ATOM   385  C CA  . ARG   A 1 46  ? 6.386   11.757  7.507   1.00 14.03 ? 52  ARG   B CA  1 
ATOM   386  C C   . ARG   A 1 46  ? 5.224   12.243  6.678   1.00 13.43 ? 52  ARG   B C   1 
ATOM   387  O O   . ARG   A 1 46  ? 5.063   13.426  6.351   1.00 14.53 ? 52  ARG   B O   1 
ATOM   388  C CB  . ARG   A 1 46  ? 6.136   12.214  8.949   1.00 13.01 ? 52  ARG   B CB  1 
ATOM   389  C CG  . ARG   A 1 46  ? 7.119   11.683  9.965   1.00 14.37 ? 52  ARG   B CG  1 
ATOM   390  C CD  . ARG   A 1 46  ? 6.556   11.827  11.408  1.00 13.39 ? 52  ARG   B CD  1 
ATOM   391  N NE  . ARG   A 1 46  ? 7.545   11.417  12.382  1.00 15.07 ? 52  ARG   B NE  1 
ATOM   392  C CZ  . ARG   A 1 46  ? 8.000   10.192  12.561  1.00 14.83 ? 52  ARG   B CZ  1 
ATOM   393  N NH1 . ARG   A 1 46  ? 7.380   9.153   12.005  1.00 14.10 ? 52  ARG   B NH1 1 
ATOM   394  N NH2 . ARG   A 1 46  ? 9.032   9.951   13.373  1.00 17.21 ? 52  ARG   B NH2 1 
ATOM   395  N N   . PHE   A 1 47  ? 4.325   11.330  6.301   1.00 11.68 ? 53  PHE   B N   1 
ATOM   396  C CA  . PHE   A 1 47  ? 3.058   11.738  5.687   1.00 11.73 ? 53  PHE   B CA  1 
ATOM   397  C C   . PHE   A 1 47  ? 2.244   12.515  6.748   1.00 13.61 ? 53  PHE   B C   1 
ATOM   398  O O   . PHE   A 1 47  ? 1.924   11.974  7.815   1.00 14.21 ? 53  PHE   B O   1 
ATOM   399  C CB  . PHE   A 1 47  ? 2.245   10.543  5.200   1.00 11.18 ? 53  PHE   B CB  1 
ATOM   400  C CG  . PHE   A 1 47  ? 2.847   9.946   3.949   1.00 10.58 ? 53  PHE   B CG  1 
ATOM   401  C CD1 . PHE   A 1 47  ? 2.600   10.506  2.702   1.00 11.13 ? 53  PHE   B CD1 1 
ATOM   402  C CD2 . PHE   A 1 47  ? 3.633   8.797   3.996   1.00 11.44 ? 53  PHE   B CD2 1 
ATOM   403  C CE1 . PHE   A 1 47  ? 3.160   9.955   1.545   1.00 11.79 ? 53  PHE   B CE1 1 
ATOM   404  C CE2 . PHE   A 1 47  ? 4.177   8.242   2.828   1.00 11.63 ? 53  PHE   B CE2 1 
ATOM   405  C CZ  . PHE   A 1 47  ? 3.932   8.842   1.607   1.00 10.64 ? 53  PHE   B CZ  1 
ATOM   406  N N   . SER   A 1 48  ? 1.888   13.754  6.492   1.00 14.36 ? 54  SER   B N   1 
ATOM   407  C CA  . SER   A 1 48  ? 1.261   14.633  7.522   1.00 15.86 ? 54  SER   B CA  1 
ATOM   408  C C   . SER   A 1 48  ? -0.247  14.482  7.544   1.00 15.58 ? 54  SER   B C   1 
ATOM   409  O O   . SER   A 1 48  ? -0.842  14.567  8.660   1.00 17.69 ? 54  SER   B O   1 
ATOM   410  C CB  . SER   A 1 48  ? 1.672   16.079  7.269   1.00 16.26 ? 54  SER   B CB  1 
ATOM   411  O OG  . SER   A 1 48  ? 1.225   16.565  6.029   1.00 16.05 ? 54  SER   B OG  1 
ATOM   412  N N   . ASN   A 1 49  ? -0.937  14.316  6.438   1.00 13.71 ? 55  ASN   B N   1 
ATOM   413  C CA  . ASN   A 1 49  ? -2.402  14.505  6.341   1.00 15.05 ? 55  ASN   B CA  1 
ATOM   414  C C   . ASN   A 1 49  ? -3.181  13.197  6.413   1.00 14.20 ? 55  ASN   B C   1 
ATOM   415  O O   . ASN   A 1 49  ? -4.401  13.214  6.568   1.00 15.53 ? 55  ASN   B O   1 
ATOM   416  C CB  . ASN   A 1 49  ? -2.815  15.235  5.068   1.00 17.11 ? 55  ASN   B CB  1 
ATOM   417  C CG  . ASN   A 1 49  ? -2.491  16.730  5.080   1.00 18.76 ? 55  ASN   B CG  1 
ATOM   418  O OD1 . ASN   A 1 49  ? -1.410  17.141  5.485   1.00 21.38 ? 55  ASN   B OD1 1 
ATOM   419  N ND2 . ASN   A 1 49  ? -3.471  17.517  4.678   1.00 24.78 ? 55  ASN   B ND2 1 
ATOM   420  N N   . TYR   A 1 50  ? -2.509  12.060  6.200   1.00 12.29 ? 56  TYR   B N   1 
ATOM   421  C CA  . TYR   A 1 50  ? -3.193  10.757  6.069   1.00 11.74 ? 56  TYR   B CA  1 
ATOM   422  C C   . TYR   A 1 50  ? -2.407  9.697   6.833   1.00 10.75 ? 56  TYR   B C   1 
ATOM   423  O O   . TYR   A 1 50  ? -1.198  9.818   7.016   1.00 11.90 ? 56  TYR   B O   1 
ATOM   424  C CB  . TYR   A 1 50  ? -3.252  10.340  4.591   1.00 12.02 ? 56  TYR   B CB  1 
ATOM   425  C CG  . TYR   A 1 50  ? -3.729  11.410  3.641   1.00 13.44 ? 56  TYR   B CG  1 
ATOM   426  C CD1 . TYR   A 1 50  ? -5.076  11.733  3.584   1.00 15.40 ? 56  TYR   B CD1 1 
ATOM   427  C CD2 . TYR   A 1 50  ? -2.873  12.103  2.802   1.00 14.26 ? 56  TYR   B CD2 1 
ATOM   428  C CE1 . TYR   A 1 50  ? -5.552  12.702  2.703   1.00 16.80 ? 56  TYR   B CE1 1 
ATOM   429  C CE2 . TYR   A 1 50  ? -3.316  13.114  1.973   1.00 14.70 ? 56  TYR   B CE2 1 
ATOM   430  C CZ  . TYR   A 1 50  ? -4.668  13.407  1.914   1.00 15.93 ? 56  TYR   B CZ  1 
ATOM   431  O OH  . TYR   A 1 50  ? -5.090  14.370  1.023   1.00 16.94 ? 56  TYR   B OH  1 
ATOM   432  N N   . PRO   A 1 51  ? -3.051  8.579   7.220   1.00 10.82 ? 57  PRO   B N   1 
ATOM   433  C CA  . PRO   A 1 51  ? -2.397  7.536   8.010   1.00 11.12 ? 57  PRO   B CA  1 
ATOM   434  C C   . PRO   A 1 51  ? -1.542  6.539   7.188   1.00 10.06 ? 57  PRO   B C   1 
ATOM   435  O O   . PRO   A 1 51  ? -1.751  5.342   7.163   1.00 10.65 ? 57  PRO   B O   1 
ATOM   436  C CB  . PRO   A 1 51  ? -3.572  6.802   8.737   1.00 13.17 ? 57  PRO   B CB  1 
ATOM   437  C CG  . PRO   A 1 51  ? -4.800  7.616   8.412   1.00 14.05 ? 57  PRO   B CG  1 
ATOM   438  C CD  . PRO   A 1 51  ? -4.495  8.368   7.160   1.00 12.23 ? 57  PRO   B CD  1 
ATOM   439  N N   . MET   A 1 52  ? -0.531  7.123   6.515   1.00 9.92  ? 58  MET   B N   1 
ATOM   440  C CA  . MET   A 1 52  ? 0.306   6.465   5.492   1.00 9.10  ? 58  MET   B CA  1 
ATOM   441  C C   . MET   A 1 52  ? 1.699   6.204   6.034   1.00 10.08 ? 58  MET   B C   1 
ATOM   442  O O   . MET   A 1 52  ? 2.246   6.873   6.943   1.00 10.43 ? 58  MET   B O   1 
ATOM   443  C CB  . MET   A 1 52  ? 0.386   7.335   4.248   1.00 9.96  ? 58  MET   B CB  1 
ATOM   444  C CG  . MET   A 1 52  ? -0.902  7.426   3.507   1.00 9.96  ? 58  MET   B CG  1 
ATOM   445  S SD  . MET   A 1 52  ? -0.818  8.761   2.277   1.00 11.49 ? 58  MET   B SD  1 
ATOM   446  C CE  . MET   A 1 52  ? -2.438  8.684   1.541   1.00 12.04 ? 58  MET   B CE  1 
ATOM   447  N N   . VAL   A 1 53  ? 2.318   5.163   5.468   1.00 9.50  ? 59  VAL   B N   1 
ATOM   448  C CA  . VAL   A 1 53  ? 3.709   4.742   5.795   1.00 10.10 ? 59  VAL   B CA  1 
ATOM   449  C C   . VAL   A 1 53  ? 4.297   4.043   4.570   1.00 10.55 ? 59  VAL   B C   1 
ATOM   450  O O   . VAL   A 1 53  ? 3.529   3.405   3.793   1.00 10.69 ? 59  VAL   B O   1 
ATOM   451  C CB  . VAL   A 1 53  ? 3.773   3.879   7.081   1.00 10.65 ? 59  VAL   B CB  1 
ATOM   452  C CG1 . VAL   A 1 53  ? 2.976   2.588   6.972   1.00 10.85 ? 59  VAL   B CG1 1 
ATOM   453  C CG2 . VAL   A 1 53  ? 5.207   3.595   7.539   1.00 10.55 ? 59  VAL   B CG2 1 
ATOM   454  N N   . LEU   A 1 54  ? 5.604   4.099   4.414   1.00 10.32 ? 60  LEU   B N   1 
ATOM   455  C CA  . LEU   A 1 54  ? 6.313   3.368   3.344   1.00 10.00 ? 60  LEU   B CA  1 
ATOM   456  C C   . LEU   A 1 54  ? 7.036   2.147   3.860   1.00 10.90 ? 60  LEU   B C   1 
ATOM   457  O O   . LEU   A 1 54  ? 7.533   2.111   5.045   1.00 11.53 ? 60  LEU   B O   1 
ATOM   458  C CB  . LEU   A 1 54  ? 7.330   4.266   2.654   1.00 10.87 ? 60  LEU   B CB  1 
ATOM   459  C CG  . LEU   A 1 54  ? 6.754   5.548   2.087   1.00 11.19 ? 60  LEU   B CG  1 
ATOM   460  C CD1 . LEU   A 1 54  ? 7.759   6.375   1.289   1.00 13.41 ? 60  LEU   B CD1 1 
ATOM   461  C CD2 . LEU   A 1 54  ? 5.546   5.284   1.201   1.00 11.62 ? 60  LEU   B CD2 1 
ATOM   462  N N   . GLY   A 1 55  ? 7.229   1.151   2.999   1.00 10.71 ? 61  GLY   B N   1 
ATOM   463  C CA  . GLY   A 1 55  ? 8.260   0.115   3.253   1.00 11.04 ? 61  GLY   B CA  1 
ATOM   464  C C   . GLY   A 1 55  ? 9.675   0.689   3.196   1.00 10.80 ? 61  GLY   B C   1 
ATOM   465  O O   . GLY   A 1 55  ? 9.908   1.653   2.498   1.00 11.97 ? 61  GLY   B O   1 
ATOM   466  N N   . ALA   A 1 56  ? 10.596  0.046   3.883   1.00 12.78 ? 62  ALA   B N   1 
ATOM   467  C CA  . ALA   A 1 56  ? 12.018  0.465   3.904   1.00 14.33 ? 62  ALA   B CA  1 
ATOM   468  C C   . ALA   A 1 56  ? 12.710  0.126   2.578   1.00 14.79 ? 62  ALA   B C   1 
ATOM   469  O O   . ALA   A 1 56  ? 13.638  0.853   2.171   1.00 17.85 ? 62  ALA   B O   1 
ATOM   470  C CB  . ALA   A 1 56  ? 12.669  -0.207  5.064   1.00 16.26 ? 62  ALA   B CB  1 
ATOM   471  N N   . GLN   A 1 57  ? 12.238  -0.916  1.918   1.00 13.80 ? 63  GLN   B N   1 
ATOM   472  C CA  . GLN   A 1 57  ? 12.923  -1.434  0.705   1.00 14.66 ? 63  GLN   B CA  1 
ATOM   473  C C   . GLN   A 1 57  ? 12.680  -0.471  -0.461  1.00 15.61 ? 63  GLN   B C   1 
ATOM   474  O O   . GLN   A 1 57  ? 11.581  0.128   -0.608  1.00 16.02 ? 63  GLN   B O   1 
ATOM   475  C CB  . GLN   A 1 57  ? 12.409  -2.848  0.395   1.00 16.64 ? 63  GLN   B CB  1 
ATOM   476  C CG  . GLN   A 1 57  ? 12.842  -3.916  1.383   1.00 17.71 ? 63  GLN   B CG  1 
ATOM   477  C CD  . GLN   A 1 57  ? 12.172  -3.786  2.739   1.00 18.15 ? 63  GLN   B CD  1 
ATOM   478  O OE1 . GLN   A 1 57  ? 10.995  -3.452  2.806   1.00 16.54 ? 63  GLN   B OE1 1 
ATOM   479  N NE2 . GLN   A 1 57  ? 12.859  -4.109  3.819   1.00 21.01 ? 63  GLN   B NE2 1 
ATOM   480  N N   . ARG   A 1 58  ? 13.691  -0.259  -1.294  1.00 15.67 ? 64  ARG   B N   1 
ATOM   481  C CA  . ARG   A 1 58  ? 13.636  0.491   -2.559  1.00 15.54 ? 64  ARG   B CA  1 
ATOM   482  C C   . ARG   A 1 58  ? 13.922  -0.443  -3.723  1.00 14.37 ? 64  ARG   B C   1 
ATOM   483  O O   . ARG   A 1 58  ? 14.829  -1.284  -3.623  1.00 17.02 ? 64  ARG   B O   1 
ATOM   484  C CB  . ARG   A 1 58  ? 14.731  1.578   -2.630  1.00 19.62 ? 64  ARG   B CB  1 
ATOM   485  C CG  . ARG   A 1 58  ? 14.470  2.867   -1.848  1.00 29.09 ? 64  ARG   B CG  1 
ATOM   486  C CD  . ARG   A 1 58  ? 14.051  2.565   -0.422  1.00 29.28 ? 64  ARG   B CD  1 
ATOM   487  N NE  . ARG   A 1 58  ? 14.330  3.352   0.792   1.00 35.88 ? 64  ARG   B NE  1 
ATOM   488  C CZ  . ARG   A 1 58  ? 14.781  4.601   0.875   1.00 34.06 ? 64  ARG   B CZ  1 
ATOM   489  N NH1 . ARG   A 1 58  ? 14.959  5.144   2.071   1.00 39.19 ? 64  ARG   B NH1 1 
ATOM   490  N NH2 . ARG   A 1 58  ? 15.055  5.303   -0.202  1.00 33.60 ? 64  ARG   B NH2 1 
ATOM   491  N N   . PHE   A 1 59  ? 13.104  -0.367  -4.740  1.00 13.30 ? 65  PHE   B N   1 
ATOM   492  C CA  . PHE   A 1 59  ? 13.244  -1.252  -5.924  1.00 13.68 ? 65  PHE   B CA  1 
ATOM   493  C C   . PHE   A 1 59  ? 13.445  -0.406  -7.167  1.00 12.50 ? 65  PHE   B C   1 
ATOM   494  O O   . PHE   A 1 59  ? 12.677  0.520   -7.445  1.00 12.41 ? 65  PHE   B O   1 
ATOM   495  C CB  . PHE   A 1 59  ? 11.950  -2.086  -6.081  1.00 14.74 ? 65  PHE   B CB  1 
ATOM   496  C CG  . PHE   A 1 59  ? 11.615  -2.936  -4.863  1.00 16.57 ? 65  PHE   B CG  1 
ATOM   497  C CD1 . PHE   A 1 59  ? 12.577  -3.803  -4.376  1.00 19.15 ? 65  PHE   B CD1 1 
ATOM   498  C CD2 . PHE   A 1 59  ? 10.417  -2.857  -4.199  1.00 23.46 ? 65  PHE   B CD2 1 
ATOM   499  C CE1 . PHE   A 1 59  ? 12.365  -4.604  -3.261  1.00 22.45 ? 65  PHE   B CE1 1 
ATOM   500  C CE2 . PHE   A 1 59  ? 10.180  -3.697  -3.100  1.00 18.69 ? 65  PHE   B CE2 1 
ATOM   501  C CZ  . PHE   A 1 59  ? 11.173  -4.496  -2.609  1.00 20.28 ? 65  PHE   B CZ  1 
ATOM   502  N N   A SER   A 1 60  ? 14.478  -0.724  -7.961  0.25 13.18 ? 66  SER   B N   1 
ATOM   503  N N   B SER   A 1 60  ? 14.487  -0.714  -7.954  0.25 12.95 ? 66  SER   B N   1 
ATOM   504  C CA  A SER   A 1 60  ? 14.806  0.014   -9.210  0.25 13.99 ? 66  SER   B CA  1 
ATOM   505  C CA  B SER   A 1 60  ? 14.807  -0.021  -9.232  0.25 13.59 ? 66  SER   B CA  1 
ATOM   506  C C   A SER   A 1 60  ? 14.947  -0.937  -10.412 0.25 13.53 ? 66  SER   B C   1 
ATOM   507  C C   B SER   A 1 60  ? 15.017  -1.022  -10.364 0.25 13.44 ? 66  SER   B C   1 
ATOM   508  O O   A SER   A 1 60  ? 15.115  -0.424  -11.543 0.25 13.62 ? 66  SER   B O   1 
ATOM   509  O O   B SER   A 1 60  ? 15.597  -0.641  -11.385 0.25 12.14 ? 66  SER   B O   1 
ATOM   510  C CB  A SER   A 1 60  ? 16.023  0.913   -8.995  0.25 14.16 ? 66  SER   B CB  1 
ATOM   511  C CB  B SER   A 1 60  ? 16.040  0.816   -9.094  0.25 13.42 ? 66  SER   B CB  1 
ATOM   512  O OG  A SER   A 1 60  ? 15.647  2.094   -8.253  0.25 15.46 ? 66  SER   B OG  1 
ATOM   513  O OG  B SER   A 1 60  ? 17.091  0.000   -8.653  0.25 14.43 ? 66  SER   B OG  1 
ATOM   514  N N   A SER   A 1 61  ? 14.789  -2.252  -10.195 0.25 12.97 ? 67  SER   B N   1 
ATOM   515  N N   B SER   A 1 61  ? 14.619  -2.273  -10.171 0.25 13.98 ? 67  SER   B N   1 
ATOM   516  C CA  A SER   A 1 61  ? 14.859  -3.311  -11.233 0.25 13.65 ? 67  SER   B CA  1 
ATOM   517  C CA  B SER   A 1 61  ? 14.838  -3.332  -11.172 0.25 15.50 ? 67  SER   B CA  1 
ATOM   518  C C   A SER   A 1 61  ? 14.084  -4.543  -10.758 0.25 13.97 ? 67  SER   B C   1 
ATOM   519  C C   B SER   A 1 61  ? 14.187  -4.625  -10.703 0.25 14.95 ? 67  SER   B C   1 
ATOM   520  O O   A SER   A 1 61  ? 13.677  -4.557  -9.592  0.25 13.57 ? 67  SER   B O   1 
ATOM   521  O O   B SER   A 1 61  ? 14.034  -4.796  -9.469  0.25 14.34 ? 67  SER   B O   1 
ATOM   522  C CB  A SER   A 1 61  ? 16.311  -3.675  -11.521 0.25 13.54 ? 67  SER   B CB  1 
ATOM   523  C CB  B SER   A 1 61  ? 16.320  -3.522  -11.375 0.25 16.79 ? 67  SER   B CB  1 
ATOM   524  O OG  A SER   A 1 61  ? 16.900  -4.346  -10.423 0.25 13.62 ? 67  SER   B OG  1 
ATOM   525  O OG  B SER   A 1 61  ? 16.539  -4.500  -12.366 0.25 20.49 ? 67  SER   B OG  1 
ATOM   526  N N   . GLY   A 1 62  ? 13.886  -5.520  -11.644 1.00 15.75 ? 68  GLY   B N   1 
ATOM   527  C CA  . GLY   A 1 62  ? 13.466  -6.872  -11.251 1.00 16.12 ? 68  GLY   B CA  1 
ATOM   528  C C   . GLY   A 1 62  ? 11.971  -7.008  -11.023 1.00 12.62 ? 68  GLY   B C   1 
ATOM   529  O O   . GLY   A 1 62  ? 11.187  -6.096  -11.314 1.00 14.45 ? 68  GLY   B O   1 
ATOM   530  N N   . LYS   A 1 63  ? 11.676  -8.182  -10.520 1.00 13.37 ? 69  LYS   B N   1 
ATOM   531  C CA  . LYS   A 1 63  ? 10.314  -8.606  -10.211 1.00 13.53 ? 69  LYS   B CA  1 
ATOM   532  C C   . LYS   A 1 63  ? 10.249  -8.802  -8.700  1.00 13.80 ? 69  LYS   B C   1 
ATOM   533  O O   . LYS   A 1 63  ? 11.097  -9.504  -8.121  1.00 15.12 ? 69  LYS   B O   1 
ATOM   534  C CB  . LYS   A 1 63  ? 9.982   -9.873  -10.986 1.00 15.42 ? 69  LYS   B CB  1 
ATOM   535  C CG  . LYS   A 1 63  ? 9.945   -9.700  -12.501 1.00 15.87 ? 69  LYS   B CG  1 
ATOM   536  C CD  . LYS   A 1 63  ? 9.725   -11.042 -13.254 1.00 18.40 ? 69  LYS   B CD  1 
ATOM   537  C CE  . LYS   A 1 63  ? 9.535   -10.889 -14.748 1.00 20.72 ? 69  LYS   B CE  1 
ATOM   538  N NZ  . LYS   A 1 63  ? 9.300   -12.208 -15.401 1.00 22.77 ? 69  LYS   B NZ  1 
ATOM   539  N N   . MET   A 1 64  ? 9.190   -8.305  -8.078  1.00 12.59 ? 70  MET   B N   1 
ATOM   540  C CA  . MET   A 1 64  ? 8.991   -8.336  -6.612  1.00 12.63 ? 70  MET   B CA  1 
ATOM   541  C C   . MET   A 1 64  ? 7.547   -8.705  -6.309  1.00 12.12 ? 70  MET   B C   1 
ATOM   542  O O   . MET   A 1 64  ? 6.647   -8.268  -7.028  1.00 13.03 ? 70  MET   B O   1 
ATOM   543  C CB  . MET   A 1 64  ? 9.202   -6.952  -6.018  1.00 12.71 ? 70  MET   B CB  1 
ATOM   544  C CG  . MET   A 1 64  ? 10.631  -6.466  -5.936  1.00 13.56 ? 70  MET   B CG  1 
ATOM   545  S SD  . MET   A 1 64  ? 11.507  -6.048  -7.469  1.00 15.68 ? 70  MET   B SD  1 
ATOM   546  C CE  . MET   A 1 64  ? 10.467  -4.831  -8.225  1.00 14.72 ? 70  MET   B CE  1 
ATOM   547  N N   . TYR   A 1 65  ? 7.315   -9.453  -5.254  1.00 12.74 ? 71  TYR   B N   1 
ATOM   548  C CA  . TYR   A 1 65  ? 5.956   -9.891  -4.847  1.00 12.32 ? 71  TYR   B CA  1 
ATOM   549  C C   . TYR   A 1 65  ? 5.889   -9.830  -3.338  1.00 13.43 ? 71  TYR   B C   1 
ATOM   550  O O   . TYR   A 1 65  ? 6.825   -10.319 -2.645  1.00 13.26 ? 71  TYR   B O   1 
ATOM   551  C CB  . TYR   A 1 65  ? 5.656   -11.308 -5.350  1.00 13.34 ? 71  TYR   B CB  1 
ATOM   552  C CG  . TYR   A 1 65  ? 4.312   -11.855 -4.956  1.00 13.25 ? 71  TYR   B CG  1 
ATOM   553  C CD1 . TYR   A 1 65  ? 3.170   -11.414 -5.597  1.00 12.85 ? 71  TYR   B CD1 1 
ATOM   554  C CD2 . TYR   A 1 65  ? 4.177   -12.726 -3.872  1.00 13.65 ? 71  TYR   B CD2 1 
ATOM   555  C CE1 . TYR   A 1 65  ? 1.911   -11.887 -5.232  1.00 14.09 ? 71  TYR   B CE1 1 
ATOM   556  C CE2 . TYR   A 1 65  ? 2.922   -13.175 -3.481  1.00 12.94 ? 71  TYR   B CE2 1 
ATOM   557  C CZ  . TYR   A 1 65  ? 1.802   -12.773 -4.164  1.00 13.38 ? 71  TYR   B CZ  1 
ATOM   558  O OH  . TYR   A 1 65  ? 0.568   -13.210 -3.771  1.00 14.88 ? 71  TYR   B OH  1 
ATOM   559  N N   . TRP   A 1 66  ? 4.792   -9.334  -2.786  1.00 11.26 ? 72  TRP   B N   1 
ATOM   560  C CA  . TRP   A 1 66  ? 4.534   -9.460  -1.327  1.00 11.41 ? 72  TRP   B CA  1 
ATOM   561  C C   . TRP   A 1 66  ? 3.017   -9.553  -1.100  1.00 11.73 ? 72  TRP   B C   1 
ATOM   562  O O   . TRP   A 1 66  ? 2.205   -9.231  -1.997  1.00 12.60 ? 72  TRP   B O   1 
ATOM   563  C CB  . TRP   A 1 66  ? 5.209   -8.313  -0.515  1.00 11.31 ? 72  TRP   B CB  1 
ATOM   564  C CG  . TRP   A 1 66  ? 4.758   -6.930  -0.824  1.00 10.86 ? 72  TRP   B CG  1 
ATOM   565  C CD1 . TRP   A 1 66  ? 3.831   -6.190  -0.139  1.00 10.79 ? 72  TRP   B CD1 1 
ATOM   566  C CD2 . TRP   A 1 66  ? 5.235   -6.057  -1.840  1.00 11.73 ? 72  TRP   B CD2 1 
ATOM   567  N NE1 . TRP   A 1 66  ? 3.707   -4.929  -0.679  1.00 11.03 ? 72  TRP   B NE1 1 
ATOM   568  C CE2 . TRP   A 1 66  ? 4.554   -4.826  -1.750  1.00 11.97 ? 72  TRP   B CE2 1 
ATOM   569  C CE3 . TRP   A 1 66  ? 6.175   -6.221  -2.869  1.00 13.22 ? 72  TRP   B CE3 1 
ATOM   570  C CZ2 . TRP   A 1 66  ? 4.785   -3.765  -2.598  1.00 12.14 ? 72  TRP   B CZ2 1 
ATOM   571  C CZ3 . TRP   A 1 66  ? 6.420   -5.162  -3.709  1.00 15.34 ? 72  TRP   B CZ3 1 
ATOM   572  C CH2 . TRP   A 1 66  ? 5.725   -3.959  -3.593  1.00 13.93 ? 72  TRP   B CH2 1 
ATOM   573  N N   . GLU   A 1 67  ? 2.631   -9.889  0.137   1.00 11.52 ? 73  GLU   B N   1 
ATOM   574  C CA  . GLU   A 1 67  ? 1.209   -10.034 0.536   1.00 10.97 ? 73  GLU   B CA  1 
ATOM   575  C C   . GLU   A 1 67  ? 0.898   -9.266  1.814   1.00 10.85 ? 73  GLU   B C   1 
ATOM   576  O O   . GLU   A 1 67  ? 1.751   -9.137  2.671   1.00 11.82 ? 73  GLU   B O   1 
ATOM   577  C CB  . GLU   A 1 67  ? 0.841   -11.502 0.735   1.00 12.70 ? 73  GLU   B CB  1 
ATOM   578  C CG  . GLU   A 1 67  ? 0.915   -12.288 -0.573  1.00 15.33 ? 73  GLU   B CG  1 
ATOM   579  C CD  . GLU   A 1 67  ? 0.582   -13.764 -0.471  1.00 18.52 ? 73  GLU   B CD  1 
ATOM   580  O OE1 . GLU   A 1 67  ? 0.399   -14.261 0.697   1.00 22.63 ? 73  GLU   B OE1 1 
ATOM   581  O OE2 . GLU   A 1 67  ? 0.461   -14.431 -1.558  1.00 16.88 ? 73  GLU   B OE2 1 
ATOM   582  N N   . VAL   A 1 68  ? -0.299  -8.707  1.839   1.00 11.46 ? 74  VAL   B N   1 
ATOM   583  C CA  . VAL   A 1 68  ? -0.756  -7.869  2.955   1.00 11.23 ? 74  VAL   B CA  1 
ATOM   584  C C   . VAL   A 1 68  ? -2.093  -8.404  3.434   1.00 10.79 ? 74  VAL   B C   1 
ATOM   585  O O   . VAL   A 1 68  ? -3.025  -8.580  2.639   1.00 12.28 ? 74  VAL   B O   1 
ATOM   586  C CB  . VAL   A 1 68  ? -0.866  -6.392  2.577   1.00 10.96 ? 74  VAL   B CB  1 
ATOM   587  C CG1 . VAL   A 1 68  ? -1.224  -5.573  3.796   1.00 12.07 ? 74  VAL   B CG1 1 
ATOM   588  C CG2 . VAL   A 1 68  ? 0.379   -5.908  1.860   1.00 11.45 ? 74  VAL   B CG2 1 
ATOM   589  N N   . ASP   A 1 69  ? -2.237  -8.530  4.758   1.00 10.95 ? 75  ASP   B N   1 
ATOM   590  C CA  . ASP   A 1 69  ? -3.491  -8.944  5.429   1.00 11.96 ? 75  ASP   B CA  1 
ATOM   591  C C   . ASP   A 1 69  ? -4.304  -7.704  5.736   1.00 10.47 ? 75  ASP   B C   1 
ATOM   592  O O   . ASP   A 1 69  ? -3.746  -6.724  6.366   1.00 11.47 ? 75  ASP   B O   1 
ATOM   593  C CB  . ASP   A 1 69  ? -3.215  -9.731  6.714   1.00 13.81 ? 75  ASP   B CB  1 
ATOM   594  C CG  . ASP   A 1 69  ? -4.452  -10.443 7.261   1.00 16.23 ? 75  ASP   B CG  1 
ATOM   595  O OD1 . ASP   A 1 69  ? -5.402  -9.787  7.550   1.00 15.12 ? 75  ASP   B OD1 1 
ATOM   596  O OD2 . ASP   A 1 69  ? -4.521  -11.672 7.137   1.00 20.97 ? 75  ASP   B OD2 1 
ATOM   597  N N   . VAL   A 1 70  ? -5.556  -7.675  5.289   1.00 10.71 ? 76  VAL   B N   1 
ATOM   598  C CA  . VAL   A 1 70  ? -6.522  -6.542  5.462   1.00 11.41 ? 76  VAL   B CA  1 
ATOM   599  C C   . VAL   A 1 70  ? -7.786  -6.972  6.234   1.00 12.27 ? 76  VAL   B C   1 
ATOM   600  O O   . VAL   A 1 70  ? -8.800  -6.295  6.185   1.00 12.63 ? 76  VAL   B O   1 
ATOM   601  C CB  . VAL   A 1 70  ? -6.875  -5.927  4.072   1.00 11.28 ? 76  VAL   B CB  1 
ATOM   602  C CG1 . VAL   A 1 70  ? -5.627  -5.370  3.335   1.00 11.17 ? 76  VAL   B CG1 1 
ATOM   603  C CG2 . VAL   A 1 70  ? -7.590  -6.902  3.150   1.00 12.35 ? 76  VAL   B CG2 1 
ATOM   604  N N   . THR   A 1 71  ? -7.727  -8.120  6.895   1.00 12.79 ? 77  THR   B N   1 
ATOM   605  C CA  . THR   A 1 71  ? -8.872  -8.691  7.649   1.00 14.48 ? 77  THR   B CA  1 
ATOM   606  C C   . THR   A 1 71  ? -9.535  -7.618  8.521   1.00 14.10 ? 77  THR   B C   1 
ATOM   607  O O   . THR   A 1 71  ? -8.865  -6.909  9.282   1.00 13.91 ? 77  THR   B O   1 
ATOM   608  C CB  . THR   A 1 71  ? -8.398  -9.865  8.508   1.00 14.73 ? 77  THR   B CB  1 
ATOM   609  O OG1 . THR   A 1 71  ? -7.832  -10.912 7.703   1.00 17.81 ? 77  THR   B OG1 1 
ATOM   610  C CG2 . THR   A 1 71  ? -9.566  -10.390 9.329   1.00 18.45 ? 77  THR   B CG2 1 
ATOM   611  N N   . GLN   A 1 72  ? -10.848 -7.589  8.381   1.00 17.15 ? 78  GLN   B N   1 
ATOM   612  C CA  . GLN   A 1 72  ? -11.852 -6.792  9.128   1.00 19.45 ? 78  GLN   B CA  1 
ATOM   613  C C   . GLN   A 1 72  ? -11.660 -5.288  8.977   1.00 19.65 ? 78  GLN   B C   1 
ATOM   614  O O   . GLN   A 1 72  ? -12.416 -4.535  9.611   1.00 24.40 ? 78  GLN   B O   1 
ATOM   615  C CB  . GLN   A 1 72  ? -11.973 -7.254  10.577  1.00 27.68 ? 78  GLN   B CB  1 
ATOM   616  C CG  . GLN   A 1 72  ? -10.731 -7.072  11.428  1.00 32.56 ? 78  GLN   B CG  1 
ATOM   617  C CD  . GLN   A 1 72  ? -11.064 -6.579  12.819  1.00 36.88 ? 78  GLN   B CD  1 
ATOM   618  O OE1 . GLN   A 1 72  ? -10.406 -6.937  13.795  1.00 40.39 ? 78  GLN   B OE1 1 
ATOM   619  N NE2 . GLN   A 1 72  ? -12.025 -5.663  12.892  1.00 42.43 ? 78  GLN   B NE2 1 
ATOM   620  N N   . LYS   A 1 73  ? -10.848 -4.793  8.056   1.00 13.54 ? 79  LYS   B N   1 
ATOM   621  C CA  . LYS   A 1 73  ? -10.823 -3.349  7.806   1.00 11.59 ? 79  LYS   B CA  1 
ATOM   622  C C   . LYS   A 1 73  ? -11.941 -2.842  6.912   1.00 11.20 ? 79  LYS   B C   1 
ATOM   623  O O   . LYS   A 1 73  ? -12.335 -3.552  5.937   1.00 13.35 ? 79  LYS   B O   1 
ATOM   624  C CB  . LYS   A 1 73  ? -9.453  -2.996  7.223   1.00 11.87 ? 79  LYS   B CB  1 
ATOM   625  C CG  . LYS   A 1 73  ? -8.314  -3.194  8.255   1.00 12.42 ? 79  LYS   B CG  1 
ATOM   626  C CD  . LYS   A 1 73  ? -6.963  -2.635  7.864   1.00 12.65 ? 79  LYS   B CD  1 
ATOM   627  C CE  . LYS   A 1 73  ? -6.948  -1.130  7.751   1.00 12.39 ? 79  LYS   B CE  1 
ATOM   628  N NZ  . LYS   A 1 73  ? -7.369  -0.451  9.023   1.00 10.85 ? 79  LYS   B NZ  1 
ATOM   629  N N   . GLU   A 1 74  ? -12.373 -1.632  7.162   1.00 10.17 ? 80  GLU   B N   1 
ATOM   630  C CA  . GLU   A 1 74  ? -13.381 -0.932  6.353   1.00 10.65 ? 80  GLU   B CA  1 
ATOM   631  C C   . GLU   A 1 74  ? -12.759 -0.041  5.283   1.00 10.67 ? 80  GLU   B C   1 
ATOM   632  O O   . GLU   A 1 74  ? -13.438 0.396   4.376   1.00 11.38 ? 80  GLU   B O   1 
ATOM   633  C CB  . GLU   A 1 74  ? -14.254 -0.036  7.249   1.00 11.46 ? 80  GLU   B CB  1 
ATOM   634  C CG  . GLU   A 1 74  ? -15.090 -0.789  8.274   1.00 12.58 ? 80  GLU   B CG  1 
ATOM   635  C CD  . GLU   A 1 74  ? -15.859 0.139   9.208   1.00 12.53 ? 80  GLU   B CD  1 
ATOM   636  O OE1 . GLU   A 1 74  ? -16.760 -0.368  9.886   1.00 16.39 ? 80  GLU   B OE1 1 
ATOM   637  O OE2 . GLU   A 1 74  ? -15.566 1.359   9.212   1.00 13.98 ? 80  GLU   B OE2 1 
ATOM   638  N N   . ALA   A 1 75  ? -11.513 0.389   5.465   1.00 10.39 ? 81  ALA   B N   1 
ATOM   639  C CA  . ALA   A 1 75  ? -10.869 1.350   4.558   1.00 10.53 ? 81  ALA   B CA  1 
ATOM   640  C C   . ALA   A 1 75  ? -9.361  1.163   4.624   1.00 11.52 ? 81  ALA   B C   1 
ATOM   641  O O   . ALA   A 1 75  ? -8.794  0.990   5.723   1.00 10.61 ? 81  ALA   B O   1 
ATOM   642  C CB  . ALA   A 1 75  ? -11.232 2.768   4.913   1.00 11.64 ? 81  ALA   B CB  1 
ATOM   643  N N   . TRP   A 1 76  ? -8.693  1.260   3.468   1.00 9.91  ? 82  TRP   B N   1 
ATOM   644  C CA  . TRP   A 1 76  ? -7.210  1.141   3.342   1.00 9.54  ? 82  TRP   B CA  1 
ATOM   645  C C   . TRP   A 1 76  ? -6.835  1.434   1.910   1.00 10.40 ? 82  TRP   B C   1 
ATOM   646  O O   . TRP   A 1 76  ? -7.687  1.358   1.006   1.00 10.58 ? 82  TRP   B O   1 
ATOM   647  C CB  . TRP   A 1 76  ? -6.735  -0.269  3.738   1.00 10.18 ? 82  TRP   B CB  1 
ATOM   648  C CG  . TRP   A 1 76  ? -7.430  -1.434  3.123   1.00 10.20 ? 82  TRP   B CG  1 
ATOM   649  C CD1 . TRP   A 1 76  ? -8.390  -2.200  3.686   1.00 11.53 ? 82  TRP   B CD1 1 
ATOM   650  C CD2 . TRP   A 1 76  ? -7.317  -1.978  1.783   1.00 10.26 ? 82  TRP   B CD2 1 
ATOM   651  N NE1 . TRP   A 1 76  ? -8.853  -3.169  2.864   1.00 11.03 ? 82  TRP   B NE1 1 
ATOM   652  C CE2 . TRP   A 1 76  ? -8.199  -3.061  1.654   1.00 11.45 ? 82  TRP   B CE2 1 
ATOM   653  C CE3 . TRP   A 1 76  ? -6.497  -1.667  0.662   1.00 10.85 ? 82  TRP   B CE3 1 
ATOM   654  C CZ2 . TRP   A 1 76  ? -8.314  -3.841  0.506   1.00 10.93 ? 82  TRP   B CZ2 1 
ATOM   655  C CZ3 . TRP   A 1 76  ? -6.641  -2.407  -0.502  1.00 10.98 ? 82  TRP   B CZ3 1 
ATOM   656  C CH2 . TRP   A 1 76  ? -7.527  -3.490  -0.565  1.00 11.91 ? 82  TRP   B CH2 1 
ATOM   657  N N   . ASP   A 1 77  ? -5.584  1.813   1.720   1.00 9.76  ? 83  ASP   B N   1 
ATOM   658  C CA  . ASP   A 1 77  ? -4.955  1.912   0.373   1.00 9.96  ? 83  ASP   B CA  1 
ATOM   659  C C   . ASP   A 1 77  ? -3.721  1.007   0.386   1.00 9.73  ? 83  ASP   B C   1 
ATOM   660  O O   . ASP   A 1 77  ? -2.981  1.028   1.398   1.00 9.66  ? 83  ASP   B O   1 
ATOM   661  C CB  . ASP   A 1 77  ? -4.540  3.330   0.019   1.00 11.24 ? 83  ASP   B CB  1 
ATOM   662  C CG  . ASP   A 1 77  ? -5.503  4.452   0.315   1.00 12.85 ? 83  ASP   B CG  1 
ATOM   663  O OD1 . ASP   A 1 77  ? -6.666  4.211   0.194   1.00 16.46 ? 83  ASP   B OD1 1 
ATOM   664  O OD2 . ASP   A 1 77  ? -5.023  5.565   0.652   1.00 15.06 ? 83  ASP   B OD2 1 
ATOM   665  N N   . LEU   A 1 78  ? -3.389  0.371   -0.725  1.00 8.66  ? 84  LEU   B N   1 
ATOM   666  C CA  . LEU   A 1 78  ? -2.189  -0.471  -0.851  1.00 9.04  ? 84  LEU   B CA  1 
ATOM   667  C C   . LEU   A 1 78  ? -1.605  -0.315  -2.246  1.00 8.91  ? 84  LEU   B C   1 
ATOM   668  O O   . LEU   A 1 78  ? -2.342  -0.218  -3.228  1.00 9.22  ? 84  LEU   B O   1 
ATOM   669  C CB  . LEU   A 1 78  ? -2.496  -1.949  -0.622  1.00 9.11  ? 84  LEU   B CB  1 
ATOM   670  C CG  . LEU   A 1 78  ? -2.832  -2.415  0.785   1.00 10.97 ? 84  LEU   B CG  1 
ATOM   671  C CD1 . LEU   A 1 78  ? -3.263  -3.876  0.736   1.00 11.61 ? 84  LEU   B CD1 1 
ATOM   672  C CD2 . LEU   A 1 78  ? -1.642  -2.185  1.651   1.00 11.19 ? 84  LEU   B CD2 1 
ATOM   673  N N   . GLY   A 1 79  ? -0.278  -0.383  -2.318  1.00 8.09  ? 85  GLY   B N   1 
ATOM   674  C CA  . GLY   A 1 79  ? 0.387   -0.544  -3.624  1.00 8.96  ? 85  GLY   B CA  1 
ATOM   675  C C   . GLY   A 1 79  ? 1.856   -0.181  -3.498  1.00 8.42  ? 85  GLY   B C   1 
ATOM   676  O O   . GLY   A 1 79  ? 2.547   -0.639  -2.579  1.00 8.95  ? 85  GLY   B O   1 
ATOM   677  N N   A VAL   A 1 80  ? 2.334   0.583   -4.489  0.25 8.71  ? 86  VAL   B N   1 
ATOM   678  N N   B VAL   A 1 80  ? 2.337   0.613   -4.445  0.25 9.32  ? 86  VAL   B N   1 
ATOM   679  C CA  A VAL   A 1 80  ? 3.718   1.137   -4.527  0.25 8.81  ? 86  VAL   B CA  1 
ATOM   680  C CA  B VAL   A 1 80  ? 3.769   1.008   -4.512  0.25 9.75  ? 86  VAL   B CA  1 
ATOM   681  C C   A VAL   A 1 80  ? 3.667   2.619   -4.870  0.25 9.11  ? 86  VAL   B C   1 
ATOM   682  C C   B VAL   A 1 80  ? 3.767   2.478   -4.975  0.25 9.86  ? 86  VAL   B C   1 
ATOM   683  O O   A VAL   A 1 80  ? 2.693   3.131   -5.458  0.25 9.43  ? 86  VAL   B O   1 
ATOM   684  O O   B VAL   A 1 80  ? 2.819   2.869   -5.662  0.25 10.40 ? 86  VAL   B O   1 
ATOM   685  C CB  A VAL   A 1 80  ? 4.632   0.441   -5.549  0.25 9.01  ? 86  VAL   B CB  1 
ATOM   686  C CB  B VAL   A 1 80  ? 4.518   0.021   -5.435  0.25 10.93 ? 86  VAL   B CB  1 
ATOM   687  C CG1 A VAL   A 1 80  ? 4.903   -0.967  -5.092  0.25 8.76  ? 86  VAL   B CG1 1 
ATOM   688  C CG1 B VAL   A 1 80  ? 4.101   0.186   -6.894  0.25 10.87 ? 86  VAL   B CG1 1 
ATOM   689  C CG2 A VAL   A 1 80  ? 4.058   0.451   -6.961  0.25 8.89  ? 86  VAL   B CG2 1 
ATOM   690  C CG2 B VAL   A 1 80  ? 6.021   0.095   -5.272  0.25 11.90 ? 86  VAL   B CG2 1 
ATOM   691  N N   . CYS   A 1 81  ? 4.776   3.282   -4.602  1.00 9.63  ? 87  CYS   B N   1 
ATOM   692  C CA  . CYS   A 1 81  ? 4.886   4.667   -4.997  1.00 10.50 ? 87  CYS   B CA  1 
ATOM   693  C C   . CYS   A 1 81  ? 6.345   5.023   -5.264  1.00 10.10 ? 87  CYS   B C   1 
ATOM   694  O O   . CYS   A 1 81  ? 7.269   4.338   -4.802  1.00 10.10 ? 87  CYS   B O   1 
ATOM   695  C CB  . CYS   A 1 81  ? 4.307   5.610   -3.950  1.00 11.78 ? 87  CYS   B CB  1 
ATOM   696  S SG  . CYS   A 1 81  ? 5.155   5.619   -2.350  1.00 11.60 ? 87  CYS   B SG  1 
ATOM   697  N N   A ARG   A 1 82  ? 6.534   6.114   -5.980  0.25 10.38 ? 88  ARG   B N   1 
ATOM   698  N N   B ARG   A 1 82  ? 6.539   6.107   -5.997  0.25 10.13 ? 88  ARG   B N   1 
ATOM   699  C CA  A ARG   A 1 82  ? 7.895   6.680   -6.124  0.25 11.01 ? 88  ARG   B CA  1 
ATOM   700  C CA  B ARG   A 1 82  ? 7.898   6.674   -6.214  0.25 10.59 ? 88  ARG   B CA  1 
ATOM   701  C C   A ARG   A 1 82  ? 8.476   7.041   -4.758  0.25 10.82 ? 88  ARG   B C   1 
ATOM   702  C C   B ARG   A 1 82  ? 8.479   7.178   -4.877  0.25 10.75 ? 88  ARG   B C   1 
ATOM   703  O O   A ARG   A 1 82  ? 7.773   7.462   -3.840  0.25 10.14 ? 88  ARG   B O   1 
ATOM   704  O O   B ARG   A 1 82  ? 7.736   7.835   -4.085  0.25 10.50 ? 88  ARG   B O   1 
ATOM   705  C CB  A ARG   A 1 82  ? 7.859   7.953   -6.960  0.25 12.25 ? 88  ARG   B CB  1 
ATOM   706  C CB  B ARG   A 1 82  ? 7.792   7.802   -7.245  0.25 11.37 ? 88  ARG   B CB  1 
ATOM   707  C CG  A ARG   A 1 82  ? 7.355   7.688   -8.361  0.25 13.05 ? 88  ARG   B CG  1 
ATOM   708  C CG  B ARG   A 1 82  ? 9.120   8.220   -7.854  0.25 11.49 ? 88  ARG   B CG  1 
ATOM   709  C CD  A ARG   A 1 82  ? 7.499   8.892   -9.253  0.25 14.67 ? 88  ARG   B CD  1 
ATOM   710  C CD  B ARG   A 1 82  ? 9.016   9.394   -8.804  0.25 11.62 ? 88  ARG   B CD  1 
ATOM   711  N NE  A ARG   A 1 82  ? 6.915   8.616   -10.560 0.25 13.74 ? 88  ARG   B NE  1 
ATOM   712  N NE  B ARG   A 1 82  ? 8.139   9.059   -9.898  0.25 11.58 ? 88  ARG   B NE  1 
ATOM   713  C CZ  A ARG   A 1 82  ? 6.167   9.475   -11.225 0.25 14.62 ? 88  ARG   B CZ  1 
ATOM   714  C CZ  B ARG   A 1 82  ? 7.030   9.732   -10.219 0.25 11.42 ? 88  ARG   B CZ  1 
ATOM   715  N NH1 A ARG   A 1 82  ? 5.888   10.651  -10.698 0.25 14.58 ? 88  ARG   B NH1 1 
ATOM   716  N NH1 B ARG   A 1 82  ? 6.718   10.836  -9.584  0.25 12.75 ? 88  ARG   B NH1 1 
ATOM   717  N NH2 A ARG   A 1 82  ? 5.696   9.152   -12.413 0.25 16.21 ? 88  ARG   B NH2 1 
ATOM   718  N NH2 B ARG   A 1 82  ? 6.264   9.313   -11.209 0.25 11.37 ? 88  ARG   B NH2 1 
ATOM   719  N N   . ASP   A 1 83  ? 9.786   6.948   -4.648  1.00 11.65 ? 89  ASP   B N   1 
ATOM   720  C CA  . ASP   A 1 83  ? 10.451  7.414   -3.408  1.00 13.03 ? 89  ASP   B CA  1 
ATOM   721  C C   . ASP   A 1 83  ? 10.205  8.912   -3.251  1.00 14.19 ? 89  ASP   B C   1 
ATOM   722  O O   . ASP   A 1 83  ? 10.239  9.357   -2.064  1.00 17.13 ? 89  ASP   B O   1 
ATOM   723  C CB  . ASP   A 1 83  ? 11.942  7.065   -3.453  1.00 14.66 ? 89  ASP   B CB  1 
ATOM   724  C CG  . ASP   A 1 83  ? 12.759  7.694   -4.544  1.00 17.86 ? 89  ASP   B CG  1 
ATOM   725  O OD1 . ASP   A 1 83  ? 12.176  8.339   -5.455  1.00 21.00 ? 89  ASP   B OD1 1 
ATOM   726  O OD2 . ASP   A 1 83  ? 14.006  7.553   -4.444  1.00 21.48 ? 89  ASP   B OD2 1 
ATOM   727  N N   . SER   A 1 84  ? 10.033  9.696   -4.304  1.00 12.67 ? 90  SER   B N   1 
ATOM   728  C CA  . SER   A 1 84  ? 9.945   11.169  -4.225  1.00 14.73 ? 90  SER   B CA  1 
ATOM   729  C C   . SER   A 1 84  ? 8.505   11.714  -4.113  1.00 13.36 ? 90  SER   B C   1 
ATOM   730  O O   . SER   A 1 84  ? 8.296   12.897  -4.341  1.00 14.54 ? 90  SER   B O   1 
ATOM   731  C CB  . SER   A 1 84  ? 10.650  11.745  -5.423  1.00 16.96 ? 90  SER   B CB  1 
ATOM   732  O OG  . SER   A 1 84  ? 10.116  11.277  -6.581  1.00 18.12 ? 90  SER   B OG  1 
ATOM   733  N N   . VAL   A 1 85  ? 7.505   10.870  -3.834  1.00 12.54 ? 91  VAL   B N   1 
ATOM   734  C CA  . VAL   A 1 85  ? 6.130   11.397  -3.666  1.00 12.59 ? 91  VAL   B CA  1 
ATOM   735  C C   . VAL   A 1 85  ? 6.088   12.482  -2.571  1.00 12.34 ? 91  VAL   B C   1 
ATOM   736  O O   . VAL   A 1 85  ? 6.813   12.405  -1.567  1.00 13.33 ? 91  VAL   B O   1 
ATOM   737  C CB  . VAL   A 1 85  ? 5.065   10.298  -3.388  1.00 11.69 ? 91  VAL   B CB  1 
ATOM   738  C CG1 . VAL   A 1 85  ? 4.907   9.384   -4.585  1.00 11.71 ? 91  VAL   B CG1 1 
ATOM   739  C CG2 . VAL   A 1 85  ? 5.283   9.555   -2.109  1.00 12.10 ? 91  VAL   B CG2 1 
ATOM   740  N N   . GLN   A 1 86  ? 5.195   13.426  -2.805  1.00 13.62 ? 92  GLN   B N   1 
ATOM   741  C CA  . GLN   A 1 86  ? 4.795   14.463  -1.805  1.00 15.08 ? 92  GLN   B CA  1 
ATOM   742  C C   . GLN   A 1 86  ? 4.425   13.796  -0.470  1.00 14.44 ? 92  GLN   B C   1 
ATOM   743  O O   . GLN   A 1 86  ? 3.689   12.823  -0.449  1.00 14.35 ? 92  GLN   B O   1 
ATOM   744  C CB  . GLN   A 1 86  ? 3.624   15.230  -2.410  1.00 16.83 ? 92  GLN   B CB  1 
ATOM   745  C CG  . GLN   A 1 86  ? 3.010   16.327  -1.530  1.00 20.72 ? 92  GLN   B CG  1 
ATOM   746  C CD  . GLN   A 1 86  ? 1.775   16.921  -2.203  1.00 23.30 ? 92  GLN   B CD  1 
ATOM   747  O OE1 . GLN   A 1 86  ? 1.513   16.744  -3.421  1.00 24.96 ? 92  GLN   B OE1 1 
ATOM   748  N NE2 . GLN   A 1 86  ? 0.956   17.647  -1.440  1.00 25.69 ? 92  GLN   B NE2 1 
ATOM   749  N N   . ARG   A 1 87  ? 4.896   14.352  0.636   1.00 13.43 ? 93  ARG   B N   1 
ATOM   750  C CA  . ARG   A 1 87  ? 4.589   13.845  2.000   1.00 12.81 ? 93  ARG   B CA  1 
ATOM   751  C C   . ARG   A 1 87  ? 3.616   14.782  2.717   1.00 13.67 ? 93  ARG   B C   1 
ATOM   752  O O   . ARG   A 1 87  ? 2.891   14.301  3.592   1.00 13.86 ? 93  ARG   B O   1 
ATOM   753  C CB  . ARG   A 1 87  ? 5.839   13.667  2.833   1.00 13.58 ? 93  ARG   B CB  1 
ATOM   754  C CG  . ARG   A 1 87  ? 6.958   12.866  2.190   1.00 13.61 ? 93  ARG   B CG  1 
ATOM   755  C CD  . ARG   A 1 87  ? 6.465   11.461  1.775   1.00 14.02 ? 93  ARG   B CD  1 
ATOM   756  N NE  . ARG   A 1 87  ? 7.510   10.810  0.946   1.00 14.64 ? 93  ARG   B NE  1 
ATOM   757  C CZ  . ARG   A 1 87  ? 8.543   10.142  1.404   1.00 14.34 ? 93  ARG   B CZ  1 
ATOM   758  N NH1 . ARG   A 1 87  ? 8.701   9.983   2.691   1.00 16.44 ? 93  ARG   B NH1 1 
ATOM   759  N NH2 . ARG   A 1 87  ? 9.457   9.662   0.578   1.00 17.54 ? 93  ARG   B NH2 1 
ATOM   760  N N   . LYS   A 1 88  ? 3.641   16.086  2.428   1.00 13.46 ? 94  LYS   B N   1 
ATOM   761  C CA  . LYS   A 1 88  ? 2.906   17.101  3.245   1.00 14.06 ? 94  LYS   B CA  1 
ATOM   762  C C   . LYS   A 1 88  ? 1.711   17.642  2.508   1.00 16.33 ? 94  LYS   B C   1 
ATOM   763  O O   . LYS   A 1 88  ? 1.818   17.850  1.258   1.00 17.66 ? 94  LYS   B O   1 
ATOM   764  C CB  . LYS   A 1 88  ? 3.867   18.235  3.612   1.00 14.75 ? 94  LYS   B CB  1 
ATOM   765  C CG  . LYS   A 1 88  ? 5.161   17.807  4.236   1.00 16.69 ? 94  LYS   B CG  1 
ATOM   766  C CD  . LYS   A 1 88  ? 5.020   16.968  5.515   1.00 17.95 ? 94  LYS   B CD  1 
ATOM   767  C CE  . LYS   A 1 88  ? 6.358   16.644  6.104   1.00 17.67 ? 94  LYS   B CE  1 
ATOM   768  N NZ  . LYS   A 1 88  ? 6.238   15.822  7.335   1.00 17.71 ? 94  LYS   B NZ  1 
ATOM   769  N N   . GLY   A 1 89  ? 0.609   17.896  3.181   1.00 16.72 ? 95  GLY   B N   1 
ATOM   770  C CA  . GLY   A 1 89  ? -0.568  18.488  2.548   1.00 16.42 ? 95  GLY   B CA  1 
ATOM   771  C C   . GLY   A 1 89  ? -1.463  17.479  1.871   1.00 18.11 ? 95  GLY   B C   1 
ATOM   772  O O   . GLY   A 1 89  ? -1.261  16.216  2.098   1.00 17.83 ? 95  GLY   B O   1 
ATOM   773  N N   . GLN   A 1 90  ? -2.420  17.991  1.107   1.00 18.17 ? 96  GLN   B N   1 
ATOM   774  C CA  . GLN   A 1 90  ? -3.437  17.179  0.440   1.00 20.16 ? 96  GLN   B CA  1 
ATOM   775  C C   . GLN   A 1 90  ? -2.943  16.786  -0.948  1.00 19.52 ? 96  GLN   B C   1 
ATOM   776  O O   . GLN   A 1 90  ? -2.206  17.555  -1.598  1.00 19.59 ? 96  GLN   B O   1 
ATOM   777  C CB  . GLN   A 1 90  ? -4.752  17.965  0.357   1.00 24.21 ? 96  GLN   B CB  1 
ATOM   778  C CG  . GLN   A 1 90  ? -5.368  18.134  1.730   1.00 32.61 ? 96  GLN   B CG  1 
ATOM   779  C CD  . GLN   A 1 90  ? -6.424  19.199  1.725   1.00 42.32 ? 96  GLN   B CD  1 
ATOM   780  O OE1 . GLN   A 1 90  ? -7.615  18.891  1.746   1.00 55.91 ? 96  GLN   B OE1 1 
ATOM   781  N NE2 . GLN   A 1 90  ? -5.976  20.450  1.659   1.00 45.37 ? 96  GLN   B NE2 1 
ATOM   782  N N   . PHE   A 1 91  ? -3.258  15.557  -1.352  1.00 16.65 ? 97  PHE   B N   1 
ATOM   783  C CA  . PHE   A 1 91  ? -2.964  15.055  -2.710  1.00 16.43 ? 97  PHE   B CA  1 
ATOM   784  C C   . PHE   A 1 91  ? -3.839  13.843  -3.003  1.00 15.72 ? 97  PHE   B C   1 
ATOM   785  O O   . PHE   A 1 91  ? -4.377  13.193  -2.097  1.00 17.46 ? 97  PHE   B O   1 
ATOM   786  C CB  . PHE   A 1 91  ? -1.495  14.655  -2.842  1.00 15.68 ? 97  PHE   B CB  1 
ATOM   787  C CG  . PHE   A 1 91  ? -1.024  13.672  -1.801  1.00 15.10 ? 97  PHE   B CG  1 
ATOM   788  C CD1 . PHE   A 1 91  ? -1.166  12.305  -2.028  1.00 15.60 ? 97  PHE   B CD1 1 
ATOM   789  C CD2 . PHE   A 1 91  ? -0.399  14.071  -0.631  1.00 15.30 ? 97  PHE   B CD2 1 
ATOM   790  C CE1 . PHE   A 1 91  ? -0.712  11.378  -1.109  1.00 14.67 ? 97  PHE   B CE1 1 
ATOM   791  C CE2 . PHE   A 1 91  ? 0.066   13.138  0.282   1.00 14.89 ? 97  PHE   B CE2 1 
ATOM   792  C CZ  . PHE   A 1 91  ? -0.081  11.797  0.030   1.00 15.33 ? 97  PHE   B CZ  1 
ATOM   793  N N   A SER   A 1 92  ? -4.040  13.550  -4.286  0.25 16.05 ? 98  SER   B N   1 
ATOM   794  N N   B SER   A 1 92  ? -3.993  13.574  -4.299  0.25 15.36 ? 98  SER   B N   1 
ATOM   795  C CA  A SER   A 1 92  ? -4.778  12.343  -4.725  0.25 16.46 ? 98  SER   B CA  1 
ATOM   796  C CA  B SER   A 1 92  ? -4.709  12.399  -4.847  0.25 15.46 ? 98  SER   B CA  1 
ATOM   797  C C   A SER   A 1 92  ? -3.783  11.250  -5.109  0.25 14.95 ? 98  SER   B C   1 
ATOM   798  C C   B SER   A 1 92  ? -3.714  11.250  -5.047  0.25 14.41 ? 98  SER   B C   1 
ATOM   799  O O   A SER   A 1 92  ? -2.712  11.554  -5.655  0.25 13.94 ? 98  SER   B O   1 
ATOM   800  O O   B SER   A 1 92  ? -2.519  11.531  -5.350  0.25 13.80 ? 98  SER   B O   1 
ATOM   801  C CB  A SER   A 1 92  ? -5.688  12.625  -5.871  0.25 19.16 ? 98  SER   B CB  1 
ATOM   802  C CB  B SER   A 1 92  ? -5.396  12.753  -6.141  0.25 16.50 ? 98  SER   B CB  1 
ATOM   803  O OG  A SER   A 1 92  ? -4.964  13.283  -6.891  0.25 22.28 ? 98  SER   B OG  1 
ATOM   804  O OG  B SER   A 1 92  ? -6.440  13.698  -5.909  0.25 18.78 ? 98  SER   B OG  1 
ATOM   805  N N   . LEU   A 1 93  ? -4.181  10.012  -4.874  1.00 13.82 ? 99  LEU   B N   1 
ATOM   806  C CA  . LEU   A 1 93  ? -3.417  8.832   -5.285  1.00 14.21 ? 99  LEU   B CA  1 
ATOM   807  C C   . LEU   A 1 93  ? -3.642  8.589   -6.754  1.00 13.65 ? 99  LEU   B C   1 
ATOM   808  O O   . LEU   A 1 93  ? -4.696  8.150   -7.185  1.00 15.92 ? 99  LEU   B O   1 
ATOM   809  C CB  . LEU   A 1 93  ? -3.843  7.614   -4.474  1.00 14.16 ? 99  LEU   B CB  1 
ATOM   810  C CG  . LEU   A 1 93  ? -3.613  7.720   -2.971  1.00 15.43 ? 99  LEU   B CG  1 
ATOM   811  C CD1 . LEU   A 1 93  ? -4.137  6.466   -2.260  1.00 16.35 ? 99  LEU   B CD1 1 
ATOM   812  C CD2 . LEU   A 1 93  ? -2.153  7.924   -2.637  1.00 17.24 ? 99  LEU   B CD2 1 
ATOM   813  N N   . SER   A 1 94  ? -2.633  8.845   -7.581  1.00 12.61 ? 100 SER   B N   1 
ATOM   814  C CA  . SER   A 1 94  ? -2.719  8.711   -9.045  1.00 12.80 ? 100 SER   B CA  1 
ATOM   815  C C   . SER   A 1 94  ? -1.331  8.404   -9.582  1.00 11.26 ? 100 SER   B C   1 
ATOM   816  O O   . SER   A 1 94  ? -0.345  8.848   -8.980  1.00 11.66 ? 100 SER   B O   1 
ATOM   817  C CB  . SER   A 1 94  ? -3.245  9.942   -9.738  1.00 14.65 ? 100 SER   B CB  1 
ATOM   818  O OG  . SER   A 1 94  ? -2.341  11.020  -9.588  1.00 18.01 ? 100 SER   B OG  1 
ATOM   819  N N   . PRO   A 1 95  ? -1.214  7.781   -10.740 1.00 11.44 ? 101 PRO   B N   1 
ATOM   820  C CA  . PRO   A 1 95  ? 0.092   7.608   -11.379 1.00 12.49 ? 101 PRO   B CA  1 
ATOM   821  C C   . PRO   A 1 95  ? 0.752   8.960   -11.685 1.00 12.96 ? 101 PRO   B C   1 
ATOM   822  O O   . PRO   A 1 95  ? 1.996   9.048   -11.495 1.00 13.22 ? 101 PRO   B O   1 
ATOM   823  C CB  . PRO   A 1 95  ? -0.188  6.794   -12.656 1.00 12.88 ? 101 PRO   B CB  1 
ATOM   824  C CG  . PRO   A 1 95  ? -1.467  6.035   -12.266 1.00 13.41 ? 101 PRO   B CG  1 
ATOM   825  C CD  . PRO   A 1 95  ? -2.254  7.015   -11.430 1.00 13.01 ? 101 PRO   B CD  1 
ATOM   826  N N   . GLU   A 1 96  ? -0.015  9.996   -12.008 1.00 13.49 ? 102 GLU   B N   1 
ATOM   827  C CA  . GLU   A 1 96  ? 0.587   11.328  -12.275 1.00 15.98 ? 102 GLU   B CA  1 
ATOM   828  C C   . GLU   A 1 96  ? 1.303   11.828  -11.015 1.00 15.65 ? 102 GLU   B C   1 
ATOM   829  O O   . GLU   A 1 96  ? 2.289   12.582  -11.115 1.00 16.90 ? 102 GLU   B O   1 
ATOM   830  C CB  . GLU   A 1 96  ? -0.507  12.276  -12.740 1.00 21.07 ? 102 GLU   B CB  1 
ATOM   831  C CG  . GLU   A 1 96  ? -1.275  11.773  -13.946 1.00 29.80 ? 102 GLU   B CG  1 
ATOM   832  C CD  . GLU   A 1 96  ? -2.627  11.133  -13.641 1.00 36.80 ? 102 GLU   B CD  1 
ATOM   833  O OE1 . GLU   A 1 96  ? -2.690  9.875   -13.326 1.00 23.75 ? 102 GLU   B OE1 1 
ATOM   834  O OE2 . GLU   A 1 96  ? -3.641  11.898  -13.761 1.00 45.50 ? 102 GLU   B OE2 1 
ATOM   835  N N   . ASN   A 1 97  ? 0.815   11.497  -9.817  1.00 13.42 ? 103 ASN   B N   1 
ATOM   836  C CA  . ASN   A 1 97  ? 1.437   11.920  -8.549  1.00 13.08 ? 103 ASN   B CA  1 
ATOM   837  C C   . ASN   A 1 97  ? 2.427   10.866  -8.043  1.00 12.01 ? 103 ASN   B C   1 
ATOM   838  O O   . ASN   A 1 97  ? 3.002   11.067  -6.974  1.00 13.38 ? 103 ASN   B O   1 
ATOM   839  C CB  . ASN   A 1 97  ? 0.373   12.233  -7.485  1.00 14.52 ? 103 ASN   B CB  1 
ATOM   840  C CG  . ASN   A 1 97  ? -0.372  13.513  -7.733  1.00 17.21 ? 103 ASN   B CG  1 
ATOM   841  O OD1 . ASN   A 1 97  ? 0.099   14.392  -8.481  1.00 19.45 ? 103 ASN   B OD1 1 
ATOM   842  N ND2 . ASN   A 1 97  ? -1.572  13.601  -7.178  1.00 18.54 ? 103 ASN   B ND2 1 
ATOM   843  N N   . GLY   A 1 98  ? 2.701   9.785   -8.775  1.00 10.65 ? 104 GLY   B N   1 
ATOM   844  C CA  . GLY   A 1 98  ? 3.689   8.793   -8.370  1.00 10.48 ? 104 GLY   B CA  1 
ATOM   845  C C   . GLY   A 1 98  ? 3.180   7.625   -7.530  1.00 9.57  ? 104 GLY   B C   1 
ATOM   846  O O   . GLY   A 1 98  ? 3.968   7.002   -6.856  1.00 10.90 ? 104 GLY   B O   1 
ATOM   847  N N   . PHE   A 1 99  ? 1.869   7.302   -7.670  1.00 10.35 ? 105 PHE   B N   1 
ATOM   848  C CA  . PHE   A 1 99  ? 1.265   6.179   -6.914  1.00 9.73  ? 105 PHE   B CA  1 
ATOM   849  C C   . PHE   A 1 99  ? 0.596   5.161   -7.827  1.00 8.90  ? 105 PHE   B C   1 
ATOM   850  O O   . PHE   A 1 99  ? -0.175  5.625   -8.711  1.00 10.85 ? 105 PHE   B O   1 
ATOM   851  C CB  . PHE   A 1 99  ? 0.216   6.706   -5.919  1.00 10.34 ? 105 PHE   B CB  1 
ATOM   852  C CG  . PHE   A 1 99  ? 0.712   7.664   -4.864  1.00 10.20 ? 105 PHE   B CG  1 
ATOM   853  C CD1 . PHE   A 1 99  ? 0.747   9.020   -5.112  1.00 10.76 ? 105 PHE   B CD1 1 
ATOM   854  C CD2 . PHE   A 1 99  ? 1.154   7.212   -3.638  1.00 10.26 ? 105 PHE   B CD2 1 
ATOM   855  C CE1 . PHE   A 1 99  ? 1.202   9.913   -4.146  1.00 12.12 ? 105 PHE   B CE1 1 
ATOM   856  C CE2 . PHE   A 1 99  ? 1.604   8.106   -2.682  1.00 10.99 ? 105 PHE   B CE2 1 
ATOM   857  C CZ  . PHE   A 1 99  ? 1.607   9.444   -2.940  1.00 11.09 ? 105 PHE   B CZ  1 
ATOM   858  N N   . TRP   A 1 100 ? 0.779   3.877   -7.533  1.00 8.80  ? 106 TRP   B N   1 
ATOM   859  C CA  . TRP   A 1 100 ? 0.092   2.763   -8.213  1.00 9.06  ? 106 TRP   B CA  1 
ATOM   860  C C   . TRP   A 1 100 ? -0.570  1.924   -7.130  1.00 8.03  ? 106 TRP   B C   1 
ATOM   861  O O   . TRP   A 1 100 ? 0.103   1.120   -6.472  1.00 9.18  ? 106 TRP   B O   1 
ATOM   862  C CB  . TRP   A 1 100 ? 1.039   1.967   -9.118  1.00 8.80  ? 106 TRP   B CB  1 
ATOM   863  C CG  . TRP   A 1 100 ? 1.630   2.826   -10.206 1.00 9.12  ? 106 TRP   B CG  1 
ATOM   864  C CD1 . TRP   A 1 100 ? 1.168   2.970   -11.481 1.00 10.56 ? 106 TRP   B CD1 1 
ATOM   865  C CD2 . TRP   A 1 100 ? 2.781   3.701   -10.117 1.00 9.86  ? 106 TRP   B CD2 1 
ATOM   866  N NE1 . TRP   A 1 100 ? 1.910   3.933   -12.153 1.00 10.69 ? 106 TRP   B NE1 1 
ATOM   867  C CE2 . TRP   A 1 100 ? 2.900   4.384   -11.338 1.00 10.95 ? 106 TRP   B CE2 1 
ATOM   868  C CE3 . TRP   A 1 100 ? 3.683   3.986   -9.085  1.00 10.26 ? 106 TRP   B CE3 1 
ATOM   869  C CZ2 . TRP   A 1 100 ? 3.904   5.346   -11.561 1.00 11.68 ? 106 TRP   B CZ2 1 
ATOM   870  C CZ3 . TRP   A 1 100 ? 4.681   4.925   -9.318  1.00 12.13 ? 106 TRP   B CZ3 1 
ATOM   871  C CH2 . TRP   A 1 100 ? 4.770   5.588   -10.525 1.00 12.20 ? 106 TRP   B CH2 1 
ATOM   872  N N   . THR   A 1 101 ? -1.870  2.174   -6.920  1.00 8.72  ? 107 THR   B N   1 
ATOM   873  C CA  . THR   A 1 101 ? -2.568  1.717   -5.693  1.00 8.80  ? 107 THR   B CA  1 
ATOM   874  C C   . THR   A 1 101 ? -3.992  1.239   -6.036  1.00 8.58  ? 107 THR   B C   1 
ATOM   875  O O   . THR   A 1 101 ? -4.574  1.639   -7.040  1.00 9.24  ? 107 THR   B O   1 
ATOM   876  C CB  . THR   A 1 101 ? -2.658  2.828   -4.645  1.00 9.39  ? 107 THR   B CB  1 
ATOM   877  O OG1 . THR   A 1 101 ? -3.429  3.913   -5.136  1.00 10.24 ? 107 THR   B OG1 1 
ATOM   878  C CG2 . THR   A 1 101 ? -1.278  3.235   -4.170  1.00 9.81  ? 107 THR   B CG2 1 
ATOM   879  N N   . ILE   A 1 102 ? -4.515  0.429   -5.116  1.00 9.06  ? 108 ILE   B N   1 
ATOM   880  C CA  . ILE   A 1 102 ? -5.985  0.116   -5.040  1.00 8.97  ? 108 ILE   B CA  1 
ATOM   881  C C   . ILE   A 1 102 ? -6.426  0.462   -3.621  1.00 9.13  ? 108 ILE   B C   1 
ATOM   882  O O   . ILE   A 1 102 ? -5.575  0.561   -2.678  1.00 9.55  ? 108 ILE   B O   1 
ATOM   883  C CB  . ILE   A 1 102 ? -6.317  -1.349  -5.413  1.00 9.30  ? 108 ILE   B CB  1 
ATOM   884  C CG1 . ILE   A 1 102 ? -5.767  -2.370  -4.421  1.00 10.18 ? 108 ILE   B CG1 1 
ATOM   885  C CG2 . ILE   A 1 102 ? -5.796  -1.619  -6.821  1.00 9.95  ? 108 ILE   B CG2 1 
ATOM   886  C CD1 . ILE   A 1 102 ? -6.289  -3.764  -4.608  1.00 10.91 ? 108 ILE   B CD1 1 
ATOM   887  N N   . TRP   A 1 103 ? -7.727  0.518   -3.432  1.00 9.40  ? 109 TRP   B N   1 
ATOM   888  C CA  . TRP   A 1 103 ? -8.274  0.823   -2.099  1.00 10.12 ? 109 TRP   B CA  1 
ATOM   889  C C   . TRP   A 1 103 ? -9.628  0.208   -1.894  1.00 10.28 ? 109 TRP   B C   1 
ATOM   890  O O   . TRP   A 1 103 ? -10.359 -0.141  -2.847  1.00 10.63 ? 109 TRP   B O   1 
ATOM   891  C CB  . TRP   A 1 103 ? -8.286  2.289   -1.815  1.00 12.50 ? 109 TRP   B CB  1 
ATOM   892  C CG  . TRP   A 1 103 ? -9.156  3.114   -2.665  1.00 14.18 ? 109 TRP   B CG  1 
ATOM   893  C CD1 . TRP   A 1 103 ? -10.520 3.195   -2.659  1.00 14.42 ? 109 TRP   B CD1 1 
ATOM   894  C CD2 . TRP   A 1 103 ? -8.689  4.079   -3.592  1.00 14.64 ? 109 TRP   B CD2 1 
ATOM   895  N NE1 . TRP   A 1 103 ? -10.932 4.188   -3.499  1.00 17.51 ? 109 TRP   B NE1 1 
ATOM   896  C CE2 . TRP   A 1 103 ? -9.833  4.750   -4.081  1.00 15.46 ? 109 TRP   B CE2 1 
ATOM   897  C CE3 . TRP   A 1 103 ? -7.421  4.471   -4.005  1.00 16.36 ? 109 TRP   B CE3 1 
ATOM   898  C CZ2 . TRP   A 1 103 ? -9.732  5.770   -5.025  1.00 18.71 ? 109 TRP   B CZ2 1 
ATOM   899  C CZ3 . TRP   A 1 103 ? -7.329  5.501   -4.900  1.00 17.49 ? 109 TRP   B CZ3 1 
ATOM   900  C CH2 . TRP   A 1 103 ? -8.460  6.138   -5.384  1.00 18.20 ? 109 TRP   B CH2 1 
ATOM   901  N N   . LEU   A 1 104 ? -9.984  0.104   -0.604  1.00 10.29 ? 110 LEU   B N   1 
ATOM   902  C CA  . LEU   A 1 104 ? -11.362 -0.124  -0.139  1.00 10.78 ? 110 LEU   B CA  1 
ATOM   903  C C   . LEU   A 1 104 ? -11.852 1.146   0.522   1.00 10.18 ? 110 LEU   B C   1 
ATOM   904  O O   . LEU   A 1 104 ? -11.144 1.710   1.347   1.00 10.42 ? 110 LEU   B O   1 
ATOM   905  C CB  . LEU   A 1 104 ? -11.362 -1.243  0.870   1.00 11.02 ? 110 LEU   B CB  1 
ATOM   906  C CG  . LEU   A 1 104 ? -12.682 -1.514  1.595   1.00 11.30 ? 110 LEU   B CG  1 
ATOM   907  C CD1 . LEU   A 1 104 ? -13.819 -1.891  0.640   1.00 11.80 ? 110 LEU   B CD1 1 
ATOM   908  C CD2 . LEU   A 1 104 ? -12.505 -2.553  2.663   1.00 12.95 ? 110 LEU   B CD2 1 
ATOM   909  N N   . TRP   A 1 105 ? -13.090 1.538   0.220   1.00 11.56 ? 111 TRP   B N   1 
ATOM   910  C CA  . TRP   A 1 105 ? -13.715 2.730   0.799   1.00 12.06 ? 111 TRP   B CA  1 
ATOM   911  C C   . TRP   A 1 105 ? -15.220 2.587   0.661   1.00 13.75 ? 111 TRP   B C   1 
ATOM   912  O O   . TRP   A 1 105 ? -15.708 2.336   -0.455  1.00 13.85 ? 111 TRP   B O   1 
ATOM   913  C CB  . TRP   A 1 105 ? -13.222 3.970   0.057   1.00 15.98 ? 111 TRP   B CB  1 
ATOM   914  C CG  . TRP   A 1 105 ? -13.946 5.210   0.380   1.00 18.53 ? 111 TRP   B CG  1 
ATOM   915  C CD1 . TRP   A 1 105 ? -14.807 5.953   -0.392  1.00 19.96 ? 111 TRP   B CD1 1 
ATOM   916  C CD2 . TRP   A 1 105 ? -13.798 5.875   1.625   1.00 18.49 ? 111 TRP   B CD2 1 
ATOM   917  N NE1 . TRP   A 1 105 ? -15.201 7.038   0.317   1.00 20.27 ? 111 TRP   B NE1 1 
ATOM   918  C CE2 . TRP   A 1 105 ? -14.612 7.016   1.556   1.00 17.40 ? 111 TRP   B CE2 1 
ATOM   919  C CE3 . TRP   A 1 105 ? -13.046 5.637   2.778   1.00 17.64 ? 111 TRP   B CE3 1 
ATOM   920  C CZ2 . TRP   A 1 105 ? -14.708 7.920   2.601   1.00 22.16 ? 111 TRP   B CZ2 1 
ATOM   921  C CZ3 . TRP   A 1 105 ? -13.183 6.512   3.834   1.00 22.63 ? 111 TRP   B CZ3 1 
ATOM   922  C CH2 . TRP   A 1 105 ? -14.013 7.624   3.759   1.00 21.45 ? 111 TRP   B CH2 1 
ATOM   923  N N   . GLN   A 1 106 ? -15.959 2.675   1.781   1.00 12.28 ? 112 GLN   B N   1 
ATOM   924  C CA  . GLN   A 1 106 ? -17.454 2.676   1.706   1.00 12.43 ? 112 GLN   B CA  1 
ATOM   925  C C   . GLN   A 1 106 ? -17.932 1.494   0.906   1.00 14.21 ? 112 GLN   B C   1 
ATOM   926  O O   . GLN   A 1 106 ? -18.866 1.675   0.043   1.00 15.76 ? 112 GLN   B O   1 
ATOM   927  C CB  . GLN   A 1 106 ? -17.966 4.025   1.219   1.00 14.53 ? 112 GLN   B CB  1 
ATOM   928  C CG  . GLN   A 1 106 ? -17.560 5.148   2.149   1.00 15.45 ? 112 GLN   B CG  1 
ATOM   929  C CD  . GLN   A 1 106 ? -18.193 6.491   1.877   1.00 17.85 ? 112 GLN   B CD  1 
ATOM   930  O OE1 . GLN   A 1 106 ? -18.136 7.401   2.722   1.00 21.53 ? 112 GLN   B OE1 1 
ATOM   931  N NE2 . GLN   A 1 106 ? -18.825 6.617   0.723   1.00 16.67 ? 112 GLN   B NE2 1 
ATOM   932  N N   . ASP   A 1 107 ? -17.473 0.320   1.247   1.00 14.51 ? 113 ASP   B N   1 
ATOM   933  C CA  . ASP   A 1 107 ? -18.003 -0.950  0.749   1.00 18.83 ? 113 ASP   B CA  1 
ATOM   934  C C   . ASP   A 1 107 ? -17.757 -1.116  -0.766  1.00 18.55 ? 113 ASP   B C   1 
ATOM   935  O O   . ASP   A 1 107 ? -18.312 -2.125  -1.329  1.00 25.92 ? 113 ASP   B O   1 
ATOM   936  C CB  . ASP   A 1 107 ? -19.510 -0.946  1.026   1.00 21.50 ? 113 ASP   B CB  1 
ATOM   937  C CG  . ASP   A 1 107 ? -20.138 -2.289  1.009   1.00 29.44 ? 113 ASP   B CG  1 
ATOM   938  O OD1 . ASP   A 1 107 ? -19.489 -3.281  1.441   1.00 32.81 ? 113 ASP   B OD1 1 
ATOM   939  O OD2 . ASP   A 1 107 ? -21.339 -2.320  0.611   1.00 38.62 ? 113 ASP   B OD2 1 
ATOM   940  N N   . SER   A 1 108 ? -16.872 -0.331  -1.388  1.00 14.60 ? 114 SER   B N   1 
ATOM   941  C CA  . SER   A 1 108 ? -16.443 -0.566  -2.802  1.00 16.26 ? 114 SER   B CA  1 
ATOM   942  C C   . SER   A 1 108 ? -14.925 -0.567  -2.901  1.00 13.89 ? 114 SER   B C   1 
ATOM   943  O O   . SER   A 1 108 ? -14.207 0.166   -2.150  1.00 14.12 ? 114 SER   B O   1 
ATOM   944  C CB  . SER   A 1 108 ? -17.176 0.359   -3.723  1.00 19.65 ? 114 SER   B CB  1 
ATOM   945  O OG  . SER   A 1 108 ? -16.746 1.681   -3.645  1.00 30.50 ? 114 SER   B OG  1 
ATOM   946  N N   . TYR   A 1 109 ? -14.428 -1.324  -3.848  1.00 12.22 ? 115 TYR   B N   1 
ATOM   947  C CA  . TYR   A 1 109 ? -12.986 -1.386  -4.214  1.00 11.68 ? 115 TYR   B CA  1 
ATOM   948  C C   . TYR   A 1 109 ? -12.744 -0.608  -5.487  1.00 11.46 ? 115 TYR   B C   1 
ATOM   949  O O   . TYR   A 1 109 ? -13.516 -0.741  -6.449  1.00 11.93 ? 115 TYR   B O   1 
ATOM   950  C CB  . TYR   A 1 109 ? -12.563 -2.827  -4.335  1.00 11.86 ? 115 TYR   B CB  1 
ATOM   951  C CG  . TYR   A 1 109 ? -12.741 -3.666  -3.071  1.00 12.05 ? 115 TYR   B CG  1 
ATOM   952  C CD1 . TYR   A 1 109 ? -13.911 -4.363  -2.837  1.00 12.80 ? 115 TYR   B CD1 1 
ATOM   953  C CD2 . TYR   A 1 109 ? -11.702 -3.831  -2.169  1.00 11.46 ? 115 TYR   B CD2 1 
ATOM   954  C CE1 . TYR   A 1 109 ? -14.052 -5.185  -1.722  1.00 12.94 ? 115 TYR   B CE1 1 
ATOM   955  C CE2 . TYR   A 1 109 ? -11.847 -4.595  -1.025  1.00 11.76 ? 115 TYR   B CE2 1 
ATOM   956  C CZ  . TYR   A 1 109 ? -13.028 -5.275  -0.809  1.00 12.56 ? 115 TYR   B CZ  1 
ATOM   957  O OH  . TYR   A 1 109 ? -13.242 -6.019  0.333   1.00 13.98 ? 115 TYR   B OH  1 
ATOM   958  N N   A GLU   A 1 110 ? -11.686 0.209   -5.517  0.25 11.11 ? 116 GLU   B N   1 
ATOM   959  N N   B GLU   A 1 110 ? -11.695 0.219   -5.495  0.25 11.19 ? 116 GLU   B N   1 
ATOM   960  C CA  A GLU   A 1 110 ? -11.341 1.048   -6.698  0.25 11.29 ? 116 GLU   B CA  1 
ATOM   961  C CA  B GLU   A 1 110 ? -11.311 1.084   -6.645  0.25 11.42 ? 116 GLU   B CA  1 
ATOM   962  C C   A GLU   A 1 110 ? -9.827  1.084   -6.905  0.25 10.08 ? 116 GLU   B C   1 
ATOM   963  C C   B GLU   A 1 110 ? -9.809  0.927   -6.914  0.25 9.87  ? 116 GLU   B C   1 
ATOM   964  O O   A GLU   A 1 110 ? -9.086  1.107   -5.928  0.25 10.05 ? 116 GLU   B O   1 
ATOM   965  O O   B GLU   A 1 110 ? -9.050  0.576   -5.995  0.25 9.02  ? 116 GLU   B O   1 
ATOM   966  C CB  A GLU   A 1 110 ? -11.883 2.463   -6.534  0.25 12.69 ? 116 GLU   B CB  1 
ATOM   967  C CB  B GLU   A 1 110 ? -11.678 2.540   -6.364  0.25 13.15 ? 116 GLU   B CB  1 
ATOM   968  C CG  A GLU   A 1 110 ? -13.406 2.508   -6.409  0.25 14.05 ? 116 GLU   B CG  1 
ATOM   969  C CG  B GLU   A 1 110 ? -13.167 2.757   -6.074  0.25 15.47 ? 116 GLU   B CG  1 
ATOM   970  C CD  A GLU   A 1 110 ? -13.927 3.899   -6.098  0.25 15.47 ? 116 GLU   B CD  1 
ATOM   971  C CD  B GLU   A 1 110 ? -14.043 2.965   -7.303  0.25 17.26 ? 116 GLU   B CD  1 
ATOM   972  O OE1 A GLU   A 1 110 ? -13.308 4.574   -5.267  0.25 18.05 ? 116 GLU   B OE1 1 
ATOM   973  O OE1 B GLU   A 1 110 ? -13.496 3.215   -8.398  0.25 21.26 ? 116 GLU   B OE1 1 
ATOM   974  O OE2 A GLU   A 1 110 ? -14.971 4.293   -6.661  0.25 15.85 ? 116 GLU   B OE2 1 
ATOM   975  O OE2 B GLU   A 1 110 ? -15.275 2.939   -7.144  0.25 22.33 ? 116 GLU   B OE2 1 
ATOM   976  N N   . ALA   A 1 111 ? -9.401  1.154   -8.170  1.00 9.96  ? 117 ALA   B N   1 
ATOM   977  C CA  . ALA   A 1 111 ? -7.994  1.392   -8.513  1.00 10.11 ? 117 ALA   B CA  1 
ATOM   978  C C   . ALA   A 1 111 ? -7.765  2.891   -8.585  1.00 10.85 ? 117 ALA   B C   1 
ATOM   979  O O   . ALA   A 1 111 ? -8.595  3.691   -9.097  1.00 11.02 ? 117 ALA   B O   1 
ATOM   980  C CB  . ALA   A 1 111 ? -7.625  0.734   -9.838  1.00 10.50 ? 117 ALA   B CB  1 
ATOM   981  N N   . GLY   A 1 112 ? -6.604  3.327   -8.061  1.00 10.45 ? 118 GLY   B N   1 
ATOM   982  C CA  . GLY   A 1 112 ? -6.173  4.730   -8.016  1.00 11.80 ? 118 GLY   B CA  1 
ATOM   983  C C   . GLY   A 1 112 ? -5.692  5.257   -9.332  1.00 12.14 ? 118 GLY   B C   1 
ATOM   984  O O   . GLY   A 1 112 ? -4.599  5.771   -9.448  1.00 14.25 ? 118 GLY   B O   1 
ATOM   985  N N   . THR   A 1 113 ? -6.465  5.134   -10.392 1.00 13.83 ? 119 THR   B N   1 
ATOM   986  C CA  . THR   A 1 113 ? -6.288  5.899   -11.638 1.00 15.16 ? 119 THR   B CA  1 
ATOM   987  C C   . THR   A 1 113 ? -6.893  7.299   -11.473 1.00 15.73 ? 119 THR   B C   1 
ATOM   988  O O   . THR   A 1 113 ? -7.557  7.530   -10.496 1.00 18.03 ? 119 THR   B O   1 
ATOM   989  C CB  . THR   A 1 113 ? -6.926  5.084   -12.746 1.00 13.02 ? 119 THR   B CB  1 
ATOM   990  O OG1 . THR   A 1 113 ? -8.305  4.798   -12.391 1.00 13.62 ? 119 THR   B OG1 1 
ATOM   991  C CG2 . THR   A 1 113 ? -6.257  3.793   -13.058 1.00 14.60 ? 119 THR   B CG2 1 
ATOM   992  N N   . SER   A 1 114 ? -6.738  8.176   -12.469 1.00 18.80 ? 120 SER   B N   1 
ATOM   993  C CA  . SER   A 1 114 ? -7.361  9.513   -12.419 1.00 22.84 ? 120 SER   B CA  1 
ATOM   994  C C   . SER   A 1 114 ? -8.204  9.708   -13.682 1.00 23.20 ? 120 SER   B C   1 
ATOM   995  O O   . SER   A 1 114 ? -7.676  9.742   -14.796 1.00 25.35 ? 120 SER   B O   1 
ATOM   996  C CB  . SER   A 1 114 ? -6.313  10.606  -12.219 1.00 27.01 ? 120 SER   B CB  1 
ATOM   997  O OG  . SER   A 1 114 ? -6.966  11.877  -12.139 1.00 30.78 ? 120 SER   B OG  1 
ATOM   998  N N   . PRO   A 1 115 ? -9.541  9.637   -13.569 1.00 21.30 ? 121 PRO   B N   1 
ATOM   999  C CA  . PRO   A 1 115 ? -10.264 9.371   -12.330 1.00 20.84 ? 121 PRO   B CA  1 
ATOM   1000 C C   . PRO   A 1 115 ? -10.216 7.871   -11.961 1.00 17.31 ? 121 PRO   B C   1 
ATOM   1001 O O   . PRO   A 1 115 ? -9.784  7.036   -12.743 1.00 16.19 ? 121 PRO   B O   1 
ATOM   1002 C CB  . PRO   A 1 115 ? -11.690 9.817   -12.646 1.00 24.23 ? 121 PRO   B CB  1 
ATOM   1003 C CG  . PRO   A 1 115 ? -11.831 9.528   -14.111 1.00 24.06 ? 121 PRO   B CG  1 
ATOM   1004 C CD  . PRO   A 1 115 ? -10.458 9.761   -14.725 1.00 23.67 ? 121 PRO   B CD  1 
ATOM   1005 N N   . GLN   A 1 116 ? -10.640 7.558   -10.751 1.00 16.54 ? 122 GLN   B N   1 
ATOM   1006 C CA  . GLN   A 1 116 ? -10.574 6.183   -10.196 1.00 15.23 ? 122 GLN   B CA  1 
ATOM   1007 C C   . GLN   A 1 116 ? -11.423 5.198   -11.013 1.00 13.67 ? 122 GLN   B C   1 
ATOM   1008 O O   . GLN   A 1 116 ? -12.416 5.598   -11.635 1.00 14.71 ? 122 GLN   B O   1 
ATOM   1009 C CB  . GLN   A 1 116 ? -10.898 6.149   -8.703  1.00 20.22 ? 122 GLN   B CB  1 
ATOM   1010 C CG  . GLN   A 1 116 ? -12.349 6.371   -8.340  1.00 27.67 ? 122 GLN   B CG  1 
ATOM   1011 C CD  . GLN   A 1 116 ? -12.628 7.791   -7.918  1.00 39.02 ? 122 GLN   B CD  1 
ATOM   1012 O OE1 . GLN   A 1 116 ? -12.132 8.763   -8.498  1.00 42.56 ? 122 GLN   B OE1 1 
ATOM   1013 N NE2 . GLN   A 1 116 ? -13.482 7.911   -6.916  1.00 47.74 ? 122 GLN   B NE2 1 
ATOM   1014 N N   . THR   A 1 117 ? -11.032 3.945   -10.953 1.00 11.99 ? 123 THR   B N   1 
ATOM   1015 C CA  . THR   A 1 117 ? -11.648 2.840   -11.706 1.00 11.83 ? 123 THR   B CA  1 
ATOM   1016 C C   . THR   A 1 117 ? -12.324 1.884   -10.740 1.00 11.89 ? 123 THR   B C   1 
ATOM   1017 O O   . THR   A 1 117 ? -11.666 1.342   -9.863  1.00 12.76 ? 123 THR   B O   1 
ATOM   1018 C CB  . THR   A 1 117 ? -10.605 2.155   -12.598 1.00 11.24 ? 123 THR   B CB  1 
ATOM   1019 O OG1 . THR   A 1 117 ? -10.034 3.125   -13.471 1.00 12.43 ? 123 THR   B OG1 1 
ATOM   1020 C CG2 . THR   A 1 117 ? -11.237 1.021   -13.376 1.00 12.45 ? 123 THR   B CG2 1 
ATOM   1021 N N   . THR   A 1 118 ? -13.592 1.551   -11.005 1.00 12.24 ? 124 THR   B N   1 
ATOM   1022 C CA  . THR   A 1 118 ? -14.328 0.542   -10.248 1.00 12.81 ? 124 THR   B CA  1 
ATOM   1023 C C   . THR   A 1 118 ? -13.721 -0.842  -10.411 1.00 12.38 ? 124 THR   B C   1 
ATOM   1024 O O   . THR   A 1 118 ? -13.400 -1.263  -11.573 1.00 14.17 ? 124 THR   B O   1 
ATOM   1025 C CB  . THR   A 1 118 ? -15.780 0.535   -10.768 1.00 15.33 ? 124 THR   B CB  1 
ATOM   1026 O OG1 . THR   A 1 118 ? -16.356 1.793   -10.446 1.00 18.52 ? 124 THR   B OG1 1 
ATOM   1027 C CG2 . THR   A 1 118 ? -16.539 -0.651  -10.222 1.00 18.03 ? 124 THR   B CG2 1 
ATOM   1028 N N   . LEU   A 1 119 ? -13.500 -1.571  -9.328  1.00 11.34 ? 125 LEU   B N   1 
ATOM   1029 C CA  . LEU   A 1 119 ? -13.025 -2.949  -9.336  1.00 10.87 ? 125 LEU   B CA  1 
ATOM   1030 C C   . LEU   A 1 119 ? -14.232 -3.883  -9.142  1.00 13.17 ? 125 LEU   B C   1 
ATOM   1031 O O   . LEU   A 1 119 ? -15.280 -3.428  -8.622  1.00 16.97 ? 125 LEU   B O   1 
ATOM   1032 C CB  . LEU   A 1 119 ? -11.956 -3.239  -8.265  1.00 11.14 ? 125 LEU   B CB  1 
ATOM   1033 C CG  . LEU   A 1 119 ? -10.733 -2.324  -8.366  1.00 10.57 ? 125 LEU   B CG  1 
ATOM   1034 C CD1 . LEU   A 1 119 ? -9.774  -2.515  -7.202  1.00 11.06 ? 125 LEU   B CD1 1 
ATOM   1035 C CD2 . LEU   A 1 119 ? -9.999  -2.540  -9.686  1.00 11.51 ? 125 LEU   B CD2 1 
ATOM   1036 N N   . HIS   A 1 120 ? -14.125 -5.098  -9.638  1.00 12.23 ? 126 HIS   B N   1 
ATOM   1037 C CA  . HIS   A 1 120 ? -15.207 -6.122  -9.642  1.00 12.65 ? 126 HIS   B CA  1 
ATOM   1038 C C   . HIS   A 1 120 ? -14.717 -7.288  -8.814  1.00 14.56 ? 126 HIS   B C   1 
ATOM   1039 O O   . HIS   A 1 120 ? -13.966 -8.159  -9.317  1.00 19.84 ? 126 HIS   B O   1 
ATOM   1040 C CB  . HIS   A 1 120 ? -15.534 -6.527  -11.095 1.00 13.97 ? 126 HIS   B CB  1 
ATOM   1041 C CG  . HIS   A 1 120 ? -15.986 -5.401  -11.952 1.00 13.94 ? 126 HIS   B CG  1 
ATOM   1042 N ND1 . HIS   A 1 120 ? -15.117 -4.721  -12.801 1.00 16.95 ? 126 HIS   B ND1 1 
ATOM   1043 C CD2 . HIS   A 1 120 ? -17.179 -4.824  -12.079 1.00 15.97 ? 126 HIS   B CD2 1 
ATOM   1044 C CE1 . HIS   A 1 120 ? -15.817 -3.776  -13.407 1.00 17.36 ? 126 HIS   B CE1 1 
ATOM   1045 N NE2 . HIS   A 1 120 ? -17.071 -3.828  -13.019 1.00 16.61 ? 126 HIS   B NE2 1 
ATOM   1046 N N   . ILE   A 1 121 ? -15.036 -7.315  -7.539  1.00 16.89 ? 127 ILE   B N   1 
ATOM   1047 C CA  . ILE   A 1 121 ? -14.536 -8.343  -6.584  1.00 18.79 ? 127 ILE   B CA  1 
ATOM   1048 C C   . ILE   A 1 121 ? -15.791 -9.055  -6.007  1.00 18.00 ? 127 ILE   B C   1 
ATOM   1049 O O   . ILE   A 1 121 ? -16.640 -8.404  -5.421  1.00 25.17 ? 127 ILE   B O   1 
ATOM   1050 C CB  . ILE   A 1 121 ? -13.645 -7.677  -5.510  1.00 19.81 ? 127 ILE   B CB  1 
ATOM   1051 C CG1 . ILE   A 1 121 ? -12.421 -6.983  -6.147  1.00 18.43 ? 127 ILE   B CG1 1 
ATOM   1052 C CG2 . ILE   A 1 121 ? -13.288 -8.722  -4.456  1.00 25.18 ? 127 ILE   B CG2 1 
ATOM   1053 C CD1 . ILE   A 1 121 ? -11.406 -6.410  -5.181  1.00 17.83 ? 127 ILE   B CD1 1 
ATOM   1054 N N   . GLN   A 1 122 ? -15.910 -10.333 -6.274  1.00 21.66 ? 128 GLN   B N   1 
ATOM   1055 C CA  . GLN   A 1 122 ? -17.073 -11.150 -5.800  1.00 24.05 ? 128 GLN   B CA  1 
ATOM   1056 C C   . GLN   A 1 122 ? -16.790 -11.663 -4.384  1.00 22.86 ? 128 GLN   B C   1 
ATOM   1057 O O   . GLN   A 1 122 ? -17.749 -11.741 -3.577  1.00 23.18 ? 128 GLN   B O   1 
ATOM   1058 C CB  . GLN   A 1 122 ? -17.289 -12.322 -6.770  1.00 26.54 ? 128 GLN   B CB  1 
ATOM   1059 C CG  . GLN   A 1 122 ? -18.386 -13.317 -6.354  1.00 33.35 ? 128 GLN   B CG  1 
ATOM   1060 C CD  . GLN   A 1 122 ? -19.776 -12.716 -6.257  1.00 38.92 ? 128 GLN   B CD  1 
ATOM   1061 O OE1 . GLN   A 1 122 ? -20.098 -11.714 -6.893  1.00 44.52 ? 128 GLN   B OE1 1 
ATOM   1062 N NE2 . GLN   A 1 122 ? -20.623 -13.323 -5.437  1.00 40.72 ? 128 GLN   B NE2 1 
ATOM   1063 N N   . VAL   A 1 123 ? -15.525 -11.900 -4.059  1.00 19.57 ? 129 VAL   B N   1 
ATOM   1064 C CA  . VAL   A 1 123 ? -15.094 -12.475 -2.744  1.00 17.61 ? 129 VAL   B CA  1 
ATOM   1065 C C   . VAL   A 1 123 ? -14.261 -11.438 -1.999  1.00 17.25 ? 129 VAL   B C   1 
ATOM   1066 O O   . VAL   A 1 123 ? -13.106 -11.215 -2.399  1.00 16.70 ? 129 VAL   B O   1 
ATOM   1067 C CB  . VAL   A 1 123 ? -14.304 -13.774 -2.925  1.00 19.08 ? 129 VAL   B CB  1 
ATOM   1068 C CG1 . VAL   A 1 123 ? -13.782 -14.324 -1.592  1.00 19.78 ? 129 VAL   B CG1 1 
ATOM   1069 C CG2 . VAL   A 1 123 ? -15.169 -14.838 -3.610  1.00 20.88 ? 129 VAL   B CG2 1 
ATOM   1070 N N   . PRO   A 1 124 ? -14.810 -10.669 -1.032  1.00 15.99 ? 130 PRO   B N   1 
ATOM   1071 C CA  . PRO   A 1 124 ? -14.030 -9.611  -0.384  1.00 16.24 ? 130 PRO   B CA  1 
ATOM   1072 C C   . PRO   A 1 124 ? -12.727 -10.192 0.115   1.00 15.64 ? 130 PRO   B C   1 
ATOM   1073 O O   . PRO   A 1 124 ? -12.666 -11.189 0.817   1.00 16.05 ? 130 PRO   B O   1 
ATOM   1074 C CB  . PRO   A 1 124 ? -14.950 -9.183  0.778   1.00 19.09 ? 130 PRO   B CB  1 
ATOM   1075 C CG  . PRO   A 1 124 ? -16.343 -9.416  0.185   1.00 18.96 ? 130 PRO   B CG  1 
ATOM   1076 C CD  . PRO   A 1 124 ? -16.220 -10.695 -0.556  1.00 18.77 ? 130 PRO   B CD  1 
ATOM   1077 N N   . PRO   A 1 125 ? -11.555 -9.637  -0.260  1.00 14.45 ? 131 PRO   B N   1 
ATOM   1078 C CA  . PRO   A 1 125 ? -10.287 -10.194 0.151   1.00 13.89 ? 131 PRO   B CA  1 
ATOM   1079 C C   . PRO   A 1 125 ? -9.961  -9.974  1.629   1.00 13.13 ? 131 PRO   B C   1 
ATOM   1080 O O   . PRO   A 1 125 ? -10.150 -8.876  2.124   1.00 14.04 ? 131 PRO   B O   1 
ATOM   1081 C CB  . PRO   A 1 125 ? -9.266  -9.511  -0.792  1.00 14.47 ? 131 PRO   B CB  1 
ATOM   1082 C CG  . PRO   A 1 125 ? -9.955  -8.292  -1.256  1.00 16.26 ? 131 PRO   B CG  1 
ATOM   1083 C CD  . PRO   A 1 125 ? -11.432 -8.570  -1.266  1.00 14.98 ? 131 PRO   B CD  1 
ATOM   1084 N N   . CYS   A 1 126 ? -9.340  -10.984 2.213   1.00 13.32 ? 132 CYS   B N   1 
ATOM   1085 C CA  . CYS   A 1 126 ? -8.683  -10.846 3.537   1.00 13.92 ? 132 CYS   B CA  1 
ATOM   1086 C C   . CYS   A 1 126 ? -7.183  -10.670 3.383   1.00 13.33 ? 132 CYS   B C   1 
ATOM   1087 O O   . CYS   A 1 126 ? -6.520  -10.175 4.292   1.00 12.41 ? 132 CYS   B O   1 
ATOM   1088 C CB  . CYS   A 1 126 ? -8.966  -12.028 4.441   1.00 16.92 ? 132 CYS   B CB  1 
ATOM   1089 S SG  . CYS   A 1 126 ? -10.736 -12.238 4.807   1.00 25.18 ? 132 CYS   B SG  1 
ATOM   1090 N N   A GLN   A 1 127 ? -6.590  -11.149 2.275   0.25 13.03 ? 133 GLN   B N   1 
ATOM   1091 N N   B GLN   A 1 127 ? -6.691  -10.989 2.184   0.25 13.25 ? 133 GLN   B N   1 
ATOM   1092 C CA  A GLN   A 1 127 ? -5.160  -10.872 1.943   0.25 13.36 ? 133 GLN   B CA  1 
ATOM   1093 C CA  B GLN   A 1 127 ? -5.251  -10.930 1.855   0.25 14.10 ? 133 GLN   B CA  1 
ATOM   1094 C C   A GLN   A 1 127 ? -5.033  -10.547 0.448   0.25 12.65 ? 133 GLN   B C   1 
ATOM   1095 C C   B GLN   A 1 127 ? -5.133  -10.455 0.404   0.25 12.99 ? 133 GLN   B C   1 
ATOM   1096 O O   A GLN   A 1 127 ? -5.680  -11.224 -0.392  0.25 11.39 ? 133 GLN   B O   1 
ATOM   1097 O O   B GLN   A 1 127 ? -5.965  -10.853 -0.446  0.25 11.39 ? 133 GLN   B O   1 
ATOM   1098 C CB  A GLN   A 1 127 ? -4.180  -12.008 2.278   0.25 14.72 ? 133 GLN   B CB  1 
ATOM   1099 C CB  B GLN   A 1 127 ? -4.597  -12.284 2.133   0.25 16.44 ? 133 GLN   B CB  1 
ATOM   1100 C CG  A GLN   A 1 127 ? -4.129  -12.423 3.745   0.25 15.89 ? 133 GLN   B CG  1 
ATOM   1101 C CG  B GLN   A 1 127 ? -4.593  -12.665 3.607   0.25 18.10 ? 133 GLN   B CG  1 
ATOM   1102 C CD  A GLN   A 1 127 ? -5.143  -13.499 4.036   0.25 17.82 ? 133 GLN   B CD  1 
ATOM   1103 C CD  B GLN   A 1 127 ? -3.554  -13.699 3.962   0.25 19.86 ? 133 GLN   B CD  1 
ATOM   1104 O OE1 A GLN   A 1 127 ? -5.456  -14.323 3.179   0.25 18.12 ? 133 GLN   B OE1 1 
ATOM   1105 O OE1 B GLN   A 1 127 ? -2.890  -14.268 3.105   0.25 24.58 ? 133 GLN   B OE1 1 
ATOM   1106 N NE2 A GLN   A 1 127 ? -5.705  -13.464 5.239   0.25 18.08 ? 133 GLN   B NE2 1 
ATOM   1107 N NE2 B GLN   A 1 127 ? -3.413  -13.952 5.246   0.25 22.34 ? 133 GLN   B NE2 1 
ATOM   1108 N N   . ILE   A 1 128 ? -4.184  -9.547  0.172   1.00 11.85 ? 134 ILE   B N   1 
ATOM   1109 C CA  . ILE   A 1 128 ? -3.913  -8.947  -1.164  1.00 12.14 ? 134 ILE   B CA  1 
ATOM   1110 C C   . ILE   A 1 128 ? -2.468  -9.308  -1.506  1.00 12.16 ? 134 ILE   B C   1 
ATOM   1111 O O   . ILE   A 1 128 ? -1.535  -9.055  -0.698  1.00 11.41 ? 134 ILE   B O   1 
ATOM   1112 C CB  . ILE   A 1 128 ? -4.107  -7.430  -1.129  1.00 12.53 ? 134 ILE   B CB  1 
ATOM   1113 C CG1 . ILE   A 1 128 ? -5.519  -6.967  -0.703  1.00 15.72 ? 134 ILE   B CG1 1 
ATOM   1114 C CG2 . ILE   A 1 128 ? -3.687  -6.835  -2.488  1.00 12.96 ? 134 ILE   B CG2 1 
ATOM   1115 C CD1 . ILE   A 1 128 ? -6.542  -7.287  -1.673  1.00 15.20 ? 134 ILE   B CD1 1 
ATOM   1116 N N   . GLY   A 1 129 ? -2.237  -9.811  -2.727  1.00 11.90 ? 135 GLY   B N   1 
ATOM   1117 C CA  . GLY   A 1 129 ? -0.898  -9.967  -3.292  1.00 11.50 ? 135 GLY   B CA  1 
ATOM   1118 C C   . GLY   A 1 129 ? -0.572  -8.841  -4.256  1.00 11.20 ? 135 GLY   B C   1 
ATOM   1119 O O   . GLY   A 1 129 ? -1.447  -8.388  -4.997  1.00 11.42 ? 135 GLY   B O   1 
ATOM   1120 N N   . ILE   A 1 130 ? 0.646   -8.299  -4.132  1.00 11.10 ? 136 ILE   B N   1 
ATOM   1121 C CA  . ILE   A 1 130 ? 1.124   -7.159  -4.972  1.00 10.74 ? 136 ILE   B CA  1 
ATOM   1122 C C   . ILE   A 1 130 ? 2.369   -7.600  -5.719  1.00 11.50 ? 136 ILE   B C   1 
ATOM   1123 O O   . ILE   A 1 130 ? 3.317   -8.084  -5.114  1.00 11.19 ? 136 ILE   B O   1 
ATOM   1124 C CB  . ILE   A 1 130 ? 1.426   -5.929  -4.096  1.00 11.35 ? 136 ILE   B CB  1 
ATOM   1125 C CG1 . ILE   A 1 130 ? 0.166   -5.534  -3.334  1.00 12.76 ? 136 ILE   B CG1 1 
ATOM   1126 C CG2 . ILE   A 1 130 ? 1.962   -4.757  -4.924  1.00 12.62 ? 136 ILE   B CG2 1 
ATOM   1127 C CD1 . ILE   A 1 130 ? 0.376   -4.458  -2.352  1.00 15.99 ? 136 ILE   B CD1 1 
ATOM   1128 N N   . PHE   A 1 131 ? 2.300   -7.502  -7.035  1.00 10.89 ? 137 PHE   B N   1 
ATOM   1129 C CA  . PHE   A 1 131 ? 3.395   -7.895  -7.954  1.00 10.54 ? 137 PHE   B CA  1 
ATOM   1130 C C   . PHE   A 1 131 ? 3.846   -6.670  -8.729  1.00 10.34 ? 137 PHE   B C   1 
ATOM   1131 O O   . PHE   A 1 131 ? 3.032   -5.959  -9.321  1.00 11.39 ? 137 PHE   B O   1 
ATOM   1132 C CB  . PHE   A 1 131 ? 2.932   -8.957  -8.947  1.00 11.73 ? 137 PHE   B CB  1 
ATOM   1133 C CG  . PHE   A 1 131 ? 3.953   -9.348  -9.985  1.00 12.98 ? 137 PHE   B CG  1 
ATOM   1134 C CD1 . PHE   A 1 131 ? 5.085   -10.033 -9.612  1.00 14.82 ? 137 PHE   B CD1 1 
ATOM   1135 C CD2 . PHE   A 1 131 ? 3.763   -9.058  -11.330 1.00 13.94 ? 137 PHE   B CD2 1 
ATOM   1136 C CE1 . PHE   A 1 131 ? 6.027   -10.392 -10.572 1.00 16.69 ? 137 PHE   B CE1 1 
ATOM   1137 C CE2 . PHE   A 1 131 ? 4.719   -9.396  -12.290 1.00 16.24 ? 137 PHE   B CE2 1 
ATOM   1138 C CZ  . PHE   A 1 131 ? 5.831   -10.072 -11.888 1.00 15.85 ? 137 PHE   B CZ  1 
ATOM   1139 N N   . VAL   A 1 132 ? 5.162   -6.425  -8.725  1.00 10.93 ? 138 VAL   B N   1 
ATOM   1140 C CA  . VAL   A 1 132 ? 5.807   -5.328  -9.490  1.00 11.29 ? 138 VAL   B CA  1 
ATOM   1141 C C   . VAL   A 1 132 ? 6.835   -5.927  -10.450 1.00 10.40 ? 138 VAL   B C   1 
ATOM   1142 O O   . VAL   A 1 132 ? 7.721   -6.668  -10.026 1.00 11.99 ? 138 VAL   B O   1 
ATOM   1143 C CB  . VAL   A 1 132 ? 6.454   -4.288  -8.568  1.00 11.36 ? 138 VAL   B CB  1 
ATOM   1144 C CG1 . VAL   A 1 132 ? 7.098   -3.204  -9.420  1.00 13.03 ? 138 VAL   B CG1 1 
ATOM   1145 C CG2 . VAL   A 1 132 ? 5.432   -3.691  -7.602  1.00 13.14 ? 138 VAL   B CG2 1 
ATOM   1146 N N   . ASP   A 1 133 ? 6.663   -5.624  -11.723 1.00 10.70 ? 139 ASP   B N   1 
ATOM   1147 C CA  . ASP   A 1 133 ? 7.720   -5.928  -12.746 1.00 12.45 ? 139 ASP   B CA  1 
ATOM   1148 C C   . ASP   A 1 133 ? 8.281   -4.578  -13.206 1.00 11.21 ? 139 ASP   B C   1 
ATOM   1149 O O   . ASP   A 1 133 ? 7.636   -3.848  -13.970 1.00 11.85 ? 139 ASP   B O   1 
ATOM   1150 C CB  . ASP   A 1 133 ? 7.177   -6.773  -13.875 1.00 12.58 ? 139 ASP   B CB  1 
ATOM   1151 C CG  . ASP   A 1 133 ? 8.216   -7.172  -14.926 1.00 14.70 ? 139 ASP   B CG  1 
ATOM   1152 O OD1 . ASP   A 1 133 ? 9.245   -6.457  -15.038 1.00 15.47 ? 139 ASP   B OD1 1 
ATOM   1153 O OD2 . ASP   A 1 133 ? 7.907   -8.203  -15.593 1.00 19.60 ? 139 ASP   B OD2 1 
ATOM   1154 N N   . TYR   A 1 134 ? 9.460   -4.223  -12.678 1.00 11.96 ? 140 TYR   B N   1 
ATOM   1155 C CA  . TYR   A 1 134 ? 10.028  -2.889  -12.947 1.00 12.24 ? 140 TYR   B CA  1 
ATOM   1156 C C   . TYR   A 1 134 ? 10.262  -2.639  -14.447 1.00 12.78 ? 140 TYR   B C   1 
ATOM   1157 O O   . TYR   A 1 134 ? 9.807   -1.690  -15.036 1.00 14.01 ? 140 TYR   B O   1 
ATOM   1158 C CB  . TYR   A 1 134 ? 11.302  -2.651  -12.104 1.00 12.12 ? 140 TYR   B CB  1 
ATOM   1159 C CG  . TYR   A 1 134 ? 11.608  -1.167  -12.014 1.00 12.42 ? 140 TYR   B CG  1 
ATOM   1160 C CD1 . TYR   A 1 134 ? 12.143  -0.454  -13.086 1.00 12.65 ? 140 TYR   B CD1 1 
ATOM   1161 C CD2 . TYR   A 1 134 ? 11.302  -0.432  -10.882 1.00 12.56 ? 140 TYR   B CD2 1 
ATOM   1162 C CE1 . TYR   A 1 134 ? 12.349  0.907   -13.042 1.00 12.39 ? 140 TYR   B CE1 1 
ATOM   1163 C CE2 . TYR   A 1 134 ? 11.494  0.943   -10.825 1.00 11.80 ? 140 TYR   B CE2 1 
ATOM   1164 C CZ  . TYR   A 1 134 ? 12.049  1.632   -11.893 1.00 12.01 ? 140 TYR   B CZ  1 
ATOM   1165 O OH  . TYR   A 1 134 ? 12.214  2.973   -11.898 1.00 12.41 ? 140 TYR   B OH  1 
ATOM   1166 N N   . GLU   A 1 135 ? 10.920  -3.596  -15.051 1.00 14.45 ? 141 GLU   B N   1 
ATOM   1167 C CA  . GLU   A 1 135 ? 11.332  -3.460  -16.473 1.00 15.27 ? 141 GLU   B CA  1 
ATOM   1168 C C   . GLU   A 1 135 ? 10.103  -3.393  -17.348 1.00 15.04 ? 141 GLU   B C   1 
ATOM   1169 O O   . GLU   A 1 135 ? 10.053  -2.530  -18.260 1.00 16.91 ? 141 GLU   B O   1 
ATOM   1170 C CB  . GLU   A 1 135 ? 12.266  -4.591  -16.888 1.00 17.54 ? 141 GLU   B CB  1 
ATOM   1171 C CG  . GLU   A 1 135 ? 13.720  -4.274  -16.491 1.00 24.06 ? 141 GLU   B CG  1 
ATOM   1172 C CD  . GLU   A 1 135 ? 13.963  -4.267  -15.030 1.00 27.59 ? 141 GLU   B CD  1 
ATOM   1173 O OE1 . GLU   A 1 135 ? 14.722  -3.462  -14.598 1.00 24.32 ? 141 GLU   B OE1 1 
ATOM   1174 O OE2 . GLU   A 1 135 ? 13.343  -5.096  -14.329 1.00 29.53 ? 141 GLU   B OE2 1 
ATOM   1175 N N   . ALA   A 1 136 ? 9.104   -4.230  -17.103 1.00 13.34 ? 142 ALA   B N   1 
ATOM   1176 C CA  . ALA   A 1 136 ? 7.894   -4.261  -17.924 1.00 14.17 ? 142 ALA   B CA  1 
ATOM   1177 C C   . ALA   A 1 136 ? 6.986   -3.053  -17.659 1.00 14.35 ? 142 ALA   B C   1 
ATOM   1178 O O   . ALA   A 1 136 ? 6.117   -2.765  -18.484 1.00 16.05 ? 142 ALA   B O   1 
ATOM   1179 C CB  . ALA   A 1 136 ? 7.147   -5.550  -17.679 1.00 16.09 ? 142 ALA   B CB  1 
ATOM   1180 N N   . GLY   A 1 137 ? 7.128   -2.337  -16.548 1.00 11.95 ? 143 GLY   B N   1 
ATOM   1181 C CA  . GLY   A 1 137 ? 6.210   -1.257  -16.205 1.00 12.12 ? 143 GLY   B CA  1 
ATOM   1182 C C   . GLY   A 1 137 ? 4.828   -1.778  -15.761 1.00 10.47 ? 143 GLY   B C   1 
ATOM   1183 O O   . GLY   A 1 137 ? 3.831   -1.246  -16.276 1.00 11.48 ? 143 GLY   B O   1 
ATOM   1184 N N   . VAL   A 1 138 ? 4.810   -2.786  -14.893 1.00 11.47 ? 144 VAL   B N   1 
ATOM   1185 C CA  . VAL   A 1 138 ? 3.534   -3.446  -14.474 1.00 11.50 ? 144 VAL   B CA  1 
ATOM   1186 C C   . VAL   A 1 138 ? 3.470   -3.440  -12.960 1.00 10.76 ? 144 VAL   B C   1 
ATOM   1187 O O   . VAL   A 1 138 ? 4.434   -3.841  -12.276 1.00 11.43 ? 144 VAL   B O   1 
ATOM   1188 C CB  . VAL   A 1 138 ? 3.505   -4.886  -15.029 1.00 12.13 ? 144 VAL   B CB  1 
ATOM   1189 C CG1 . VAL   A 1 138 ? 2.392   -5.744  -14.382 1.00 12.99 ? 144 VAL   B CG1 1 
ATOM   1190 C CG2 . VAL   A 1 138 ? 3.377   -4.834  -16.547 1.00 13.42 ? 144 VAL   B CG2 1 
ATOM   1191 N N   . VAL   A 1 139 ? 2.266   -3.148  -12.475 1.00 10.27 ? 145 VAL   B N   1 
ATOM   1192 C CA  . VAL   A 1 139 ? 1.886   -3.392  -11.050 1.00 10.29 ? 145 VAL   B CA  1 
ATOM   1193 C C   . VAL   A 1 139 ? 0.541   -4.145  -11.043 1.00 9.41  ? 145 VAL   B C   1 
ATOM   1194 O O   . VAL   A 1 139 ? -0.443  -3.582  -11.572 1.00 10.31 ? 145 VAL   B O   1 
ATOM   1195 C CB  . VAL   A 1 139 ? 1.771   -2.080  -10.262 1.00 10.24 ? 145 VAL   B CB  1 
ATOM   1196 C CG1 . VAL   A 1 139 ? 1.460   -2.365  -8.787  1.00 10.10 ? 145 VAL   B CG1 1 
ATOM   1197 C CG2 . VAL   A 1 139 ? 3.016   -1.210  -10.399 1.00 10.89 ? 145 VAL   B CG2 1 
ATOM   1198 N N   . SER   A 1 140 ? 0.524   -5.324  -10.473 1.00 9.65  ? 146 SER   B N   1 
ATOM   1199 C CA  . SER   A 1 140 ? -0.697  -6.151  -10.430 1.00 10.46 ? 146 SER   B CA  1 
ATOM   1200 C C   . SER   A 1 140 ? -1.057  -6.518  -8.992  1.00 10.17 ? 146 SER   B C   1 
ATOM   1201 O O   . SER   A 1 140 ? -0.200  -6.679  -8.146  1.00 10.81 ? 146 SER   B O   1 
ATOM   1202 C CB  . SER   A 1 140 ? -0.524  -7.402  -11.260 1.00 10.47 ? 146 SER   B CB  1 
ATOM   1203 O OG  . SER   A 1 140 ? -0.398  -7.112  -12.661 1.00 11.79 ? 146 SER   B OG  1 
ATOM   1204 N N   . PHE   A 1 141 ? -2.357  -6.685  -8.788  1.00 9.41  ? 147 PHE   B N   1 
ATOM   1205 C CA  . PHE   A 1 141 ? -2.984  -6.960  -7.486  1.00 9.85  ? 147 PHE   B CA  1 
ATOM   1206 C C   . PHE   A 1 141 ? -3.777  -8.248  -7.625  1.00 10.13 ? 147 PHE   B C   1 
ATOM   1207 O O   . PHE   A 1 141 ? -4.597  -8.383  -8.594  1.00 10.11 ? 147 PHE   B O   1 
ATOM   1208 C CB  . PHE   A 1 141 ? -3.881  -5.790  -7.024  1.00 10.00 ? 147 PHE   B CB  1 
ATOM   1209 C CG  . PHE   A 1 141 ? -3.120  -4.505  -6.830  1.00 9.55  ? 147 PHE   B CG  1 
ATOM   1210 C CD1 . PHE   A 1 141 ? -2.816  -3.666  -7.901  1.00 9.50  ? 147 PHE   B CD1 1 
ATOM   1211 C CD2 . PHE   A 1 141 ? -2.722  -4.122  -5.560  1.00 9.77  ? 147 PHE   B CD2 1 
ATOM   1212 C CE1 . PHE   A 1 141 ? -2.072  -2.510  -7.692  1.00 9.89  ? 147 PHE   B CE1 1 
ATOM   1213 C CE2 . PHE   A 1 141 ? -1.966  -2.963  -5.375  1.00 9.58  ? 147 PHE   B CE2 1 
ATOM   1214 C CZ  . PHE   A 1 141 ? -1.674  -2.132  -6.429  1.00 9.26  ? 147 PHE   B CZ  1 
ATOM   1215 N N   . TYR   A 1 142 ? -3.685  -9.091  -6.612  1.00 10.05 ? 148 TYR   B N   1 
ATOM   1216 C CA  . TYR   A 1 142 ? -4.274  -10.455 -6.620  1.00 11.57 ? 148 TYR   B CA  1 
ATOM   1217 C C   . TYR   A 1 142 ? -5.077  -10.648 -5.335  1.00 11.85 ? 148 TYR   B C   1 
ATOM   1218 O O   . TYR   A 1 142 ? -4.675  -10.258 -4.229  1.00 12.03 ? 148 TYR   B O   1 
ATOM   1219 C CB  . TYR   A 1 142 ? -3.215  -11.540 -6.794  1.00 11.68 ? 148 TYR   B CB  1 
ATOM   1220 C CG  . TYR   A 1 142 ? -2.524  -11.441 -8.128  1.00 12.17 ? 148 TYR   B CG  1 
ATOM   1221 C CD1 . TYR   A 1 142 ? -3.079  -11.952 -9.293  1.00 13.02 ? 148 TYR   B CD1 1 
ATOM   1222 C CD2 . TYR   A 1 142 ? -1.351  -10.721 -8.257  1.00 12.84 ? 148 TYR   B CD2 1 
ATOM   1223 C CE1 . TYR   A 1 142 ? -2.459  -11.787 -10.523 1.00 13.37 ? 148 TYR   B CE1 1 
ATOM   1224 C CE2 . TYR   A 1 142 ? -0.711  -10.560 -9.474  1.00 13.48 ? 148 TYR   B CE2 1 
ATOM   1225 C CZ  . TYR   A 1 142 ? -1.258  -11.110 -10.620 1.00 13.15 ? 148 TYR   B CZ  1 
ATOM   1226 O OH  . TYR   A 1 142 ? -0.649  -10.912 -11.851 1.00 15.69 ? 148 TYR   B OH  1 
ATOM   1227 N N   . ASN   A 1 143 ? -6.183  -11.376 -5.456  1.00 12.98 ? 149 ASN   B N   1 
ATOM   1228 C CA  . ASN   A 1 143 ? -7.105  -11.712 -4.325  1.00 12.39 ? 149 ASN   B CA  1 
ATOM   1229 C C   . ASN   A 1 143 ? -6.664  -13.062 -3.755  1.00 12.30 ? 149 ASN   B C   1 
ATOM   1230 O O   . ASN   A 1 143 ? -7.062  -14.122 -4.319  1.00 14.60 ? 149 ASN   B O   1 
ATOM   1231 C CB  . ASN   A 1 143 ? -8.529  -11.736 -4.853  1.00 12.42 ? 149 ASN   B CB  1 
ATOM   1232 C CG  . ASN   A 1 143 ? -9.566  -11.966 -3.754  1.00 12.60 ? 149 ASN   B CG  1 
ATOM   1233 O OD1 . ASN   A 1 143 ? -9.189  -12.429 -2.668  1.00 14.13 ? 149 ASN   B OD1 1 
ATOM   1234 N ND2 . ASN   A 1 143 ? -10.769 -11.546 -4.015  1.00 14.45 ? 149 ASN   B ND2 1 
ATOM   1235 N N   . ILE   A 1 144 ? -5.898  -13.123 -2.672  1.00 13.34 ? 150 ILE   B N   1 
ATOM   1236 C CA  . ILE   A 1 144 ? -5.334  -14.396 -2.159  1.00 14.61 ? 150 ILE   B CA  1 
ATOM   1237 C C   . ILE   A 1 144 ? -6.502  -15.235 -1.590  1.00 16.15 ? 150 ILE   B C   1 
ATOM   1238 O O   . ILE   A 1 144 ? -6.420  -16.477 -1.673  1.00 17.94 ? 150 ILE   B O   1 
ATOM   1239 C CB  . ILE   A 1 144 ? -4.258  -14.088 -1.112  1.00 15.67 ? 150 ILE   B CB  1 
ATOM   1240 C CG1 . ILE   A 1 144 ? -3.130  -13.208 -1.680  1.00 16.41 ? 150 ILE   B CG1 1 
ATOM   1241 C CG2 . ILE   A 1 144 ? -3.709  -15.358 -0.489  1.00 17.92 ? 150 ILE   B CG2 1 
ATOM   1242 C CD1 . ILE   A 1 144 ? -2.643  -13.613 -3.034  1.00 20.02 ? 150 ILE   B CD1 1 
ATOM   1243 N N   . THR   A 1 145 ? -7.543  -14.609 -1.065  1.00 15.46 ? 151 THR   B N   1 
ATOM   1244 C CA  . THR   A 1 145 ? -8.739  -15.292 -0.467  1.00 16.45 ? 151 THR   B CA  1 
ATOM   1245 C C   . THR   A 1 145 ? -9.437  -16.067 -1.577  1.00 19.86 ? 151 THR   B C   1 
ATOM   1246 O O   . THR   A 1 145 ? -9.917  -17.193 -1.299  1.00 22.84 ? 151 THR   B O   1 
ATOM   1247 C CB  . THR   A 1 145 ? -9.657  -14.250 0.186   1.00 15.63 ? 151 THR   B CB  1 
ATOM   1248 O OG1 . THR   A 1 145 ? -8.876  -13.489 1.106   1.00 16.37 ? 151 THR   B OG1 1 
ATOM   1249 C CG2 . THR   A 1 145 ? -10.786 -14.929 0.937   1.00 17.42 ? 151 THR   B CG2 1 
ATOM   1250 N N   . ASP   A 1 146 ? -9.493  -15.540 -2.791  1.00 17.57 ? 152 ASP   B N   1 
ATOM   1251 C CA  . ASP   A 1 146 ? -10.130 -16.183 -3.975  1.00 18.61 ? 152 ASP   B CA  1 
ATOM   1252 C C   . ASP   A 1 146 ? -9.091  -16.850 -4.892  1.00 18.84 ? 152 ASP   B C   1 
ATOM   1253 O O   . ASP   A 1 146 ? -9.123  -16.547 -6.099  1.00 19.15 ? 152 ASP   B O   1 
ATOM   1254 C CB  . ASP   A 1 146 ? -11.010 -15.168 -4.643  1.00 18.02 ? 152 ASP   B CB  1 
ATOM   1255 C CG  . ASP   A 1 146 ? -11.805 -15.715 -5.801  1.00 21.39 ? 152 ASP   B CG  1 
ATOM   1256 O OD1 . ASP   A 1 146 ? -12.357 -16.827 -5.646  1.00 23.13 ? 152 ASP   B OD1 1 
ATOM   1257 O OD2 . ASP   A 1 146 ? -11.851 -15.029 -6.823  1.00 21.90 ? 152 ASP   B OD2 1 
ATOM   1258 N N   . HIS   A 1 147 ? -8.217  -17.691 -4.350  1.00 20.94 ? 153 HIS   B N   1 
ATOM   1259 C CA  . HIS   A 1 147 ? -7.306  -18.573 -5.136  1.00 25.05 ? 153 HIS   B CA  1 
ATOM   1260 C C   . HIS   A 1 147 ? -6.428  -17.698 -6.043  1.00 23.28 ? 153 HIS   B C   1 
ATOM   1261 O O   . HIS   A 1 147 ? -6.099  -18.095 -7.153  1.00 25.68 ? 153 HIS   B O   1 
ATOM   1262 C CB  . HIS   A 1 147 ? -8.073  -19.569 -6.020  1.00 30.45 ? 153 HIS   B CB  1 
ATOM   1263 C CG  . HIS   A 1 147 ? -9.177  -20.342 -5.368  1.00 39.90 ? 153 HIS   B CG  1 
ATOM   1264 N ND1 . HIS   A 1 147 ? -8.941  -21.328 -4.422  1.00 48.60 ? 153 HIS   B ND1 1 
ATOM   1265 C CD2 . HIS   A 1 147 ? -10.515 -20.314 -5.572  1.00 44.74 ? 153 HIS   B CD2 1 
ATOM   1266 C CE1 . HIS   A 1 147 ? -10.093 -21.850 -4.040  1.00 51.08 ? 153 HIS   B CE1 1 
ATOM   1267 N NE2 . HIS   A 1 147 ? -11.080 -21.245 -4.737  1.00 48.03 ? 153 HIS   B NE2 1 
ATOM   1268 N N   . GLY   A 1 148 ? -6.109  -16.484 -5.611  1.00 18.74 ? 154 GLY   B N   1 
ATOM   1269 C CA  . GLY   A 1 148 ? -5.136  -15.662 -6.355  1.00 16.97 ? 154 GLY   B CA  1 
ATOM   1270 C C   . GLY   A 1 148 ? -5.732  -14.952 -7.547  1.00 15.84 ? 154 GLY   B C   1 
ATOM   1271 O O   . GLY   A 1 148 ? -4.930  -14.616 -8.415  1.00 16.18 ? 154 GLY   B O   1 
ATOM   1272 N N   . SER   A 1 149 ? -7.028  -14.784 -7.660  1.00 14.32 ? 155 SER   B N   1 
ATOM   1273 C CA  . SER   A 1 149 ? -7.661  -14.193 -8.858  1.00 13.05 ? 155 SER   B CA  1 
ATOM   1274 C C   . SER   A 1 149 ? -7.149  -12.764 -9.072  1.00 13.58 ? 155 SER   B C   1 
ATOM   1275 O O   . SER   A 1 149 ? -6.946  -11.990 -8.081  1.00 13.19 ? 155 SER   B O   1 
ATOM   1276 C CB  . SER   A 1 149 ? -9.170  -14.229 -8.768  1.00 14.18 ? 155 SER   B CB  1 
ATOM   1277 O OG  . SER   A 1 149 ? -9.694  -13.618 -7.601  1.00 15.20 ? 155 SER   B OG  1 
ATOM   1278 N N   . LEU   A 1 150 ? -7.026  -12.330 -10.298 1.00 12.27 ? 156 LEU   B N   1 
ATOM   1279 C CA  . LEU   A 1 150 ? -6.588  -10.937 -10.605 1.00 11.35 ? 156 LEU   B CA  1 
ATOM   1280 C C   . LEU   A 1 150 ? -7.638  -9.935  -10.169 1.00 11.36 ? 156 LEU   B C   1 
ATOM   1281 O O   . LEU   A 1 150 ? -8.859  -10.041 -10.474 1.00 12.05 ? 156 LEU   B O   1 
ATOM   1282 C CB  . LEU   A 1 150 ? -6.334  -10.816 -12.113 1.00 11.91 ? 156 LEU   B CB  1 
ATOM   1283 C CG  . LEU   A 1 150 ? -5.861  -9.429  -12.587 1.00 11.84 ? 156 LEU   B CG  1 
ATOM   1284 C CD1 . LEU   A 1 150 ? -4.465  -9.109  -12.103 1.00 12.14 ? 156 LEU   B CD1 1 
ATOM   1285 C CD2 . LEU   A 1 150 ? -5.847  -9.409  -14.137 1.00 12.51 ? 156 LEU   B CD2 1 
ATOM   1286 N N   . ILE   A 1 151 ? -7.175  -8.881  -9.473  1.00 10.55 ? 157 ILE   B N   1 
ATOM   1287 C CA  . ILE   A 1 151 ? -7.980  -7.710  -9.138  1.00 10.97 ? 157 ILE   B CA  1 
ATOM   1288 C C   . ILE   A 1 151 ? -7.788  -6.579  -10.142 1.00 9.96  ? 157 ILE   B C   1 
ATOM   1289 O O   . ILE   A 1 151 ? -8.711  -5.972  -10.649 1.00 10.37 ? 157 ILE   B O   1 
ATOM   1290 C CB  . ILE   A 1 151 ? -7.649  -7.250  -7.696  1.00 11.20 ? 157 ILE   B CB  1 
ATOM   1291 C CG1 . ILE   A 1 151 ? -8.052  -8.305  -6.672  1.00 11.59 ? 157 ILE   B CG1 1 
ATOM   1292 C CG2 . ILE   A 1 151 ? -8.321  -5.912  -7.413  1.00 11.46 ? 157 ILE   B CG2 1 
ATOM   1293 C CD1 . ILE   A 1 151 ? -7.569  -7.999  -5.257  1.00 12.32 ? 157 ILE   B CD1 1 
ATOM   1294 N N   . TYR   A 1 152 ? -6.517  -6.235  -10.432 1.00 10.22 ? 158 TYR   B N   1 
ATOM   1295 C CA  . TYR   A 1 152 ? -6.249  -5.062  -11.293 1.00 9.51  ? 158 TYR   B CA  1 
ATOM   1296 C C   . TYR   A 1 152 ? -4.794  -5.122  -11.760 1.00 9.49  ? 158 TYR   B C   1 
ATOM   1297 O O   . TYR   A 1 152 ? -3.915  -5.500  -10.966 1.00 9.86  ? 158 TYR   B O   1 
ATOM   1298 C CB  . TYR   A 1 152 ? -6.426  -3.714  -10.526 1.00 9.86  ? 158 TYR   B CB  1 
ATOM   1299 C CG  . TYR   A 1 152 ? -6.452  -2.535  -11.453 1.00 9.97  ? 158 TYR   B CG  1 
ATOM   1300 C CD1 . TYR   A 1 152 ? -7.591  -2.194  -12.197 1.00 10.59 ? 158 TYR   B CD1 1 
ATOM   1301 C CD2 . TYR   A 1 152 ? -5.319  -1.735  -11.624 1.00 10.03 ? 158 TYR   B CD2 1 
ATOM   1302 C CE1 . TYR   A 1 152 ? -7.570  -1.140  -13.086 1.00 11.37 ? 158 TYR   B CE1 1 
ATOM   1303 C CE2 . TYR   A 1 152 ? -5.303  -0.698  -12.520 1.00 10.36 ? 158 TYR   B CE2 1 
ATOM   1304 C CZ  . TYR   A 1 152 ? -6.420  -0.400  -13.256 1.00 11.00 ? 158 TYR   B CZ  1 
ATOM   1305 O OH  . TYR   A 1 152 ? -6.424  0.608   -14.186 1.00 13.09 ? 158 TYR   B OH  1 
ATOM   1306 N N   . THR   A 1 153 ? -4.538  -4.696  -13.002 1.00 9.61  ? 159 THR   B N   1 
ATOM   1307 C CA  . THR   A 1 153 ? -3.178  -4.490  -13.563 1.00 10.15 ? 159 THR   B CA  1 
ATOM   1308 C C   . THR   A 1 153 ? -3.044  -3.080  -14.077 1.00 9.95  ? 159 THR   B C   1 
ATOM   1309 O O   . THR   A 1 153 ? -3.757  -2.665  -14.985 1.00 10.85 ? 159 THR   B O   1 
ATOM   1310 C CB  . THR   A 1 153 ? -2.862  -5.504  -14.681 1.00 10.83 ? 159 THR   B CB  1 
ATOM   1311 O OG1 . THR   A 1 153 ? -2.760  -6.788  -14.075 1.00 10.75 ? 159 THR   B OG1 1 
ATOM   1312 C CG2 . THR   A 1 153 ? -1.566  -5.155  -15.398 1.00 11.64 ? 159 THR   B CG2 1 
ATOM   1313 N N   . PHE   A 1 154 ? -2.082  -2.326  -13.504 1.00 10.21 ? 160 PHE   B N   1 
ATOM   1314 C CA  . PHE   A 1 154 ? -1.558  -1.090  -14.122 1.00 10.05 ? 160 PHE   B CA  1 
ATOM   1315 C C   . PHE   A 1 154 ? -0.434  -1.516  -15.077 1.00 10.46 ? 160 PHE   B C   1 
ATOM   1316 O O   . PHE   A 1 154 ? 0.515   -2.160  -14.672 1.00 10.65 ? 160 PHE   B O   1 
ATOM   1317 C CB  . PHE   A 1 154 ? -0.911  -0.163  -13.107 1.00 10.21 ? 160 PHE   B CB  1 
ATOM   1318 C CG  . PHE   A 1 154 ? -1.827  0.472   -12.087 1.00 8.99  ? 160 PHE   B CG  1 
ATOM   1319 C CD1 . PHE   A 1 154 ? -2.152  -0.138  -10.875 1.00 9.06  ? 160 PHE   B CD1 1 
ATOM   1320 C CD2 . PHE   A 1 154 ? -2.302  1.740   -12.302 1.00 9.29  ? 160 PHE   B CD2 1 
ATOM   1321 C CE1 . PHE   A 1 154 ? -2.958  0.516   -9.956  1.00 9.44  ? 160 PHE   B CE1 1 
ATOM   1322 C CE2 . PHE   A 1 154 ? -3.111  2.389   -11.371 1.00 9.45  ? 160 PHE   B CE2 1 
ATOM   1323 C CZ  . PHE   A 1 154 ? -3.414  1.766   -10.187 1.00 8.52  ? 160 PHE   B CZ  1 
ATOM   1324 N N   . SER   A 1 155 ? -0.620  -1.167  -16.349 1.00 11.73 ? 161 SER   B N   1 
ATOM   1325 C CA  . SER   A 1 155 ? 0.437   -1.411  -17.343 1.00 13.05 ? 161 SER   B CA  1 
ATOM   1326 C C   . SER   A 1 155 ? 0.854   -0.083  -17.946 1.00 12.65 ? 161 SER   B C   1 
ATOM   1327 O O   . SER   A 1 155 ? 0.255   0.964   -17.736 1.00 14.36 ? 161 SER   B O   1 
ATOM   1328 C CB  . SER   A 1 155 ? -0.048  -2.428  -18.347 1.00 14.77 ? 161 SER   B CB  1 
ATOM   1329 O OG  . SER   A 1 155 ? -1.034  -1.914  -19.187 1.00 18.63 ? 161 SER   B OG  1 
ATOM   1330 N N   . GLU   A 1 156 ? 1.963   -0.133  -18.705 1.00 14.85 ? 162 GLU   B N   1 
ATOM   1331 C CA  . GLU   A 1 156 ? 2.548   1.117   -19.282 1.00 16.03 ? 162 GLU   B CA  1 
ATOM   1332 C C   . GLU   A 1 156 ? 2.876   2.109   -18.158 1.00 14.44 ? 162 GLU   B C   1 
ATOM   1333 O O   . GLU   A 1 156 ? 2.744   3.364   -18.338 1.00 16.11 ? 162 GLU   B O   1 
ATOM   1334 C CB  . GLU   A 1 156 ? 1.614   1.787   -20.291 1.00 19.03 ? 162 GLU   B CB  1 
ATOM   1335 C CG  . GLU   A 1 156 ? 0.993   0.866   -21.315 1.00 24.66 ? 162 GLU   B CG  1 
ATOM   1336 C CD  . GLU   A 1 156 ? 0.306   1.731   -22.348 1.00 35.58 ? 162 GLU   B CD  1 
ATOM   1337 O OE1 . GLU   A 1 156 ? -0.889  2.049   -22.165 1.00 40.96 ? 162 GLU   B OE1 1 
ATOM   1338 O OE2 . GLU   A 1 156 ? 1.014   2.224   -23.245 1.00 39.78 ? 162 GLU   B OE2 1 
ATOM   1339 N N   . CYS   A 1 157 ? 3.331   1.565   -17.022 1.00 13.46 ? 163 CYS   B N   1 
ATOM   1340 C CA  . CYS   A 1 157 ? 3.649   2.430   -15.875 1.00 12.16 ? 163 CYS   B CA  1 
ATOM   1341 C C   . CYS   A 1 157 ? 4.929   3.230   -16.168 1.00 13.22 ? 163 CYS   B C   1 
ATOM   1342 O O   . CYS   A 1 157 ? 5.884   2.617   -16.720 1.00 14.90 ? 163 CYS   B O   1 
ATOM   1343 C CB  . CYS   A 1 157 ? 3.852   1.687   -14.561 1.00 12.09 ? 163 CYS   B CB  1 
ATOM   1344 S SG  . CYS   A 1 157 ? 2.391   0.789   -13.975 1.00 12.25 ? 163 CYS   B SG  1 
ATOM   1345 N N   . VAL   A 1 158 ? 4.934   4.477   -15.781 1.00 12.73 ? 164 VAL   B N   1 
ATOM   1346 C CA  . VAL   A 1 158 ? 6.150   5.323   -15.932 1.00 14.21 ? 164 VAL   B CA  1 
ATOM   1347 C C   . VAL   A 1 158 ? 6.627   5.585   -14.504 1.00 12.63 ? 164 VAL   B C   1 
ATOM   1348 O O   . VAL   A 1 158 ? 6.261   6.598   -13.906 1.00 15.22 ? 164 VAL   B O   1 
ATOM   1349 C CB  . VAL   A 1 158 ? 5.844   6.560   -16.832 1.00 16.96 ? 164 VAL   B CB  1 
ATOM   1350 C CG1 . VAL   A 1 158 ? 7.111   7.432   -16.927 1.00 17.16 ? 164 VAL   B CG1 1 
ATOM   1351 C CG2 . VAL   A 1 158 ? 5.346   6.140   -18.216 1.00 18.82 ? 164 VAL   B CG2 1 
ATOM   1352 N N   . PHE   A 1 159 ? 7.408   4.682   -13.916 1.00 11.91 ? 165 PHE   B N   1 
ATOM   1353 C CA  . PHE   A 1 159 ? 7.821   4.739   -12.495 1.00 12.33 ? 165 PHE   B CA  1 
ATOM   1354 C C   . PHE   A 1 159 ? 8.612   6.031   -12.254 1.00 14.29 ? 165 PHE   B C   1 
ATOM   1355 O O   . PHE   A 1 159 ? 8.408   6.713   -11.238 1.00 14.95 ? 165 PHE   B O   1 
ATOM   1356 C CB  . PHE   A 1 159 ? 8.500   3.452   -12.090 1.00 12.23 ? 165 PHE   B CB  1 
ATOM   1357 C CG  . PHE   A 1 159 ? 7.621   2.221   -12.163 1.00 11.04 ? 165 PHE   B CG  1 
ATOM   1358 C CD1 . PHE   A 1 159 ? 6.332   2.235   -11.610 1.00 11.41 ? 165 PHE   B CD1 1 
ATOM   1359 C CD2 . PHE   A 1 159 ? 8.075   1.052   -12.759 1.00 13.05 ? 165 PHE   B CD2 1 
ATOM   1360 C CE1 . PHE   A 1 159 ? 5.535   1.085   -11.659 1.00 11.53 ? 165 PHE   B CE1 1 
ATOM   1361 C CE2 . PHE   A 1 159 ? 7.283   -0.087  -12.808 1.00 12.43 ? 165 PHE   B CE2 1 
ATOM   1362 C CZ  . PHE   A 1 159 ? 6.021   -0.069  -12.231 1.00 11.49 ? 165 PHE   B CZ  1 
ATOM   1363 N N   . ALA   A 1 160 ? 9.615   6.292   -13.093 1.00 13.11 ? 166 ALA   B N   1 
ATOM   1364 C CA  . ALA   A 1 160 ? 10.395  7.547   -13.121 1.00 13.54 ? 166 ALA   B CA  1 
ATOM   1365 C C   . ALA   A 1 160 ? 11.203  7.697   -11.832 1.00 13.29 ? 166 ALA   B C   1 
ATOM   1366 O O   . ALA   A 1 160 ? 11.524  8.881   -11.460 1.00 14.46 ? 166 ALA   B O   1 
ATOM   1367 C CB  . ALA   A 1 160 ? 9.535   8.719   -13.404 1.00 14.29 ? 166 ALA   B CB  1 
ATOM   1368 N N   . GLY   A 1 161 ? 11.595  6.612   -11.204 1.00 13.64 ? 167 GLY   B N   1 
ATOM   1369 C CA  . GLY   A 1 161 ? 12.376  6.642   -9.962  1.00 14.93 ? 167 GLY   B CA  1 
ATOM   1370 C C   . GLY   A 1 161 ? 12.342  5.325   -9.233  1.00 12.84 ? 167 GLY   B C   1 
ATOM   1371 O O   . GLY   A 1 161 ? 11.609  4.383   -9.642  1.00 13.10 ? 167 GLY   B O   1 
ATOM   1372 N N   . PRO   A 1 162 ? 13.069  5.202   -8.141  1.00 11.97 ? 168 PRO   B N   1 
ATOM   1373 C CA  . PRO   A 1 162 ? 12.960  4.056   -7.258  1.00 11.49 ? 168 PRO   B CA  1 
ATOM   1374 C C   . PRO   A 1 162 ? 11.524  3.950   -6.708  1.00 11.50 ? 168 PRO   B C   1 
ATOM   1375 O O   . PRO   A 1 162 ? 10.894  4.981   -6.476  1.00 12.27 ? 168 PRO   B O   1 
ATOM   1376 C CB  . PRO   A 1 162 ? 13.956  4.289   -6.113  1.00 12.35 ? 168 PRO   B CB  1 
ATOM   1377 C CG  . PRO   A 1 162 ? 14.844  5.430   -6.693  1.00 12.32 ? 168 PRO   B CG  1 
ATOM   1378 C CD  . PRO   A 1 162 ? 13.978  6.225   -7.601  1.00 11.82 ? 168 PRO   B CD  1 
ATOM   1379 N N   . LEU   A 1 163 ? 11.108  2.715   -6.498  1.00 11.40 ? 169 LEU   B N   1 
ATOM   1380 C CA  . LEU   A 1 163 ? 9.743   2.434   -5.933  1.00 10.44 ? 169 LEU   B CA  1 
ATOM   1381 C C   . LEU   A 1 163 ? 9.870   1.971   -4.488  1.00 11.01 ? 169 LEU   B C   1 
ATOM   1382 O O   . LEU   A 1 163 ? 10.777  1.215   -4.146  1.00 12.36 ? 169 LEU   B O   1 
ATOM   1383 C CB  . LEU   A 1 163 ? 9.045   1.345   -6.749  1.00 11.80 ? 169 LEU   B CB  1 
ATOM   1384 C CG  . LEU   A 1 163 ? 8.606   1.741   -8.154  1.00 13.01 ? 169 LEU   B CG  1 
ATOM   1385 C CD1 . LEU   A 1 163 ? 8.060   0.507   -8.855  1.00 12.83 ? 169 LEU   B CD1 1 
ATOM   1386 C CD2 . LEU   A 1 163 ? 7.585   2.880   -8.154  1.00 13.43 ? 169 LEU   B CD2 1 
ATOM   1387 N N   . ARG   A 1 164 ? 8.872   2.342   -3.680  1.00 11.14 ? 170 ARG   B N   1 
ATOM   1388 C CA  . ARG   A 1 164 ? 8.718   1.852   -2.302  1.00 11.06 ? 170 ARG   B CA  1 
ATOM   1389 C C   . ARG   A 1 164 ? 7.334   1.241   -2.076  1.00 9.73  ? 170 ARG   B C   1 
ATOM   1390 O O   . ARG   A 1 164 ? 6.353   1.766   -2.598  1.00 10.03 ? 170 ARG   B O   1 
ATOM   1391 C CB  . ARG   A 1 164 ? 8.956   2.994   -1.317  1.00 12.49 ? 170 ARG   B CB  1 
ATOM   1392 C CG  . ARG   A 1 164 ? 10.401  3.499   -1.444  1.00 15.60 ? 170 ARG   B CG  1 
ATOM   1393 C CD  . ARG   A 1 164 ? 10.811  4.576   -0.497  1.00 17.13 ? 170 ARG   B CD  1 
ATOM   1394 N NE  . ARG   A 1 164 ? 10.877  3.993   0.826   1.00 16.49 ? 170 ARG   B NE  1 
ATOM   1395 C CZ  . ARG   A 1 164 ? 11.197  4.714   1.878   1.00 16.72 ? 170 ARG   B CZ  1 
ATOM   1396 N NH1 . ARG   A 1 164 ? 11.622  5.944   1.698   1.00 17.13 ? 170 ARG   B NH1 1 
ATOM   1397 N NH2 . ARG   A 1 164 ? 11.172  4.153   3.063   1.00 14.97 ? 170 ARG   B NH2 1 
ATOM   1398 N N   . PRO   A 1 165 ? 7.240   0.152   -1.301  1.00 9.31  ? 171 PRO   B N   1 
ATOM   1399 C CA  . PRO   A 1 165 ? 5.913   -0.334  -0.880  1.00 9.20  ? 171 PRO   B CA  1 
ATOM   1400 C C   . PRO   A 1 165 ? 5.166   0.782   -0.156  1.00 8.71  ? 171 PRO   B C   1 
ATOM   1401 O O   . PRO   A 1 165 ? 5.756   1.530   0.600   1.00 10.00 ? 171 PRO   B O   1 
ATOM   1402 C CB  . PRO   A 1 165 ? 6.213   -1.513  0.040   1.00 9.87  ? 171 PRO   B CB  1 
ATOM   1403 C CG  . PRO   A 1 165 ? 7.635   -1.955  -0.387  1.00 10.82 ? 171 PRO   B CG  1 
ATOM   1404 C CD  . PRO   A 1 165 ? 8.323   -0.658  -0.735  1.00 11.12 ? 171 PRO   B CD  1 
ATOM   1405 N N   . PHE   A 1 166 ? 3.872   0.890   -0.430  1.00 8.99  ? 172 PHE   B N   1 
ATOM   1406 C CA  . PHE   A 1 166 ? 3.013   1.978   0.080   1.00 9.49  ? 172 PHE   B CA  1 
ATOM   1407 C C   . PHE   A 1 166 ? 1.790   1.398   0.812   1.00 8.51  ? 172 PHE   B C   1 
ATOM   1408 O O   . PHE   A 1 166 ? 1.147   0.444   0.334   1.00 8.58  ? 172 PHE   B O   1 
ATOM   1409 C CB  . PHE   A 1 166 ? 2.546   2.844   -1.087  1.00 9.87  ? 172 PHE   B CB  1 
ATOM   1410 C CG  . PHE   A 1 166 ? 1.533   3.894   -0.670  1.00 9.84  ? 172 PHE   B CG  1 
ATOM   1411 C CD1 . PHE   A 1 166 ? 1.946   5.067   -0.046  1.00 10.60 ? 172 PHE   B CD1 1 
ATOM   1412 C CD2 . PHE   A 1 166 ? 0.169   3.721   -0.843  1.00 10.64 ? 172 PHE   B CD2 1 
ATOM   1413 C CE1 . PHE   A 1 166 ? 1.027   6.047   0.318   1.00 10.71 ? 172 PHE   B CE1 1 
ATOM   1414 C CE2 . PHE   A 1 166 ? -0.745  4.651   -0.385  1.00 10.40 ? 172 PHE   B CE2 1 
ATOM   1415 C CZ  . PHE   A 1 166 ? -0.310  5.833   0.165   1.00 11.13 ? 172 PHE   B CZ  1 
ATOM   1416 N N   . PHE   A 1 167 ? 1.448   2.021   1.961   1.00 8.80  ? 173 PHE   B N   1 
ATOM   1417 C CA  . PHE   A 1 167 ? 0.370   1.551   2.858   1.00 8.95  ? 173 PHE   B CA  1 
ATOM   1418 C C   . PHE   A 1 167 ? -0.394  2.760   3.381   1.00 9.54  ? 173 PHE   B C   1 
ATOM   1419 O O   . PHE   A 1 167 ? 0.213   3.737   3.814   1.00 9.55  ? 173 PHE   B O   1 
ATOM   1420 C CB  . PHE   A 1 167 ? 0.926   0.778   4.060   1.00 9.70  ? 173 PHE   B CB  1 
ATOM   1421 C CG  . PHE   A 1 167 ? 1.875   -0.340  3.684   1.00 9.22  ? 173 PHE   B CG  1 
ATOM   1422 C CD1 . PHE   A 1 167 ? 3.224   -0.088  3.491   1.00 9.48  ? 173 PHE   B CD1 1 
ATOM   1423 C CD2 . PHE   A 1 167 ? 1.443   -1.649  3.526   1.00 11.02 ? 173 PHE   B CD2 1 
ATOM   1424 C CE1 . PHE   A 1 167 ? 4.094   -1.083  3.075   1.00 9.47  ? 173 PHE   B CE1 1 
ATOM   1425 C CE2 . PHE   A 1 167 ? 2.316   -2.661  3.184   1.00 11.37 ? 173 PHE   B CE2 1 
ATOM   1426 C CZ  . PHE   A 1 167 ? 3.649   -2.375  2.971   1.00 11.13 ? 173 PHE   B CZ  1 
ATOM   1427 N N   . ASN   A 1 168 ? -1.705  2.610   3.495   1.00 9.48  ? 174 ASN   B N   1 
ATOM   1428 C CA  . ASN   A 1 168 ? -2.578  3.548   4.240   1.00 9.32  ? 174 ASN   B CA  1 
ATOM   1429 C C   . ASN   A 1 168 ? -3.528  2.702   5.063   1.00 8.91  ? 174 ASN   B C   1 
ATOM   1430 O O   . ASN   A 1 168 ? -4.303  1.923   4.493   1.00 9.65  ? 174 ASN   B O   1 
ATOM   1431 C CB  . ASN   A 1 168 ? -3.348  4.476   3.297   1.00 9.55  ? 174 ASN   B CB  1 
ATOM   1432 C CG  . ASN   A 1 168 ? -4.142  5.533   4.029   1.00 10.73 ? 174 ASN   B CG  1 
ATOM   1433 O OD1 . ASN   A 1 168 ? -4.192  5.589   5.249   1.00 11.47 ? 174 ASN   B OD1 1 
ATOM   1434 N ND2 . ASN   A 1 168 ? -4.753  6.427   3.287   1.00 12.53 ? 174 ASN   B ND2 1 
ATOM   1435 N N   . VAL   A 1 169 ? -3.459  2.808   6.403   1.00 9.03  ? 175 VAL   B N   1 
ATOM   1436 C CA  . VAL   A 1 169 ? -4.362  2.036   7.303   1.00 9.55  ? 175 VAL   B CA  1 
ATOM   1437 C C   . VAL   A 1 169 ? -5.767  2.644   7.319   1.00 9.50  ? 175 VAL   B C   1 
ATOM   1438 O O   . VAL   A 1 169 ? -6.671  1.976   7.885   1.00 10.47 ? 175 VAL   B O   1 
ATOM   1439 C CB  . VAL   A 1 169 ? -3.821  1.872   8.737   1.00 10.41 ? 175 VAL   B CB  1 
ATOM   1440 C CG1 . VAL   A 1 169 ? -2.502  1.143   8.775   1.00 11.45 ? 175 VAL   B CG1 1 
ATOM   1441 C CG2 . VAL   A 1 169 ? -3.698  3.218   9.439   1.00 10.46 ? 175 VAL   B CG2 1 
ATOM   1442 N N   . GLY   A 1 170 ? -5.934  3.862   6.789   1.00 10.08 ? 176 GLY   B N   1 
ATOM   1443 C CA  . GLY   A 1 170 ? -7.232  4.587   6.833   1.00 10.45 ? 176 GLY   B CA  1 
ATOM   1444 C C   . GLY   A 1 170 ? -7.552  5.162   8.192   1.00 10.87 ? 176 GLY   B C   1 
ATOM   1445 O O   . GLY   A 1 170 ? -6.945  4.840   9.211   1.00 10.81 ? 176 GLY   B O   1 
ATOM   1446 N N   . PHE   A 1 171 ? -8.444  6.147   8.148   1.00 11.92 ? 177 PHE   B N   1 
ATOM   1447 C CA  . PHE   A 1 171 ? -8.969  6.751   9.385   1.00 11.28 ? 177 PHE   B CA  1 
ATOM   1448 C C   . PHE   A 1 171 ? -9.882  5.774   10.098  1.00 10.94 ? 177 PHE   B C   1 
ATOM   1449 O O   . PHE   A 1 171 ? -10.289 4.756   9.532   1.00 10.75 ? 177 PHE   B O   1 
ATOM   1450 C CB  . PHE   A 1 171 ? -9.641  8.109   9.123   1.00 12.62 ? 177 PHE   B CB  1 
ATOM   1451 C CG  . PHE   A 1 171 ? -8.707  9.197   8.655   1.00 13.58 ? 177 PHE   B CG  1 
ATOM   1452 C CD1 . PHE   A 1 171 ? -7.899  9.872   9.553   1.00 17.41 ? 177 PHE   B CD1 1 
ATOM   1453 C CD2 . PHE   A 1 171 ? -8.649  9.529   7.319   1.00 15.21 ? 177 PHE   B CD2 1 
ATOM   1454 C CE1 . PHE   A 1 171 ? -7.019  10.857  9.102   1.00 17.33 ? 177 PHE   B CE1 1 
ATOM   1455 C CE2 . PHE   A 1 171 ? -7.778  10.530  6.888   1.00 16.52 ? 177 PHE   B CE2 1 
ATOM   1456 C CZ  . PHE   A 1 171 ? -7.026  11.202  7.786   1.00 16.88 ? 177 PHE   B CZ  1 
ATOM   1457 N N   . ASN   A 1 172 ? -10.182 6.108   11.336  1.00 11.39 ? 178 ASN   B N   1 
ATOM   1458 C CA  . ASN   A 1 172 ? -11.094 5.259   12.137  1.00 10.32 ? 178 ASN   B CA  1 
ATOM   1459 C C   . ASN   A 1 172 ? -12.131 6.196   12.773  1.00 10.71 ? 178 ASN   B C   1 
ATOM   1460 O O   . ASN   A 1 172 ? -12.414 6.085   13.989  1.00 12.75 ? 178 ASN   B O   1 
ATOM   1461 C CB  . ASN   A 1 172 ? -10.358 4.452   13.178  1.00 11.08 ? 178 ASN   B CB  1 
ATOM   1462 C CG  . ASN   A 1 172 ? -11.230 3.458   13.897  1.00 11.66 ? 178 ASN   B CG  1 
ATOM   1463 O OD1 . ASN   A 1 172 ? -12.232 2.978   13.375  1.00 11.61 ? 178 ASN   B OD1 1 
ATOM   1464 N ND2 . ASN   A 1 172 ? -10.835 3.137   15.119  1.00 13.11 ? 178 ASN   B ND2 1 
ATOM   1465 N N   . TYR   A 1 173 ? -12.800 6.995   11.982  1.00 11.44 ? 179 TYR   B N   1 
ATOM   1466 C CA  . TYR   A 1 173 ? -13.957 7.804   12.457  1.00 10.84 ? 179 TYR   B CA  1 
ATOM   1467 C C   . TYR   A 1 173 ? -15.113 6.905   12.879  1.00 11.70 ? 179 TYR   B C   1 
ATOM   1468 O O   . TYR   A 1 173 ? -15.908 7.294   13.792  1.00 12.79 ? 179 TYR   B O   1 
ATOM   1469 C CB  . TYR   A 1 173 ? -14.448 8.765   11.365  1.00 11.94 ? 179 TYR   B CB  1 
ATOM   1470 C CG  . TYR   A 1 173 ? -13.482 9.840   10.942  1.00 13.75 ? 179 TYR   B CG  1 
ATOM   1471 C CD1 . TYR   A 1 173 ? -13.247 10.954  11.733  1.00 17.63 ? 179 TYR   B CD1 1 
ATOM   1472 C CD2 . TYR   A 1 173 ? -12.840 9.756   9.720   1.00 15.31 ? 179 TYR   B CD2 1 
ATOM   1473 C CE1 . TYR   A 1 173 ? -12.300 11.904  11.362  1.00 18.53 ? 179 TYR   B CE1 1 
ATOM   1474 C CE2 . TYR   A 1 173 ? -11.913 10.728  9.331   1.00 16.33 ? 179 TYR   B CE2 1 
ATOM   1475 C CZ  . TYR   A 1 173 ? -11.649 11.782  10.156  1.00 18.06 ? 179 TYR   B CZ  1 
ATOM   1476 O OH  . TYR   A 1 173 ? -10.772 12.773  9.760   1.00 23.94 ? 179 TYR   B OH  1 
ATOM   1477 N N   . SER   A 1 174 ? -15.320 5.735   12.279  1.00 10.85 ? 180 SER   B N   1 
ATOM   1478 C CA  . SER   A 1 174 ? -16.493 4.853   12.475  1.00 12.23 ? 180 SER   B CA  1 
ATOM   1479 C C   . SER   A 1 174 ? -16.312 4.005   13.736  1.00 12.05 ? 180 SER   B C   1 
ATOM   1480 O O   . SER   A 1 174 ? -17.319 3.424   14.189  1.00 13.61 ? 180 SER   B O   1 
ATOM   1481 C CB  . SER   A 1 174 ? -16.702 3.927   11.322  1.00 12.09 ? 180 SER   B CB  1 
ATOM   1482 O OG  . SER   A 1 174 ? -15.558 3.056   11.228  1.00 12.26 ? 180 SER   B OG  1 
ATOM   1483 N N   . GLY   A 1 175 ? -15.104 3.838   14.262  1.00 10.93 ? 181 GLY   B N   1 
ATOM   1484 C CA  . GLY   A 1 175 ? -14.838 2.809   15.284  1.00 11.81 ? 181 GLY   B CA  1 
ATOM   1485 C C   . GLY   A 1 175 ? -14.825 1.393   14.755  1.00 12.64 ? 181 GLY   B C   1 
ATOM   1486 O O   . GLY   A 1 175 ? -14.653 0.466   15.543  1.00 14.18 ? 181 GLY   B O   1 
ATOM   1487 N N   . GLY   A 1 176 ? -14.938 1.184   13.434  1.00 11.08 ? 182 GLY   B N   1 
ATOM   1488 C CA  . GLY   A 1 176 ? -14.914 -0.142  12.806  1.00 11.30 ? 182 GLY   B CA  1 
ATOM   1489 C C   . GLY   A 1 176 ? -13.646 -0.400  11.982  1.00 11.84 ? 182 GLY   B C   1 
ATOM   1490 O O   . GLY   A 1 176 ? -13.595 -1.487  11.362  1.00 13.73 ? 182 GLY   B O   1 
ATOM   1491 N N   . ASN   A 1 177 ? -12.680 0.497   11.998  1.00 10.42 ? 183 ASN   B N   1 
ATOM   1492 C CA  . ASN   A 1 177 ? -11.480 0.376   11.142  1.00 10.23 ? 183 ASN   B CA  1 
ATOM   1493 C C   . ASN   A 1 177 ? -10.183 0.378   11.951  1.00 10.34 ? 183 ASN   B C   1 
ATOM   1494 O O   . ASN   A 1 177 ? -9.149  0.729   11.391  1.00 11.48 ? 183 ASN   B O   1 
ATOM   1495 C CB  . ASN   A 1 177 ? -11.454 1.468   10.071  1.00 10.29 ? 183 ASN   B CB  1 
ATOM   1496 C CG  . ASN   A 1 177 ? -10.522 1.111   8.916   1.00 10.37 ? 183 ASN   B CG  1 
ATOM   1497 O OD1 . ASN   A 1 177 ? -10.400 -0.060  8.570   1.00 10.60 ? 183 ASN   B OD1 1 
ATOM   1498 N ND2 . ASN   A 1 177 ? -9.816  2.111   8.426   1.00 10.33 ? 183 ASN   B ND2 1 
ATOM   1499 N N   . ALA   A 1 178 ? -10.185 -0.089  13.197  1.00 11.19 ? 184 ALA   B N   1 
ATOM   1500 C CA  . ALA   A 1 178 ? -8.965  -0.070  14.037  1.00 12.05 ? 184 ALA   B CA  1 
ATOM   1501 C C   . ALA   A 1 178 ? -7.980  -1.170  13.653  1.00 12.06 ? 184 ALA   B C   1 
ATOM   1502 O O   . ALA   A 1 178 ? -6.808  -1.057  14.031  1.00 13.82 ? 184 ALA   B O   1 
ATOM   1503 C CB  . ALA   A 1 178 ? -9.339  -0.258  15.519  1.00 12.90 ? 184 ALA   B CB  1 
ATOM   1504 N N   . ALA   A 1 179 ? -8.432  -2.201  12.965  1.00 11.54 ? 185 ALA   B N   1 
ATOM   1505 C CA  . ALA   A 1 179 ? -7.550  -3.379  12.720  1.00 11.83 ? 185 ALA   B CA  1 
ATOM   1506 C C   . ALA   A 1 179 ? -6.289  -2.972  11.934  1.00 11.41 ? 185 ALA   B C   1 
ATOM   1507 O O   . ALA   A 1 179 ? -6.280  -2.045  11.103  1.00 11.31 ? 185 ALA   B O   1 
ATOM   1508 C CB  . ALA   A 1 179 ? -8.295  -4.466  11.995  1.00 12.27 ? 185 ALA   B CB  1 
ATOM   1509 N N   . PRO   A 1 180 ? -5.180  -3.697  12.148  1.00 11.20 ? 186 PRO   B N   1 
ATOM   1510 C CA  . PRO   A 1 180 ? -3.924  -3.390  11.453  1.00 11.12 ? 186 PRO   B CA  1 
ATOM   1511 C C   . PRO   A 1 180 ? -3.874  -3.884  9.991   1.00 10.12 ? 186 PRO   B C   1 
ATOM   1512 O O   . PRO   A 1 180 ? -4.636  -4.754  9.601   1.00 11.10 ? 186 PRO   B O   1 
ATOM   1513 C CB  . PRO   A 1 180 ? -2.894  -4.197  12.286  1.00 12.51 ? 186 PRO   B CB  1 
ATOM   1514 C CG  . PRO   A 1 180 ? -3.667  -5.392  12.756  1.00 14.65 ? 186 PRO   B CG  1 
ATOM   1515 C CD  . PRO   A 1 180 ? -5.029  -4.790  13.134  1.00 13.72 ? 186 PRO   B CD  1 
ATOM   1516 N N   . LEU   A 1 181 ? -2.943  -3.306  9.238   1.00 10.52 ? 187 LEU   B N   1 
ATOM   1517 C CA  . LEU   A 1 181 ? -2.366  -3.958  8.043   1.00 10.64 ? 187 LEU   B CA  1 
ATOM   1518 C C   . LEU   A 1 181 ? -1.209  -4.822  8.511   1.00 10.66 ? 187 LEU   B C   1 
ATOM   1519 O O   . LEU   A 1 181 ? -0.388  -4.348  9.331   1.00 13.17 ? 187 LEU   B O   1 
ATOM   1520 C CB  . LEU   A 1 181 ? -1.912  -2.910  7.048   1.00 10.83 ? 187 LEU   B CB  1 
ATOM   1521 C CG  . LEU   A 1 181 ? -3.019  -2.054  6.414   1.00 11.42 ? 187 LEU   B CG  1 
ATOM   1522 C CD1 . LEU   A 1 181 ? -2.433  -0.947  5.553   1.00 12.64 ? 187 LEU   B CD1 1 
ATOM   1523 C CD2 . LEU   A 1 181 ? -3.968  -2.891  5.578   1.00 13.03 ? 187 LEU   B CD2 1 
ATOM   1524 N N   . LYS   A 1 182 ? -1.114  -6.041  7.998   1.00 10.93 ? 188 LYS   B N   1 
ATOM   1525 C CA  . LYS   A 1 182 ? -0.011  -6.958  8.397   1.00 11.82 ? 188 LYS   B CA  1 
ATOM   1526 C C   . LYS   A 1 182 ? 0.669   -7.481  7.147   1.00 11.92 ? 188 LYS   B C   1 
ATOM   1527 O O   . LYS   A 1 182 ? -0.019  -8.062  6.269   1.00 12.44 ? 188 LYS   B O   1 
ATOM   1528 C CB  . LYS   A 1 182 ? -0.497  -8.131  9.252   1.00 13.68 ? 188 LYS   B CB  1 
ATOM   1529 C CG  . LYS   A 1 182 ? -1.342  -7.796  10.462  1.00 17.20 ? 188 LYS   B CG  1 
ATOM   1530 C CD  . LYS   A 1 182 ? -1.648  -9.028  11.315  1.00 21.42 ? 188 LYS   B CD  1 
ATOM   1531 C CE  . LYS   A 1 182 ? -2.614  -8.784  12.447  1.00 25.43 ? 188 LYS   B CE  1 
ATOM   1532 N NZ  . LYS   A 1 182 ? -2.979  -10.078 13.086  1.00 31.56 ? 188 LYS   B NZ  1 
ATOM   1533 N N   . LEU   A 1 183 ? 1.979   -7.460  7.118   1.00 11.73 ? 189 LEU   B N   1 
ATOM   1534 C CA  . LEU   A 1 183 ? 2.756   -8.150  6.051   1.00 12.21 ? 189 LEU   B CA  1 
ATOM   1535 C C   . LEU   A 1 183 ? 2.766   -9.639  6.368   1.00 13.81 ? 189 LEU   B C   1 
ATOM   1536 O O   . LEU   A 1 183 ? 3.263   -10.005 7.469   1.00 17.00 ? 189 LEU   B O   1 
ATOM   1537 C CB  . LEU   A 1 183 ? 4.152   -7.524  5.955   1.00 12.65 ? 189 LEU   B CB  1 
ATOM   1538 C CG  . LEU   A 1 183 ? 4.136   -6.171  5.231   1.00 13.69 ? 189 LEU   B CG  1 
ATOM   1539 C CD1 . LEU   A 1 183 ? 5.270   -5.248  5.634   1.00 18.08 ? 189 LEU   B CD1 1 
ATOM   1540 C CD2 . LEU   A 1 183 ? 4.045   -6.362  3.701   1.00 12.57 ? 189 LEU   B CD2 1 
ATOM   1541 N N   . CYS   A 1 184 ? 2.288   -10.458 5.438   1.00 15.75 ? 190 CYS   B N   1 
ATOM   1542 C CA  . CYS   A 1 184 ? 2.095   -11.916 5.665   1.00 18.45 ? 190 CYS   B CA  1 
ATOM   1543 C C   . CYS   A 1 184 ? 3.396   -12.632 5.405   1.00 19.94 ? 190 CYS   B C   1 
ATOM   1544 O O   . CYS   A 1 184 ? 4.150   -12.272 4.522   1.00 20.93 ? 190 CYS   B O   1 
ATOM   1545 C CB  . CYS   A 1 184 ? 1.178   -12.544 4.639   1.00 20.77 ? 190 CYS   B CB  1 
ATOM   1546 S SG  . CYS   A 1 184 ? -0.362  -11.690 4.393   1.00 20.82 ? 190 CYS   B SG  1 
ATOM   1547 N N   . PRO   A 1 185 ? 3.656   -13.737 6.133   1.00 25.39 ? 191 PRO   B N   1 
ATOM   1548 C CA  . PRO   A 1 185 ? 4.891   -14.474 5.955   1.00 32.02 ? 191 PRO   B CA  1 
ATOM   1549 C C   . PRO   A 1 185 ? 4.908   -15.133 4.574   1.00 29.81 ? 191 PRO   B C   1 
ATOM   1550 O O   . PRO   A 1 185 ? 3.849   -15.523 4.075   1.00 31.23 ? 191 PRO   B O   1 
ATOM   1551 C CB  . PRO   A 1 185 ? 4.870   -15.452 7.145   1.00 29.50 ? 191 PRO   B CB  1 
ATOM   1552 C CG  . PRO   A 1 185 ? 3.420   -15.611 7.487   1.00 30.01 ? 191 PRO   B CG  1 
ATOM   1553 C CD  . PRO   A 1 185 ? 2.822   -14.243 7.238   1.00 27.86 ? 191 PRO   B CD  1 
ATOM   1554 N N   . LEU   A 1 186 ? 6.123   -15.197 4.028   1.00 36.16 ? 192 LEU   B N   1 
ATOM   1555 C CA  . LEU   A 1 186 ? 6.600   -15.993 2.869   1.00 38.49 ? 192 LEU   B CA  1 
ATOM   1556 C C   . LEU   A 1 186 ? 6.409   -17.485 3.145   1.00 43.69 ? 192 LEU   B C   1 
ATOM   1557 O O   . LEU   A 1 186 ? 6.139   -18.205 2.177   1.00 48.88 ? 192 LEU   B O   1 
ATOM   1558 C CB  . LEU   A 1 186 ? 8.089   -15.680 2.674   1.00 37.74 ? 192 LEU   B CB  1 
HETATM 1559 N N1  . A1BF1 B 2 .   ? -7.523  11.580  13.118  0.42 27.85 ? 201 A1BF1 B N1  1 
HETATM 1560 C C4  . A1BF1 B 2 .   ? -5.297  12.249  12.149  0.42 24.73 ? 201 A1BF1 B C4  1 
HETATM 1561 C C5  . A1BF1 B 2 .   ? -5.373  13.279  11.227  0.42 24.62 ? 201 A1BF1 B C5  1 
HETATM 1562 C C6  . A1BF1 B 2 .   ? -4.534  13.304  10.122  0.42 24.57 ? 201 A1BF1 B C6  1 
HETATM 1563 C C7  . A1BF1 B 2 .   ? -3.607  12.302  9.938   0.42 24.40 ? 201 A1BF1 B C7  1 
HETATM 1564 C C8  . A1BF1 B 2 .   ? -3.517  11.275  10.849  0.42 24.71 ? 201 A1BF1 B C8  1 
HETATM 1565 C C10 . A1BF1 B 2 .   ? -8.524  12.184  14.016  0.42 30.77 ? 201 A1BF1 B C10 1 
HETATM 1566 C C1  . A1BF1 B 2 .   ? -8.776  9.421   13.303  0.42 28.60 ? 201 A1BF1 B C1  1 
HETATM 1567 C C11 . A1BF1 B 2 .   ? -9.841  11.482  14.026  0.42 31.04 ? 201 A1BF1 B C11 1 
HETATM 1568 C C2  . A1BF1 B 2 .   ? -7.446  10.110  13.281  0.42 28.52 ? 201 A1BF1 B C2  1 
HETATM 1569 C C3  . A1BF1 B 2 .   ? -6.211  12.221  13.350  0.42 26.47 ? 201 A1BF1 B C3  1 
HETATM 1570 C C9  . A1BF1 B 2 .   ? -4.350  11.255  11.957  0.42 25.08 ? 201 A1BF1 B C9  1 
HETATM 1571 N N2  . A1BF1 B 2 .   ? -9.821  10.116  13.864  0.42 29.34 ? 201 A1BF1 B N2  1 
HETATM 1572 O O1  . A1BF1 B 2 .   ? -8.917  8.298   12.848  0.42 24.73 ? 201 A1BF1 B O1  1 
HETATM 1573 O O2  . A1BF1 B 2 .   ? -10.871 12.106  14.197  0.42 35.43 ? 201 A1BF1 B O2  1 
HETATM 1574 C C1  . EDO   C 3 .   ? -4.288  23.903  5.310   1.00 41.20 ? 202 EDO   B C1  1 
HETATM 1575 O O1  . EDO   C 3 .   ? -3.597  22.692  5.524   1.00 34.73 ? 202 EDO   B O1  1 
HETATM 1576 C C2  . EDO   C 3 .   ? -5.739  23.693  5.178   1.00 40.24 ? 202 EDO   B C2  1 
HETATM 1577 O O2  . EDO   C 3 .   ? -6.235  23.142  6.363   1.00 46.46 ? 202 EDO   B O2  1 
HETATM 1578 S S   . SO4   D 4 .   ? -4.072  16.445  -6.743  1.00 36.62 ? 203 SO4   B S   1 
HETATM 1579 O O1  . SO4   D 4 .   ? -3.063  15.883  -5.914  1.00 24.10 ? 203 SO4   B O1  1 
HETATM 1580 O O2  . SO4   D 4 .   ? -3.882  17.864  -6.844  1.00 43.72 ? 203 SO4   B O2  1 
HETATM 1581 O O3  . SO4   D 4 .   ? -3.960  15.838  -8.057  1.00 43.18 ? 203 SO4   B O3  1 
HETATM 1582 O O4  . SO4   D 4 .   ? -5.396  16.168  -6.218  1.00 40.00 ? 203 SO4   B O4  1 
HETATM 1583 O O   . HOH   E 5 .   ? -3.287  20.738  4.130   1.00 23.87 ? 301 HOH   B O   1 
HETATM 1584 O O   . HOH   E 5 .   ? 11.435  8.736   3.188   1.00 23.15 ? 302 HOH   B O   1 
HETATM 1585 O O   . HOH   E 5 .   ? -3.078  4.716   20.910  1.00 26.55 ? 303 HOH   B O   1 
HETATM 1586 O O   . HOH   E 5 .   ? 5.866   3.128   15.427  1.00 19.58 ? 304 HOH   B O   1 
HETATM 1587 O O   . HOH   E 5 .   ? -10.498 -5.384  15.928  1.00 23.83 ? 305 HOH   B O   1 
HETATM 1588 O O   . HOH   E 5 .   ? 8.637   16.740  2.830   1.00 26.75 ? 306 HOH   B O   1 
HETATM 1589 O O   . HOH   E 5 .   ? -5.810  0.596   15.957  1.00 18.67 ? 307 HOH   B O   1 
HETATM 1590 O O   . HOH   E 5 .   ? -2.693  4.966   -7.703  1.00 11.70 ? 308 HOH   B O   1 
HETATM 1591 O O   . HOH   E 5 .   ? -15.259 9.517   15.203  1.00 24.92 ? 309 HOH   B O   1 
HETATM 1592 O O   . HOH   E 5 .   ? -6.768  7.614   0.221   1.00 30.34 ? 310 HOH   B O   1 
HETATM 1593 O O   . HOH   E 5 .   ? -6.701  14.590  6.027   1.00 30.43 ? 311 HOH   B O   1 
HETATM 1594 O O   . HOH   E 5 .   ? -7.416  2.832   11.085  1.00 13.25 ? 312 HOH   B O   1 
HETATM 1595 O O   . HOH   E 5 .   ? 4.075   15.390  9.727   1.00 26.08 ? 313 HOH   B O   1 
HETATM 1596 O O   . HOH   E 5 .   ? -17.009 2.469   7.131   1.00 18.87 ? 314 HOH   B O   1 
HETATM 1597 O O   . HOH   E 5 .   ? 3.677   13.219  -5.367  1.00 18.34 ? 315 HOH   B O   1 
HETATM 1598 O O   . HOH   E 5 .   ? 4.248   7.036   14.078  1.00 17.70 ? 316 HOH   B O   1 
HETATM 1599 O O   . HOH   E 5 .   ? 0.114   14.345  3.695   1.00 13.46 ? 317 HOH   B O   1 
HETATM 1600 O O   . HOH   E 5 .   ? 5.445   15.220  15.799  1.00 20.66 ? 318 HOH   B O   1 
HETATM 1601 O O   . HOH   E 5 .   ? -6.130  16.637  4.315   1.00 34.51 ? 319 HOH   B O   1 
HETATM 1602 O O   . HOH   E 5 .   ? 11.000  10.817  17.717  1.00 34.50 ? 320 HOH   B O   1 
HETATM 1603 O O   . HOH   E 5 .   ? 4.974   14.554  13.140  1.00 25.32 ? 321 HOH   B O   1 
HETATM 1604 O O   . HOH   E 5 .   ? 9.609   7.306   14.243  1.00 25.87 ? 322 HOH   B O   1 
HETATM 1605 O O   . HOH   E 5 .   ? -11.170 -2.892  11.863  1.00 15.15 ? 323 HOH   B O   1 
HETATM 1606 O O   . HOH   E 5 .   ? 11.554  11.939  13.506  1.00 21.80 ? 324 HOH   B O   1 
HETATM 1607 O O   . HOH   E 5 .   ? -5.518  0.860   11.822  1.00 12.56 ? 325 HOH   B O   1 
HETATM 1608 O O   . HOH   E 5 .   ? -15.504 3.404   4.567   1.00 18.42 ? 326 HOH   B O   1 
HETATM 1609 O O   . HOH   E 5 .   ? -12.425 -1.294  14.779  1.00 15.69 ? 327 HOH   B O   1 
HETATM 1610 O O   . HOH   E 5 .   ? 1.141   -2.404  15.221  1.00 22.70 ? 328 HOH   B O   1 
HETATM 1611 O O   . HOH   E 5 .   ? -6.897  8.493   3.592   1.00 30.17 ? 329 HOH   B O   1 
HETATM 1612 O O   . HOH   E 5 .   ? -10.303 6.327   5.794   1.00 15.27 ? 330 HOH   B O   1 
HETATM 1613 O O   . HOH   E 5 .   ? -12.185 2.091   17.598  1.00 20.90 ? 331 HOH   B O   1 
HETATM 1614 O O   . HOH   E 5 .   ? -13.669 -3.994  14.786  1.00 32.82 ? 332 HOH   B O   1 
HETATM 1615 O O   . HOH   E 5 .   ? -0.598  -4.324  14.978  1.00 23.13 ? 333 HOH   B O   1 
HETATM 1616 O O   . HOH   E 5 .   ? 2.816   13.064  10.781  1.00 19.83 ? 334 HOH   B O   1 
HETATM 1617 O O   . HOH   E 5 .   ? -7.755  -5.734  15.667  1.00 40.77 ? 335 HOH   B O   1 
# 
